data_3W82
#
_entry.id   3W82
#
_cell.length_a   259.980
_cell.length_b   259.980
_cell.length_c   65.300
_cell.angle_alpha   90.00
_cell.angle_beta   90.00
_cell.angle_gamma   120.00
#
_symmetry.space_group_name_H-M   'H 3'
#
loop_
_entity.id
_entity.type
_entity.pdbx_description
1 polymer Alpha-L-iduronidase
2 branched alpha-D-mannopyranose-(1-2)-alpha-D-mannopyranose-(1-3)-[alpha-D-mannopyranose-(1-2)-alpha-D-mannopyranose-(1-6)]alpha-D-mannopyranose-(1-6)-[alpha-D-mannopyranose-(1-2)-alpha-D-mannopyranose-(1-3)]beta-D-mannopyranose-(1-4)-2-acetamido-2-deoxy-beta-D-glucopyranose-(1-4)-2-acetamido-2-deoxy-beta-D-glucopyranose
3 branched 2-acetamido-2-deoxy-beta-D-glucopyranose-(1-4)-2-acetamido-2-deoxy-beta-D-glucopyranose
4 branched alpha-D-mannopyranose-(1-2)-alpha-D-mannopyranose-(1-6)-[alpha-D-mannopyranose-(1-3)]alpha-D-mannopyranose-(1-6)-[alpha-D-mannopyranose-(1-2)-alpha-D-mannopyranose-(1-3)]beta-D-mannopyranose-(1-4)-2-acetamido-2-deoxy-beta-D-glucopyranose-(1-4)-2-acetamido-2-deoxy-beta-D-glucopyranose
5 branched alpha-L-fucopyranose-(1-6)-2-acetamido-2-deoxy-beta-D-glucopyranose
6 non-polymer 2-acetamido-2-deoxy-beta-D-glucopyranose
7 non-polymer 'alpha-L-idopyranuronic acid'
8 non-polymer 'PHOSPHATE ION'
9 non-polymer 'CHLORIDE ION'
10 non-polymer 'L(+)-TARTARIC ACID'
11 non-polymer 'PHOSPHITE ION'
12 water water
#
_entity_poly.entity_id   1
_entity_poly.type   'polypeptide(L)'
_entity_poly.pdbx_seq_one_letter_code
;EAPHLVHVDAARALWPLRRFWRSTGFCPPLPHSQADQYVLSWDQQLNLAYVGAVPHRGIKQVRTHWLLELVTTRGSTGRG
LSYNFTHLDGYLDLLRENQLLPGFELMGSASGHFTDFEDKQQVFEWKDLVSSLARRYIGRYGLAHVSKWNFETWNEPDHH
DFDNVSMTMQGFLNYYDACSEGLRAASPALRLGGPGDSFHTPPRSPLSWGLLRHCHDGTNFFTGEAGVRLDYISLHRKGA
RSSISILEQEKVVAQQIRQLFPKFADTPIYNDEADPLVGWSLPQPWRADVTYAAMVVKVIAQHQNLLLANTTSAFPYALL
SNDNAFLSYHPHPFAQRTLTARFQVNNTRPPHVQLLRKPVLTAMGLLALLDEEQLWAEVSQAGTVLDSNHTVGVLASAHR
PQGPADAWRAAVLIYASDDTRAHPNRSVAVTLRLRGVPPGPGLVYVTRYLDNGLCSPDGEWRRLGRPVFPTAEQFRRMRA
AEDPVAAAPRPLPAGGRLTLRPALRLPSLLLVHVCARPEKPPGQVTRLRALPLTQGQLVLVWSDEHVGSKCLWTYEIQFS
QDGKAYTPVSRKPSTFNLFVFSPDTGAVSGSYRVRALDYWARPGPFSDPVPYLEVPVPRGPPSPGNP
;
_entity_poly.pdbx_strand_id   A,B
#
loop_
_chem_comp.id
_chem_comp.type
_chem_comp.name
_chem_comp.formula
BMA D-saccharide, beta linking beta-D-mannopyranose 'C6 H12 O6'
CL non-polymer 'CHLORIDE ION' 'Cl -1'
FUC L-saccharide, alpha linking alpha-L-fucopyranose 'C6 H12 O5'
IDR L-saccharide, alpha linking 'alpha-L-idopyranuronic acid' 'C6 H10 O7'
MAN D-saccharide, alpha linking alpha-D-mannopyranose 'C6 H12 O6'
NAG D-saccharide, beta linking 2-acetamido-2-deoxy-beta-D-glucopyranose 'C8 H15 N O6'
PO3 non-polymer 'PHOSPHITE ION' 'O3 P -3'
PO4 non-polymer 'PHOSPHATE ION' 'O4 P -3'
TLA non-polymer 'L(+)-TARTARIC ACID' 'C4 H6 O6'
#
# COMPACT_ATOMS: atom_id res chain seq x y z
N GLU A 1 -17.76 -0.86 -48.60
CA GLU A 1 -16.31 -0.74 -48.27
C GLU A 1 -15.48 -1.34 -49.43
N ALA A 2 -14.73 -0.48 -50.12
CA ALA A 2 -13.78 -0.94 -51.13
C ALA A 2 -12.53 -1.46 -50.41
N PRO A 3 -12.00 -2.62 -50.84
CA PRO A 3 -10.89 -3.25 -50.12
C PRO A 3 -9.67 -2.35 -50.01
N HIS A 4 -8.84 -2.59 -49.00
CA HIS A 4 -7.58 -1.89 -48.87
C HIS A 4 -6.55 -2.67 -49.67
N LEU A 5 -6.04 -2.05 -50.74
CA LEU A 5 -5.00 -2.66 -51.53
C LEU A 5 -3.66 -2.34 -50.89
N VAL A 6 -2.78 -3.32 -50.87
CA VAL A 6 -1.42 -3.11 -50.43
C VAL A 6 -0.51 -3.73 -51.49
N HIS A 7 0.30 -2.90 -52.16
CA HIS A 7 1.27 -3.38 -53.15
C HIS A 7 2.64 -3.30 -52.56
N VAL A 8 3.45 -4.32 -52.80
CA VAL A 8 4.81 -4.37 -52.25
C VAL A 8 5.70 -4.94 -53.33
N ASP A 9 6.66 -4.14 -53.79
CA ASP A 9 7.62 -4.58 -54.80
C ASP A 9 8.93 -4.98 -54.13
N ALA A 10 9.19 -6.28 -54.07
CA ALA A 10 10.36 -6.82 -53.37
C ALA A 10 11.63 -6.68 -54.18
N ALA A 11 11.48 -6.22 -55.42
CA ALA A 11 12.63 -5.94 -56.28
C ALA A 11 13.31 -4.62 -55.92
N ARG A 12 12.50 -3.66 -55.45
CA ARG A 12 12.98 -2.29 -55.16
C ARG A 12 13.34 -2.06 -53.69
N ALA A 13 14.59 -2.33 -53.33
CA ALA A 13 15.11 -1.92 -52.04
C ALA A 13 15.44 -0.42 -52.09
N LEU A 14 14.62 0.41 -51.48
CA LEU A 14 14.73 1.86 -51.66
C LEU A 14 15.86 2.50 -50.86
N TRP A 15 15.98 2.16 -49.59
CA TRP A 15 17.00 2.74 -48.72
C TRP A 15 17.02 1.95 -47.43
N PRO A 16 18.08 2.12 -46.61
CA PRO A 16 18.16 1.26 -45.45
C PRO A 16 17.02 1.56 -44.49
N LEU A 17 16.59 0.50 -43.79
CA LEU A 17 15.63 0.60 -42.69
C LEU A 17 16.37 0.47 -41.35
N ARG A 18 16.19 1.47 -40.48
CA ARG A 18 16.83 1.47 -39.18
C ARG A 18 15.84 1.07 -38.09
N ARG A 19 16.30 0.24 -37.16
CA ARG A 19 15.48 -0.19 -36.06
C ARG A 19 15.57 0.82 -34.91
N PHE A 20 15.03 2.00 -35.15
CA PHE A 20 15.17 3.16 -34.28
C PHE A 20 14.23 3.15 -33.06
N TRP A 21 13.41 2.12 -32.95
CA TRP A 21 12.40 2.08 -31.90
C TRP A 21 12.75 1.15 -30.74
N ARG A 22 13.91 0.50 -30.79
CA ARG A 22 14.20 -0.61 -29.87
C ARG A 22 14.62 -0.15 -28.47
N SER A 23 13.70 0.55 -27.80
CA SER A 23 13.93 1.07 -26.45
C SER A 23 12.68 1.05 -25.61
N THR A 24 12.87 0.79 -24.31
CA THR A 24 11.83 0.95 -23.30
C THR A 24 12.43 1.70 -22.09
N GLY A 25 11.62 1.86 -21.05
CA GLY A 25 12.03 2.63 -19.88
C GLY A 25 10.98 2.71 -18.81
N PHE A 26 11.39 3.14 -17.61
CA PHE A 26 10.54 3.17 -16.44
C PHE A 26 11.15 4.02 -15.32
N CYS A 27 10.42 4.10 -14.20
CA CYS A 27 10.79 4.95 -13.09
C CYS A 27 10.46 4.26 -11.77
N PRO A 28 11.45 4.12 -10.88
CA PRO A 28 11.11 3.51 -9.60
C PRO A 28 10.10 4.38 -8.86
N PRO A 29 9.33 3.76 -7.95
CA PRO A 29 8.36 4.48 -7.12
C PRO A 29 9.04 5.16 -5.94
N LEU A 30 8.25 5.62 -4.98
CA LEU A 30 8.76 6.23 -3.75
C LEU A 30 9.00 5.19 -2.66
N PRO A 31 9.98 5.43 -1.77
CA PRO A 31 10.97 6.51 -1.83
C PRO A 31 12.12 6.19 -2.79
N HIS A 32 12.63 7.21 -3.48
CA HIS A 32 13.63 7.01 -4.53
C HIS A 32 14.91 6.38 -4.02
N SER A 33 15.21 6.56 -2.73
CA SER A 33 16.42 5.99 -2.12
C SER A 33 16.33 4.48 -1.98
N GLN A 34 15.11 3.95 -2.04
CA GLN A 34 14.89 2.52 -1.96
C GLN A 34 14.66 1.93 -3.36
N ALA A 35 15.07 2.67 -4.38
CA ALA A 35 14.90 2.22 -5.75
C ALA A 35 15.47 0.82 -5.95
N ASP A 36 16.54 0.49 -5.22
CA ASP A 36 17.20 -0.81 -5.35
C ASP A 36 16.30 -2.00 -4.99
N GLN A 37 15.31 -1.78 -4.13
CA GLN A 37 14.36 -2.83 -3.76
C GLN A 37 13.34 -3.13 -4.87
N TYR A 38 12.96 -2.10 -5.61
CA TYR A 38 12.09 -2.23 -6.77
C TYR A 38 12.85 -2.79 -7.95
N VAL A 39 14.06 -2.30 -8.12
CA VAL A 39 14.92 -2.61 -9.25
C VAL A 39 15.62 -3.97 -9.20
N LEU A 40 16.02 -4.44 -8.02
CA LEU A 40 16.60 -5.78 -7.90
C LEU A 40 15.58 -6.82 -7.42
N SER A 41 14.31 -6.41 -7.35
CA SER A 41 13.24 -7.32 -6.95
C SER A 41 13.09 -8.46 -7.91
N TRP A 42 12.56 -9.57 -7.42
CA TRP A 42 12.36 -10.73 -8.26
C TRP A 42 11.42 -10.38 -9.40
N ASP A 43 10.51 -9.42 -9.14
CA ASP A 43 9.56 -8.94 -10.15
C ASP A 43 10.29 -8.34 -11.35
N GLN A 44 11.17 -7.39 -11.07
CA GLN A 44 11.95 -6.74 -12.15
C GLN A 44 12.86 -7.73 -12.87
N GLN A 45 13.43 -8.66 -12.12
CA GLN A 45 14.21 -9.73 -12.73
C GLN A 45 13.40 -10.47 -13.79
N LEU A 46 12.15 -10.83 -13.46
CA LEU A 46 11.28 -11.43 -14.46
C LEU A 46 10.93 -10.42 -15.54
N ASN A 47 10.65 -9.18 -15.15
CA ASN A 47 10.29 -8.17 -16.11
C ASN A 47 11.35 -7.96 -17.18
N LEU A 48 12.62 -7.91 -16.79
CA LEU A 48 13.70 -7.70 -17.75
C LEU A 48 14.06 -8.97 -18.57
N ALA A 49 13.80 -10.14 -18.00
CA ALA A 49 13.86 -11.34 -18.79
C ALA A 49 12.88 -11.21 -19.96
N TYR A 50 11.63 -10.86 -19.66
CA TYR A 50 10.62 -10.66 -20.70
C TYR A 50 11.04 -9.59 -21.70
N VAL A 51 11.60 -8.49 -21.22
CA VAL A 51 12.04 -7.42 -22.13
C VAL A 51 13.13 -7.93 -23.08
N GLY A 52 14.09 -8.67 -22.54
CA GLY A 52 15.27 -9.16 -23.30
C GLY A 52 15.01 -10.44 -24.09
N ALA A 53 13.84 -11.04 -23.89
CA ALA A 53 13.46 -12.26 -24.58
C ALA A 53 12.81 -11.96 -25.92
N VAL A 54 12.65 -10.69 -26.27
CA VAL A 54 12.15 -10.34 -27.59
C VAL A 54 13.22 -10.80 -28.54
N PRO A 55 12.82 -11.47 -29.62
CA PRO A 55 13.82 -12.01 -30.56
C PRO A 55 14.66 -10.93 -31.24
N HIS A 56 15.88 -11.31 -31.63
CA HIS A 56 16.74 -10.48 -32.46
C HIS A 56 16.95 -9.08 -31.88
N ARG A 57 17.24 -9.03 -30.59
CA ARG A 57 17.50 -7.78 -29.89
C ARG A 57 16.46 -6.70 -30.23
N GLY A 58 15.19 -7.10 -30.22
CA GLY A 58 14.10 -6.21 -30.59
C GLY A 58 13.92 -5.06 -29.62
N ILE A 59 14.30 -5.30 -28.37
CA ILE A 59 14.41 -4.25 -27.37
C ILE A 59 15.85 -4.23 -26.83
N LYS A 60 16.48 -3.06 -26.91
CA LYS A 60 17.90 -2.91 -26.66
C LYS A 60 18.21 -2.22 -25.34
N GLN A 61 17.65 -1.02 -25.16
CA GLN A 61 17.95 -0.27 -23.97
C GLN A 61 16.74 -0.09 -23.07
N VAL A 62 17.03 0.15 -21.81
CA VAL A 62 16.04 0.38 -20.80
C VAL A 62 16.43 1.65 -20.06
N ARG A 63 15.76 2.75 -20.44
CA ARG A 63 16.00 4.07 -19.86
C ARG A 63 15.47 4.07 -18.44
N THR A 64 16.32 4.37 -17.48
CA THR A 64 15.99 4.11 -16.08
C THR A 64 16.22 5.36 -15.22
N HIS A 65 15.15 5.85 -14.57
CA HIS A 65 15.22 7.02 -13.68
C HIS A 65 15.90 6.68 -12.35
N TRP A 66 16.42 7.72 -11.68
CA TRP A 66 17.00 7.60 -10.34
C TRP A 66 18.08 6.52 -10.21
N LEU A 67 18.88 6.34 -11.26
CA LEU A 67 19.94 5.35 -11.22
C LEU A 67 20.93 5.64 -10.10
N LEU A 68 21.26 6.92 -9.91
CA LEU A 68 22.24 7.34 -8.91
C LEU A 68 21.65 7.42 -7.52
N GLU A 69 20.50 6.79 -7.33
CA GLU A 69 20.03 6.51 -5.98
C GLU A 69 20.40 5.08 -5.64
N LEU A 70 21.16 4.41 -6.51
CA LEU A 70 21.71 3.08 -6.22
C LEU A 70 23.11 3.19 -5.65
N VAL A 71 23.66 4.39 -5.74
CA VAL A 71 24.95 4.66 -5.17
C VAL A 71 24.75 5.23 -3.77
N THR A 72 25.32 4.56 -2.76
CA THR A 72 25.38 5.10 -1.40
C THR A 72 26.73 5.74 -1.21
N THR A 73 26.88 6.51 -0.13
CA THR A 73 28.14 7.17 0.21
C THR A 73 28.55 6.93 1.66
N ARG A 74 29.75 7.40 1.99
CA ARG A 74 30.25 7.44 3.36
C ARG A 74 31.15 8.69 3.57
N GLY A 75 31.53 8.95 4.81
CA GLY A 75 32.36 10.12 5.11
C GLY A 75 31.66 11.38 4.66
N SER A 76 32.42 12.37 4.21
CA SER A 76 31.85 13.63 3.73
C SER A 76 32.85 14.45 2.90
N THR A 77 32.45 15.66 2.51
CA THR A 77 33.27 16.53 1.65
C THR A 77 34.69 16.72 2.21
N GLY A 78 34.79 17.25 3.43
CA GLY A 78 36.09 17.50 4.04
C GLY A 78 36.74 16.25 4.60
N ARG A 79 35.93 15.33 5.11
CA ARG A 79 36.41 14.13 5.79
C ARG A 79 37.04 13.13 4.81
N GLY A 80 36.42 12.98 3.64
CA GLY A 80 36.84 11.97 2.65
C GLY A 80 35.68 11.16 2.09
N LEU A 81 35.19 11.58 0.94
CA LEU A 81 34.01 11.00 0.31
C LEU A 81 34.29 9.65 -0.36
N SER A 82 33.49 8.64 -0.03
CA SER A 82 33.63 7.31 -0.63
C SER A 82 32.27 6.80 -1.09
N TYR A 83 32.21 6.24 -2.29
CA TYR A 83 30.97 5.72 -2.86
C TYR A 83 30.85 4.19 -2.79
N ASN A 84 29.61 3.73 -2.61
CA ASN A 84 29.29 2.32 -2.63
C ASN A 84 28.39 2.04 -3.83
N PHE A 85 28.91 1.28 -4.78
CA PHE A 85 28.25 1.02 -6.06
C PHE A 85 27.52 -0.33 -6.12
N THR A 86 27.36 -0.99 -4.98
CA THR A 86 26.97 -2.40 -5.01
C THR A 86 25.58 -2.60 -5.60
N HIS A 87 24.64 -1.73 -5.25
CA HIS A 87 23.28 -1.83 -5.80
C HIS A 87 23.25 -1.47 -7.28
N LEU A 88 24.10 -0.54 -7.70
CA LEU A 88 24.15 -0.17 -9.10
C LEU A 88 24.78 -1.27 -9.95
N ASP A 89 25.78 -1.96 -9.41
CA ASP A 89 26.36 -3.12 -10.06
C ASP A 89 25.28 -4.19 -10.25
N GLY A 90 24.45 -4.38 -9.23
CA GLY A 90 23.36 -5.33 -9.31
C GLY A 90 22.44 -5.10 -10.49
N TYR A 91 21.99 -3.84 -10.68
CA TYR A 91 21.05 -3.51 -11.75
C TYR A 91 21.71 -3.54 -13.13
N LEU A 92 22.95 -3.04 -13.21
CA LEU A 92 23.66 -3.07 -14.48
C LEU A 92 24.10 -4.49 -14.90
N ASP A 93 24.37 -5.38 -13.94
CA ASP A 93 24.66 -6.78 -14.28
C ASP A 93 23.39 -7.48 -14.76
N LEU A 94 22.26 -7.06 -14.19
CA LEU A 94 20.98 -7.62 -14.55
C LEU A 94 20.63 -7.25 -15.99
N LEU A 95 20.90 -6.03 -16.39
CA LEU A 95 20.69 -5.66 -17.77
C LEU A 95 21.63 -6.47 -18.64
N ARG A 96 22.88 -6.57 -18.23
CA ARG A 96 23.89 -7.31 -18.99
C ARG A 96 23.48 -8.77 -19.15
N GLU A 97 22.98 -9.37 -18.07
CA GLU A 97 22.56 -10.74 -18.09
C GLU A 97 21.41 -10.96 -19.11
N ASN A 98 20.63 -9.92 -19.36
CA ASN A 98 19.55 -10.00 -20.33
C ASN A 98 19.91 -9.27 -21.62
N GLN A 99 21.19 -9.16 -21.92
CA GLN A 99 21.64 -8.52 -23.17
C GLN A 99 20.95 -7.17 -23.43
N LEU A 100 20.84 -6.36 -22.38
CA LEU A 100 20.19 -5.06 -22.45
C LEU A 100 21.15 -3.99 -21.98
N LEU A 101 20.96 -2.78 -22.50
CA LEU A 101 21.80 -1.64 -22.13
C LEU A 101 21.00 -0.70 -21.23
N PRO A 102 21.69 0.06 -20.37
CA PRO A 102 20.99 1.13 -19.66
C PRO A 102 20.89 2.41 -20.48
N GLY A 103 19.73 3.05 -20.44
CA GLY A 103 19.62 4.43 -20.86
C GLY A 103 20.02 5.22 -19.64
N PHE A 104 21.32 5.45 -19.49
CA PHE A 104 21.90 5.92 -18.24
C PHE A 104 21.63 7.40 -17.99
N GLU A 105 20.48 7.68 -17.40
CA GLU A 105 20.15 9.01 -16.96
C GLU A 105 20.94 9.29 -15.69
N LEU A 106 21.82 10.27 -15.77
CA LEU A 106 22.64 10.65 -14.62
C LEU A 106 21.81 11.37 -13.57
N MET A 107 21.01 10.59 -12.84
CA MET A 107 19.89 11.09 -12.08
C MET A 107 19.85 10.51 -10.66
N GLY A 108 19.95 11.41 -9.67
CA GLY A 108 19.87 11.01 -8.27
C GLY A 108 20.72 11.93 -7.41
N SER A 109 20.84 11.58 -6.14
CA SER A 109 21.58 12.40 -5.17
C SER A 109 22.64 11.62 -4.39
N ALA A 110 23.00 10.42 -4.86
CA ALA A 110 23.88 9.54 -4.10
C ALA A 110 23.42 9.46 -2.64
N SER A 111 22.15 9.11 -2.47
CA SER A 111 21.53 8.87 -1.16
C SER A 111 21.74 10.05 -0.19
N GLY A 112 21.51 11.26 -0.70
CA GLY A 112 21.47 12.45 0.13
C GLY A 112 22.56 13.45 -0.20
N HIS A 113 23.77 12.96 -0.41
CA HIS A 113 24.95 13.82 -0.48
C HIS A 113 24.79 15.05 -1.39
N PHE A 114 24.24 14.85 -2.58
CA PHE A 114 24.11 15.96 -3.51
C PHE A 114 22.78 16.67 -3.27
N THR A 115 22.89 17.97 -3.04
CA THR A 115 21.78 18.79 -2.58
C THR A 115 21.66 20.14 -3.30
N ASP A 116 22.73 20.58 -3.95
CA ASP A 116 22.73 21.91 -4.56
C ASP A 116 23.81 22.04 -5.62
N PHE A 117 23.39 22.23 -6.86
CA PHE A 117 24.31 22.35 -8.01
C PHE A 117 24.70 23.79 -8.29
N GLU A 118 24.50 24.67 -7.30
CA GLU A 118 25.13 25.98 -7.29
C GLU A 118 26.35 25.97 -6.37
N ASP A 119 26.34 25.09 -5.39
CA ASP A 119 27.53 24.81 -4.59
C ASP A 119 28.61 24.16 -5.45
N LYS A 120 29.73 24.84 -5.62
CA LYS A 120 30.82 24.36 -6.48
C LYS A 120 31.62 23.20 -5.84
N GLN A 121 31.63 23.10 -4.52
CA GLN A 121 32.16 21.90 -3.86
C GLN A 121 31.54 20.66 -4.46
N GLN A 122 30.22 20.70 -4.64
CA GLN A 122 29.45 19.56 -5.11
C GLN A 122 29.58 19.36 -6.62
N VAL A 123 29.59 20.44 -7.39
CA VAL A 123 29.74 20.34 -8.84
C VAL A 123 31.01 19.54 -9.19
N PHE A 124 32.11 19.77 -8.48
CA PHE A 124 33.34 18.99 -8.65
C PHE A 124 33.21 17.53 -8.18
N GLU A 125 32.55 17.32 -7.04
CA GLU A 125 32.38 15.97 -6.53
C GLU A 125 31.57 15.12 -7.50
N TRP A 126 30.68 15.78 -8.25
CA TRP A 126 29.84 15.13 -9.23
C TRP A 126 30.66 14.73 -10.45
N LYS A 127 31.54 15.61 -10.88
CA LYS A 127 32.40 15.32 -12.01
C LYS A 127 33.15 14.02 -11.76
N ASP A 128 33.74 13.92 -10.57
CA ASP A 128 34.57 12.77 -10.19
C ASP A 128 33.73 11.51 -9.94
N LEU A 129 32.48 11.72 -9.54
CA LEU A 129 31.56 10.61 -9.37
C LEU A 129 31.27 10.01 -10.75
N VAL A 130 30.86 10.86 -11.68
CA VAL A 130 30.60 10.41 -13.05
C VAL A 130 31.83 9.71 -13.65
N SER A 131 33.00 10.29 -13.42
CA SER A 131 34.24 9.72 -13.94
C SER A 131 34.54 8.38 -13.29
N SER A 132 34.31 8.29 -11.98
CA SER A 132 34.48 7.03 -11.27
C SER A 132 33.57 5.96 -11.87
N LEU A 133 32.26 6.23 -11.90
CA LEU A 133 31.29 5.35 -12.57
C LEU A 133 31.83 4.84 -13.89
N ALA A 134 32.05 5.76 -14.83
CA ALA A 134 32.39 5.37 -16.18
C ALA A 134 33.57 4.41 -16.16
N ARG A 135 34.62 4.80 -15.44
CA ARG A 135 35.85 4.00 -15.41
C ARG A 135 35.59 2.63 -14.83
N ARG A 136 34.76 2.57 -13.79
CA ARG A 136 34.41 1.30 -13.14
C ARG A 136 33.67 0.33 -14.05
N TYR A 137 32.78 0.85 -14.89
CA TYR A 137 31.97 0.01 -15.77
C TYR A 137 32.60 -0.18 -17.12
N ILE A 138 33.60 0.64 -17.40
CA ILE A 138 34.48 0.39 -18.53
C ILE A 138 35.36 -0.81 -18.21
N GLY A 139 35.90 -0.84 -16.99
CA GLY A 139 36.70 -1.96 -16.53
C GLY A 139 35.88 -3.22 -16.37
N ARG A 140 34.60 -3.05 -16.07
CA ARG A 140 33.73 -4.18 -15.81
C ARG A 140 33.22 -4.82 -17.11
N TYR A 141 32.76 -3.97 -18.04
CA TYR A 141 32.09 -4.43 -19.26
C TYR A 141 32.89 -4.20 -20.54
N GLY A 142 34.00 -3.48 -20.44
CA GLY A 142 34.77 -3.11 -21.63
C GLY A 142 34.28 -1.80 -22.23
N LEU A 143 35.22 -1.02 -22.75
CA LEU A 143 34.90 0.28 -23.33
C LEU A 143 33.95 0.18 -24.51
N ALA A 144 34.05 -0.92 -25.25
CA ALA A 144 33.20 -1.16 -26.41
C ALA A 144 31.74 -1.20 -26.00
N HIS A 145 31.47 -1.80 -24.85
CA HIS A 145 30.11 -1.93 -24.41
C HIS A 145 29.65 -0.57 -23.92
N VAL A 146 30.43 0.04 -23.04
CA VAL A 146 29.98 1.26 -22.40
C VAL A 146 29.80 2.39 -23.40
N SER A 147 30.56 2.36 -24.49
CA SER A 147 30.45 3.39 -25.54
C SER A 147 29.14 3.28 -26.33
N LYS A 148 28.45 2.16 -26.21
CA LYS A 148 27.10 2.06 -26.77
C LYS A 148 26.05 2.80 -25.92
N TRP A 149 26.25 2.88 -24.61
CA TRP A 149 25.22 3.43 -23.71
C TRP A 149 24.84 4.88 -24.05
N ASN A 150 23.58 5.20 -23.86
CA ASN A 150 23.12 6.57 -23.94
C ASN A 150 23.12 7.22 -22.56
N PHE A 151 24.22 7.87 -22.17
CA PHE A 151 24.21 8.68 -20.96
C PHE A 151 23.30 9.86 -21.16
N GLU A 152 22.51 10.19 -20.15
CA GLU A 152 21.53 11.25 -20.30
C GLU A 152 21.43 12.14 -19.08
N THR A 153 20.87 13.32 -19.23
CA THR A 153 20.73 14.26 -18.13
C THR A 153 19.58 13.83 -17.26
N TRP A 154 19.39 14.56 -16.16
CA TRP A 154 18.25 14.40 -15.28
C TRP A 154 16.97 14.47 -16.11
N ASN A 155 15.98 13.67 -15.74
CA ASN A 155 14.72 13.56 -16.48
C ASN A 155 13.91 14.83 -16.40
N GLU A 156 13.29 15.21 -17.51
CA GLU A 156 12.37 16.34 -17.53
C GLU A 156 12.75 17.38 -16.50
N PRO A 157 13.78 18.19 -16.82
CA PRO A 157 14.25 19.22 -15.89
C PRO A 157 13.22 20.32 -15.65
N ASP A 158 12.39 20.60 -16.66
CA ASP A 158 11.35 21.63 -16.54
C ASP A 158 10.06 21.14 -15.85
N HIS A 159 10.09 19.92 -15.31
CA HIS A 159 9.00 19.42 -14.47
C HIS A 159 9.40 19.39 -12.98
N HIS A 160 10.60 19.90 -12.68
CA HIS A 160 11.06 20.10 -11.31
C HIS A 160 11.08 18.83 -10.44
N ASP A 161 11.28 17.68 -11.07
CA ASP A 161 11.31 16.38 -10.37
C ASP A 161 12.71 16.10 -9.85
N PHE A 162 13.19 16.97 -8.97
CA PHE A 162 14.55 16.89 -8.49
C PHE A 162 14.62 16.38 -7.06
N ASP A 163 13.46 16.11 -6.49
CA ASP A 163 13.36 15.74 -5.07
C ASP A 163 13.83 16.91 -4.21
N ASN A 164 14.89 16.69 -3.43
CA ASN A 164 15.35 17.70 -2.47
C ASN A 164 16.67 18.37 -2.91
N VAL A 165 16.84 18.50 -4.22
CA VAL A 165 18.08 18.99 -4.82
C VAL A 165 17.85 20.33 -5.50
N SER A 166 18.62 21.34 -5.12
CA SER A 166 18.45 22.67 -5.68
C SER A 166 19.04 22.73 -7.07
N MET A 167 18.18 22.63 -8.08
CA MET A 167 18.66 22.69 -9.45
C MET A 167 18.07 23.93 -10.15
N THR A 168 18.84 25.02 -10.11
CA THR A 168 18.43 26.27 -10.75
C THR A 168 18.77 26.24 -12.24
N MET A 169 18.18 27.18 -12.98
CA MET A 169 18.46 27.34 -14.41
C MET A 169 19.96 27.33 -14.68
N GLN A 170 20.73 27.94 -13.79
CA GLN A 170 22.19 27.99 -13.92
C GLN A 170 22.86 26.75 -13.31
N GLY A 171 22.40 26.34 -12.13
CA GLY A 171 22.92 25.13 -11.50
C GLY A 171 22.77 23.91 -12.39
N PHE A 172 21.68 23.85 -13.16
CA PHE A 172 21.47 22.76 -14.10
C PHE A 172 22.55 22.76 -15.19
N LEU A 173 22.95 23.93 -15.64
CA LEU A 173 23.97 24.04 -16.67
C LEU A 173 25.33 23.63 -16.13
N ASN A 174 25.55 23.93 -14.86
CA ASN A 174 26.73 23.46 -14.14
C ASN A 174 26.72 21.93 -14.05
N TYR A 175 25.59 21.39 -13.61
CA TYR A 175 25.43 19.94 -13.50
C TYR A 175 25.77 19.24 -14.82
N TYR A 176 25.29 19.80 -15.92
CA TYR A 176 25.57 19.23 -17.24
C TYR A 176 27.06 19.18 -17.51
N ASP A 177 27.72 20.29 -17.24
CA ASP A 177 29.15 20.42 -17.48
C ASP A 177 29.94 19.36 -16.70
N ALA A 178 29.51 19.11 -15.46
CA ALA A 178 30.11 18.08 -14.62
C ALA A 178 29.94 16.72 -15.29
N CYS A 179 28.73 16.42 -15.75
CA CYS A 179 28.47 15.17 -16.46
C CYS A 179 29.31 15.03 -17.73
N SER A 180 29.33 16.07 -18.55
CA SER A 180 30.03 16.08 -19.85
C SER A 180 31.52 15.89 -19.67
N GLU A 181 32.08 16.57 -18.68
CA GLU A 181 33.50 16.49 -18.39
C GLU A 181 33.80 15.24 -17.57
N GLY A 182 32.84 14.82 -16.76
CA GLY A 182 33.00 13.61 -15.94
C GLY A 182 33.16 12.38 -16.81
N LEU A 183 32.42 12.34 -17.91
CA LEU A 183 32.54 11.26 -18.87
C LEU A 183 33.79 11.44 -19.72
N ARG A 184 33.99 12.66 -20.19
CA ARG A 184 35.19 13.02 -20.94
C ARG A 184 36.43 12.48 -20.24
N ALA A 185 36.52 12.70 -18.93
CA ALA A 185 37.68 12.30 -18.12
C ALA A 185 37.99 10.80 -18.16
N ALA A 186 36.94 10.00 -18.26
CA ALA A 186 37.08 8.55 -18.39
C ALA A 186 37.40 8.18 -19.82
N SER A 187 36.67 8.76 -20.76
CA SER A 187 36.89 8.50 -22.19
C SER A 187 36.16 9.52 -23.08
N PRO A 188 36.81 9.93 -24.18
CA PRO A 188 36.17 10.85 -25.12
C PRO A 188 35.20 10.12 -26.03
N ALA A 189 35.10 8.80 -25.85
CA ALA A 189 34.29 7.96 -26.71
C ALA A 189 32.86 7.74 -26.19
N LEU A 190 32.60 8.13 -24.94
CA LEU A 190 31.27 8.00 -24.38
C LEU A 190 30.29 9.07 -24.90
N ARG A 191 29.01 8.79 -24.81
CA ARG A 191 27.99 9.58 -25.49
C ARG A 191 27.05 10.22 -24.46
N LEU A 192 26.80 11.52 -24.60
CA LEU A 192 25.92 12.25 -23.66
C LEU A 192 24.94 13.18 -24.38
N GLY A 193 23.67 13.08 -23.97
CA GLY A 193 22.59 13.90 -24.54
C GLY A 193 21.60 14.37 -23.48
N GLY A 194 20.64 15.18 -23.93
CA GLY A 194 19.62 15.76 -23.06
C GLY A 194 18.75 16.74 -23.86
N PRO A 195 17.83 17.45 -23.18
CA PRO A 195 17.59 17.47 -21.75
C PRO A 195 16.57 16.43 -21.33
N GLY A 196 15.72 16.02 -22.26
CA GLY A 196 14.65 15.08 -21.96
C GLY A 196 13.45 15.82 -21.43
N ASP A 197 12.88 16.68 -22.27
CA ASP A 197 11.67 17.42 -21.92
C ASP A 197 10.95 17.92 -23.18
N SER A 198 9.90 18.71 -22.98
CA SER A 198 8.93 19.00 -24.03
C SER A 198 9.37 20.04 -25.05
N PHE A 199 10.30 20.91 -24.67
CA PHE A 199 10.66 22.01 -25.55
C PHE A 199 9.41 22.75 -26.03
N HIS A 200 8.60 23.20 -25.09
CA HIS A 200 7.47 24.04 -25.42
C HIS A 200 7.99 25.39 -25.90
N THR A 201 7.19 26.08 -26.70
CA THR A 201 7.51 27.41 -27.22
C THR A 201 7.71 28.41 -26.08
N PRO A 202 8.79 29.22 -26.13
CA PRO A 202 9.21 30.07 -25.00
C PRO A 202 8.10 31.01 -24.52
N PRO A 203 8.16 31.42 -23.24
CA PRO A 203 9.22 31.11 -22.27
C PRO A 203 9.02 29.76 -21.55
N ARG A 204 8.10 28.92 -22.06
CA ARG A 204 7.91 27.59 -21.52
C ARG A 204 9.16 26.76 -21.76
N SER A 205 9.37 25.73 -20.93
CA SER A 205 10.55 24.88 -21.02
C SER A 205 11.82 25.72 -21.03
N PRO A 206 12.08 26.44 -19.92
CA PRO A 206 13.25 27.30 -19.82
C PRO A 206 14.58 26.55 -19.88
N LEU A 207 14.70 25.48 -19.09
CA LEU A 207 15.95 24.72 -18.99
C LEU A 207 16.25 23.89 -20.23
N SER A 208 15.24 23.57 -21.02
CA SER A 208 15.46 22.80 -22.22
C SER A 208 16.07 23.69 -23.30
N TRP A 209 15.52 24.89 -23.46
CA TRP A 209 16.06 25.84 -24.43
C TRP A 209 17.39 26.42 -23.92
N GLY A 210 17.51 26.54 -22.60
CA GLY A 210 18.73 27.09 -22.01
C GLY A 210 19.94 26.23 -22.31
N LEU A 211 19.77 24.92 -22.12
CA LEU A 211 20.84 23.96 -22.30
C LEU A 211 21.33 23.93 -23.74
N LEU A 212 20.40 24.07 -24.68
CA LEU A 212 20.79 24.11 -26.10
C LEU A 212 21.63 25.34 -26.37
N ARG A 213 21.19 26.48 -25.83
CA ARG A 213 21.92 27.73 -25.96
C ARG A 213 23.31 27.61 -25.31
N HIS A 214 23.36 26.98 -24.14
CA HIS A 214 24.61 26.76 -23.41
C HIS A 214 25.60 25.94 -24.22
N CYS A 215 25.21 24.75 -24.64
CA CYS A 215 26.11 23.87 -25.39
C CYS A 215 26.49 24.46 -26.74
N HIS A 216 25.62 25.30 -27.27
CA HIS A 216 25.82 25.92 -28.57
C HIS A 216 26.79 27.11 -28.51
N ASP A 217 26.59 27.99 -27.51
CA ASP A 217 27.32 29.27 -27.44
C ASP A 217 27.98 29.57 -26.08
N GLY A 218 27.40 29.07 -25.00
CA GLY A 218 27.88 29.37 -23.65
C GLY A 218 29.23 28.79 -23.30
N THR A 219 29.62 28.95 -22.04
CA THR A 219 30.97 28.58 -21.59
C THR A 219 30.97 27.30 -20.77
N ASN A 220 31.95 26.44 -21.03
CA ASN A 220 32.19 25.28 -20.18
C ASN A 220 32.61 25.72 -18.77
N PHE A 221 31.89 25.23 -17.77
CA PHE A 221 32.16 25.55 -16.37
C PHE A 221 33.56 25.11 -15.94
N PHE A 222 34.13 24.12 -16.62
CA PHE A 222 35.43 23.57 -16.25
C PHE A 222 36.54 24.10 -17.12
N THR A 223 36.56 23.71 -18.39
CA THR A 223 37.64 24.13 -19.29
C THR A 223 37.57 25.62 -19.67
N GLY A 224 36.37 26.19 -19.72
CA GLY A 224 36.20 27.58 -20.15
C GLY A 224 36.09 27.68 -21.66
N GLU A 225 35.82 26.56 -22.31
CA GLU A 225 35.76 26.47 -23.76
C GLU A 225 34.46 27.06 -24.32
N ALA A 226 34.47 27.37 -25.62
CA ALA A 226 33.27 27.86 -26.31
C ALA A 226 32.39 26.67 -26.72
N GLY A 227 31.20 26.58 -26.12
CA GLY A 227 30.28 25.48 -26.40
C GLY A 227 30.66 24.20 -25.66
N VAL A 228 29.70 23.28 -25.58
CA VAL A 228 29.89 22.01 -24.85
C VAL A 228 29.32 20.85 -25.64
N ARG A 229 29.97 19.68 -25.53
CA ARG A 229 29.48 18.45 -26.13
C ARG A 229 27.96 18.33 -26.01
N LEU A 230 27.31 18.01 -27.12
CA LEU A 230 25.89 17.63 -27.10
C LEU A 230 25.68 16.58 -28.19
N ASP A 231 25.82 15.32 -27.81
CA ASP A 231 25.85 14.24 -28.78
C ASP A 231 24.46 14.00 -29.35
N TYR A 232 23.45 14.19 -28.52
CA TYR A 232 22.08 14.09 -28.98
C TYR A 232 21.14 14.99 -28.19
N ILE A 233 20.01 15.30 -28.83
CA ILE A 233 18.97 16.08 -28.18
C ILE A 233 17.77 15.17 -27.92
N SER A 234 17.38 15.04 -26.65
CA SER A 234 16.23 14.22 -26.32
C SER A 234 15.02 15.10 -25.92
N LEU A 235 13.87 14.80 -26.52
CA LEU A 235 12.61 15.42 -26.14
C LEU A 235 11.58 14.35 -25.76
N HIS A 236 10.58 14.76 -25.00
CA HIS A 236 9.40 13.94 -24.74
C HIS A 236 8.17 14.61 -25.36
N ARG A 237 7.54 13.92 -26.29
CA ARG A 237 6.28 14.40 -26.84
C ARG A 237 5.34 13.20 -26.93
N LYS A 238 4.15 13.37 -26.38
CA LYS A 238 3.18 12.32 -26.31
C LYS A 238 1.93 12.71 -27.09
N GLY A 239 1.11 11.72 -27.44
CA GLY A 239 0.10 11.89 -28.46
C GLY A 239 -1.22 12.48 -28.04
N ALA A 240 -1.52 12.42 -26.74
CA ALA A 240 -2.84 12.79 -26.25
C ALA A 240 -3.90 11.97 -26.99
N ARG A 241 -3.60 10.68 -27.15
CA ARG A 241 -4.41 9.70 -27.90
C ARG A 241 -4.35 9.76 -29.45
N SER A 242 -3.59 10.71 -29.99
CA SER A 242 -3.44 10.81 -31.44
C SER A 242 -2.05 10.32 -31.81
N SER A 243 -1.98 9.37 -32.73
CA SER A 243 -0.68 8.87 -33.17
C SER A 243 0.08 9.90 -34.02
N ILE A 244 -0.58 10.55 -34.97
CA ILE A 244 0.11 11.48 -35.85
C ILE A 244 0.57 12.76 -35.13
N SER A 245 -0.12 13.14 -34.08
CA SER A 245 0.26 14.38 -33.38
C SER A 245 1.61 14.24 -32.67
N ILE A 246 2.07 13.02 -32.40
CA ILE A 246 3.42 12.82 -31.87
C ILE A 246 4.40 13.38 -32.91
N LEU A 247 4.30 12.84 -34.11
CA LEU A 247 5.14 13.24 -35.21
C LEU A 247 4.98 14.73 -35.51
N GLU A 248 3.74 15.23 -35.45
CA GLU A 248 3.50 16.65 -35.75
C GLU A 248 4.17 17.57 -34.74
N GLN A 249 4.12 17.20 -33.47
CA GLN A 249 4.80 17.96 -32.42
C GLN A 249 6.33 17.93 -32.60
N GLU A 250 6.88 16.76 -32.93
CA GLU A 250 8.33 16.62 -33.16
C GLU A 250 8.85 17.50 -34.30
N LYS A 251 8.09 17.62 -35.38
CA LYS A 251 8.51 18.49 -36.50
C LYS A 251 8.58 19.95 -36.06
N VAL A 252 7.65 20.36 -35.20
CA VAL A 252 7.60 21.74 -34.76
C VAL A 252 8.85 22.04 -33.99
N VAL A 253 9.14 21.20 -33.00
CA VAL A 253 10.34 21.37 -32.17
C VAL A 253 11.60 21.34 -33.05
N ALA A 254 11.77 20.27 -33.82
CA ALA A 254 12.91 20.08 -34.71
C ALA A 254 13.18 21.32 -35.55
N GLN A 255 12.11 21.87 -36.14
CA GLN A 255 12.21 23.05 -36.99
C GLN A 255 12.75 24.26 -36.23
N GLN A 256 12.34 24.38 -34.98
CA GLN A 256 12.85 25.45 -34.12
C GLN A 256 14.34 25.23 -33.83
N ILE A 257 14.74 24.00 -33.52
CA ILE A 257 16.15 23.67 -33.27
C ILE A 257 17.00 23.97 -34.51
N ARG A 258 16.53 23.58 -35.68
CA ARG A 258 17.24 23.79 -36.93
C ARG A 258 17.51 25.29 -37.21
N GLN A 259 16.58 26.15 -36.81
CA GLN A 259 16.68 27.60 -37.05
C GLN A 259 17.48 28.35 -36.01
N LEU A 260 17.23 28.06 -34.74
CA LEU A 260 17.89 28.76 -33.65
C LEU A 260 19.31 28.28 -33.37
N PHE A 261 19.66 27.10 -33.89
CA PHE A 261 20.98 26.51 -33.61
C PHE A 261 21.54 25.83 -34.83
N PRO A 262 22.17 26.61 -35.73
CA PRO A 262 22.65 26.04 -36.97
C PRO A 262 23.65 24.88 -36.78
N LYS A 263 24.44 24.92 -35.71
CA LYS A 263 25.46 23.90 -35.47
C LYS A 263 24.83 22.56 -35.15
N PHE A 264 23.65 22.59 -34.53
CA PHE A 264 22.95 21.37 -34.15
C PHE A 264 22.15 20.75 -35.31
N ALA A 265 22.16 21.41 -36.46
CA ALA A 265 21.45 20.91 -37.65
C ALA A 265 21.53 19.39 -37.83
N ASP A 266 22.69 18.79 -37.57
CA ASP A 266 22.87 17.36 -37.81
C ASP A 266 22.86 16.56 -36.51
N THR A 267 22.68 17.25 -35.39
CA THR A 267 22.59 16.62 -34.07
C THR A 267 21.39 15.68 -33.94
N PRO A 268 21.65 14.39 -33.66
CA PRO A 268 20.57 13.41 -33.53
C PRO A 268 19.49 13.85 -32.55
N ILE A 269 18.23 13.59 -32.91
CA ILE A 269 17.10 13.85 -32.03
C ILE A 269 16.45 12.53 -31.60
N TYR A 270 16.17 12.43 -30.30
CA TYR A 270 15.46 11.31 -29.74
C TYR A 270 14.11 11.80 -29.24
N ASN A 271 13.10 10.95 -29.28
CA ASN A 271 11.90 11.13 -28.48
C ASN A 271 11.83 9.95 -27.51
N ASP A 272 12.52 10.04 -26.37
CA ASP A 272 12.71 8.86 -25.52
C ASP A 272 11.56 8.64 -24.52
N GLU A 273 10.45 9.34 -24.76
CA GLU A 273 9.16 8.96 -24.16
C GLU A 273 8.03 9.23 -25.14
N ALA A 274 8.09 8.60 -26.31
CA ALA A 274 7.13 8.85 -27.38
C ALA A 274 5.80 8.10 -27.19
N ASP A 275 5.14 8.29 -26.05
CA ASP A 275 3.94 7.53 -25.71
C ASP A 275 2.63 8.10 -26.27
N PRO A 276 1.65 7.22 -26.55
CA PRO A 276 0.33 7.65 -26.98
C PRO A 276 -0.36 8.60 -26.00
N LEU A 277 -0.31 8.27 -24.71
CA LEU A 277 -0.92 9.10 -23.68
C LEU A 277 -0.07 9.20 -22.42
N VAL A 278 0.15 10.43 -21.96
CA VAL A 278 0.88 10.69 -20.73
C VAL A 278 0.14 10.11 -19.53
N GLY A 279 0.87 9.55 -18.59
CA GLY A 279 0.29 8.99 -17.37
C GLY A 279 0.24 7.48 -17.45
N TRP A 280 1.37 6.82 -17.18
CA TRP A 280 1.49 5.38 -17.40
C TRP A 280 0.57 4.55 -16.51
N SER A 281 0.25 5.09 -15.33
CA SER A 281 -0.53 4.36 -14.31
C SER A 281 -2.05 4.48 -14.51
N LEU A 282 -2.46 5.42 -15.36
CA LEU A 282 -3.88 5.62 -15.66
C LEU A 282 -4.48 4.38 -16.31
N PRO A 283 -5.55 3.84 -15.72
CA PRO A 283 -6.24 2.71 -16.35
C PRO A 283 -6.84 3.11 -17.69
N GLN A 284 -6.49 2.35 -18.72
CA GLN A 284 -7.06 2.52 -20.03
C GLN A 284 -7.22 1.11 -20.60
N PRO A 285 -8.46 0.72 -20.93
CA PRO A 285 -8.64 -0.63 -21.46
C PRO A 285 -7.84 -0.89 -22.75
N TRP A 286 -7.70 0.12 -23.61
CA TRP A 286 -6.94 -0.05 -24.85
C TRP A 286 -5.46 -0.31 -24.61
N ARG A 287 -4.97 -0.06 -23.40
CA ARG A 287 -3.56 -0.35 -23.11
C ARG A 287 -3.33 -1.82 -22.89
N ALA A 288 -4.40 -2.60 -22.79
CA ALA A 288 -4.30 -3.96 -22.28
C ALA A 288 -4.24 -5.01 -23.38
N ASP A 289 -4.61 -4.60 -24.60
CA ASP A 289 -4.79 -5.58 -25.68
C ASP A 289 -4.05 -5.14 -26.94
N VAL A 290 -4.51 -5.60 -28.09
CA VAL A 290 -3.83 -5.30 -29.34
C VAL A 290 -3.97 -3.84 -29.70
N THR A 291 -5.01 -3.15 -29.21
CA THR A 291 -5.26 -1.75 -29.59
C THR A 291 -4.03 -0.90 -29.39
N TYR A 292 -3.32 -1.15 -28.29
CA TYR A 292 -2.04 -0.51 -27.97
C TYR A 292 -0.89 -1.04 -28.85
N ALA A 293 -0.81 -2.36 -28.99
CA ALA A 293 0.23 -2.95 -29.82
C ALA A 293 0.22 -2.30 -31.20
N ALA A 294 -0.94 -2.29 -31.84
CA ALA A 294 -1.07 -1.81 -33.22
C ALA A 294 -0.81 -0.34 -33.32
N MET A 295 -1.28 0.43 -32.35
CA MET A 295 -1.03 1.86 -32.36
C MET A 295 0.47 2.16 -32.24
N VAL A 296 1.20 1.32 -31.49
CA VAL A 296 2.67 1.45 -31.38
C VAL A 296 3.30 1.27 -32.76
N VAL A 297 3.02 0.14 -33.40
CA VAL A 297 3.43 -0.10 -34.79
C VAL A 297 3.03 1.05 -35.72
N LYS A 298 1.81 1.54 -35.58
CA LYS A 298 1.31 2.61 -36.46
C LYS A 298 2.14 3.87 -36.32
N VAL A 299 2.52 4.18 -35.08
CA VAL A 299 3.38 5.32 -34.82
C VAL A 299 4.75 5.14 -35.51
N ILE A 300 5.35 3.98 -35.32
CA ILE A 300 6.63 3.69 -35.93
C ILE A 300 6.51 3.74 -37.44
N ALA A 301 5.45 3.15 -37.97
CA ALA A 301 5.18 3.22 -39.41
C ALA A 301 5.16 4.65 -39.93
N GLN A 302 4.50 5.55 -39.20
CA GLN A 302 4.45 6.97 -39.62
C GLN A 302 5.82 7.62 -39.59
N HIS A 303 6.57 7.34 -38.52
CA HIS A 303 7.90 7.91 -38.36
C HIS A 303 8.84 7.49 -39.49
N GLN A 304 8.72 6.25 -39.92
CA GLN A 304 9.55 5.73 -41.02
C GLN A 304 9.10 6.30 -42.37
N ASN A 305 7.83 6.14 -42.71
CA ASN A 305 7.33 6.57 -44.02
C ASN A 305 7.07 8.07 -44.19
N LEU A 306 6.90 8.83 -43.11
CA LEU A 306 6.63 10.26 -43.24
C LEU A 306 7.75 11.17 -42.73
N LEU A 307 8.75 10.58 -42.08
CA LEU A 307 9.83 11.38 -41.54
C LEU A 307 11.17 10.86 -42.05
N LEU A 308 11.54 9.65 -41.66
CA LEU A 308 12.87 9.14 -41.97
C LEU A 308 13.07 8.85 -43.45
N ALA A 309 12.20 8.04 -44.03
CA ALA A 309 12.40 7.51 -45.38
C ALA A 309 12.77 8.60 -46.36
N ASN A 310 11.84 9.50 -46.58
CA ASN A 310 11.99 10.47 -47.65
C ASN A 310 11.26 11.75 -47.27
N THR A 311 12.00 12.85 -47.18
CA THR A 311 11.41 14.12 -46.76
C THR A 311 12.26 15.28 -47.25
N THR A 312 11.61 16.43 -47.42
CA THR A 312 12.30 17.68 -47.74
C THR A 312 13.12 18.17 -46.54
N SER A 313 12.49 18.21 -45.36
CA SER A 313 13.18 18.57 -44.13
C SER A 313 14.31 17.57 -43.77
N ALA A 314 13.97 16.28 -43.81
CA ALA A 314 14.92 15.22 -43.52
C ALA A 314 15.58 15.42 -42.15
N PHE A 315 14.77 15.67 -41.12
CA PHE A 315 15.26 15.89 -39.75
C PHE A 315 16.04 14.68 -39.23
N PRO A 316 16.95 14.92 -38.29
CA PRO A 316 17.86 13.86 -37.87
C PRO A 316 17.31 13.02 -36.73
N TYR A 317 16.12 12.48 -36.90
CA TYR A 317 15.50 11.62 -35.88
C TYR A 317 16.26 10.31 -35.79
N ALA A 318 16.63 9.88 -34.59
CA ALA A 318 17.48 8.68 -34.45
C ALA A 318 16.93 7.59 -33.54
N LEU A 319 16.12 7.96 -32.55
CA LEU A 319 15.58 6.98 -31.59
C LEU A 319 14.14 7.33 -31.26
N LEU A 320 13.34 6.29 -31.00
CA LEU A 320 12.00 6.42 -30.43
C LEU A 320 11.84 5.38 -29.32
N SER A 321 11.45 5.83 -28.13
CA SER A 321 11.21 4.90 -27.04
C SER A 321 9.82 5.05 -26.48
N ASN A 322 9.08 3.95 -26.45
CA ASN A 322 7.84 3.88 -25.70
C ASN A 322 8.18 3.54 -24.25
N ASP A 323 7.82 4.43 -23.32
CA ASP A 323 8.26 4.34 -21.92
C ASP A 323 7.32 3.41 -21.16
N ASN A 324 7.54 2.10 -21.27
CA ASN A 324 6.52 1.14 -20.83
C ASN A 324 7.06 -0.15 -20.22
N ALA A 325 8.17 -0.07 -19.51
CA ALA A 325 8.71 -1.22 -18.79
C ALA A 325 8.30 -1.19 -17.32
N PHE A 326 7.32 -0.35 -16.98
CA PHE A 326 6.77 -0.28 -15.63
C PHE A 326 6.13 -1.59 -15.19
N LEU A 327 6.26 -1.95 -13.92
CA LEU A 327 5.51 -3.05 -13.34
C LEU A 327 4.14 -2.52 -12.95
N SER A 328 3.10 -3.29 -13.24
CA SER A 328 1.71 -2.87 -13.01
C SER A 328 1.28 -3.16 -11.58
N TYR A 329 0.18 -2.50 -11.18
CA TYR A 329 -0.30 -2.55 -9.81
C TYR A 329 -1.76 -2.98 -9.81
N HIS A 330 -2.13 -3.81 -8.83
CA HIS A 330 -3.53 -4.12 -8.55
C HIS A 330 -4.22 -2.79 -8.27
N PRO A 331 -5.48 -2.65 -8.74
CA PRO A 331 -6.26 -3.64 -9.45
C PRO A 331 -6.34 -3.42 -10.97
N HIS A 332 -5.21 -3.09 -11.61
CA HIS A 332 -5.17 -2.88 -13.07
C HIS A 332 -3.94 -3.54 -13.67
N PRO A 333 -3.83 -4.87 -13.54
CA PRO A 333 -2.64 -5.53 -14.10
C PRO A 333 -2.42 -5.22 -15.60
N PHE A 334 -3.49 -5.24 -16.40
CA PHE A 334 -3.36 -5.15 -17.86
C PHE A 334 -3.57 -3.73 -18.43
N ALA A 335 -4.35 -2.91 -17.73
CA ALA A 335 -4.83 -1.64 -18.28
C ALA A 335 -3.84 -0.48 -18.15
N GLN A 336 -2.66 -0.72 -17.58
CA GLN A 336 -1.64 0.34 -17.48
C GLN A 336 -0.67 0.28 -18.66
N ARG A 337 0.15 1.31 -18.83
CA ARG A 337 1.07 1.35 -19.96
C ARG A 337 2.34 0.56 -19.63
N THR A 338 2.23 -0.75 -19.80
CA THR A 338 3.29 -1.68 -19.48
C THR A 338 3.45 -2.74 -20.58
N LEU A 339 4.64 -3.32 -20.64
CA LEU A 339 4.89 -4.40 -21.58
C LEU A 339 4.40 -5.72 -20.98
N THR A 340 4.34 -5.80 -19.65
CA THR A 340 3.88 -7.01 -18.99
C THR A 340 2.82 -6.73 -17.93
N ALA A 341 1.96 -7.72 -17.72
CA ALA A 341 0.91 -7.64 -16.72
C ALA A 341 1.37 -8.39 -15.47
N ARG A 342 1.51 -7.66 -14.36
CA ARG A 342 2.00 -8.29 -13.15
C ARG A 342 0.85 -8.90 -12.37
N PHE A 343 1.08 -10.11 -11.86
CA PHE A 343 0.17 -10.72 -10.91
C PHE A 343 0.94 -11.09 -9.67
N GLN A 344 0.63 -10.41 -8.58
CA GLN A 344 1.16 -10.74 -7.27
C GLN A 344 0.23 -11.77 -6.68
N VAL A 345 0.63 -13.02 -6.83
CA VAL A 345 -0.16 -14.15 -6.35
C VAL A 345 0.19 -14.37 -4.88
N ASN A 346 -0.52 -13.66 -4.01
CA ASN A 346 -0.18 -13.65 -2.59
C ASN A 346 -0.63 -14.88 -1.83
N ASN A 347 -1.63 -15.58 -2.37
CA ASN A 347 -2.23 -16.72 -1.67
C ASN A 347 -1.47 -18.05 -1.80
N THR A 348 -0.17 -17.99 -1.98
CA THR A 348 0.66 -19.21 -2.00
C THR A 348 1.64 -19.09 -0.85
N ARG A 349 2.15 -20.21 -0.34
CA ARG A 349 3.25 -20.16 0.64
C ARG A 349 4.55 -20.71 0.08
N PRO A 350 5.54 -19.84 -0.19
CA PRO A 350 5.46 -18.39 -0.04
C PRO A 350 4.68 -17.74 -1.17
N PRO A 351 4.34 -16.45 -1.03
CA PRO A 351 3.72 -15.74 -2.14
C PRO A 351 4.69 -15.59 -3.30
N HIS A 352 4.20 -15.48 -4.52
CA HIS A 352 5.08 -15.39 -5.69
C HIS A 352 4.52 -14.42 -6.71
N VAL A 353 5.33 -14.12 -7.72
CA VAL A 353 4.91 -13.21 -8.79
C VAL A 353 4.86 -13.94 -10.13
N GLN A 354 3.91 -13.52 -10.98
CA GLN A 354 3.77 -14.04 -12.33
C GLN A 354 3.63 -12.86 -13.26
N LEU A 355 4.26 -12.94 -14.42
CA LEU A 355 4.07 -11.91 -15.45
C LEU A 355 3.45 -12.52 -16.69
N LEU A 356 2.53 -11.79 -17.30
CA LEU A 356 1.99 -12.20 -18.60
C LEU A 356 2.50 -11.26 -19.66
N ARG A 357 2.94 -11.82 -20.79
CA ARG A 357 3.34 -11.02 -21.95
C ARG A 357 2.15 -10.37 -22.63
N LYS A 358 2.10 -9.05 -22.66
CA LYS A 358 1.00 -8.33 -23.33
C LYS A 358 1.26 -8.17 -24.85
N PRO A 359 0.20 -7.88 -25.62
CA PRO A 359 0.34 -7.78 -27.07
C PRO A 359 1.33 -6.72 -27.51
N VAL A 360 1.42 -5.63 -26.78
CA VAL A 360 2.35 -4.60 -27.18
C VAL A 360 3.76 -5.18 -27.22
N LEU A 361 4.12 -6.00 -26.21
CA LEU A 361 5.44 -6.64 -26.13
C LEU A 361 5.66 -7.66 -27.26
N THR A 362 4.67 -8.51 -27.51
CA THR A 362 4.69 -9.39 -28.67
C THR A 362 4.84 -8.64 -30.00
N ALA A 363 4.19 -7.48 -30.11
CA ALA A 363 4.20 -6.69 -31.36
C ALA A 363 5.60 -6.21 -31.65
N MET A 364 6.38 -6.04 -30.59
CA MET A 364 7.78 -5.65 -30.70
C MET A 364 8.60 -6.80 -31.27
N GLY A 365 8.07 -8.01 -31.16
CA GLY A 365 8.70 -9.20 -31.74
C GLY A 365 8.46 -9.28 -33.23
N LEU A 366 7.38 -8.65 -33.69
CA LEU A 366 7.03 -8.62 -35.11
C LEU A 366 7.84 -7.55 -35.79
N LEU A 367 7.98 -6.40 -35.13
CA LEU A 367 8.87 -5.35 -35.62
C LEU A 367 10.31 -5.85 -35.72
N ALA A 368 10.72 -6.73 -34.78
CA ALA A 368 12.08 -7.26 -34.73
C ALA A 368 12.46 -8.05 -35.97
N LEU A 369 11.46 -8.64 -36.63
CA LEU A 369 11.67 -9.39 -37.88
C LEU A 369 11.91 -8.49 -39.11
N LEU A 370 11.79 -7.18 -38.93
CA LEU A 370 12.10 -6.25 -40.02
C LEU A 370 13.59 -6.26 -40.25
N ASP A 371 13.98 -6.24 -41.52
CA ASP A 371 15.38 -6.30 -41.94
C ASP A 371 15.91 -4.92 -42.30
N GLU A 372 17.09 -4.86 -42.89
CA GLU A 372 17.82 -3.61 -43.02
C GLU A 372 17.51 -2.78 -44.25
N GLU A 373 16.66 -3.28 -45.14
CA GLU A 373 16.28 -2.53 -46.34
C GLU A 373 14.78 -2.32 -46.46
N GLN A 374 14.35 -1.07 -46.62
CA GLN A 374 12.93 -0.73 -46.78
C GLN A 374 12.45 -0.91 -48.21
N LEU A 375 11.31 -1.57 -48.35
CA LEU A 375 10.74 -1.88 -49.66
C LEU A 375 9.62 -0.91 -50.03
N TRP A 376 9.52 -0.61 -51.33
CA TRP A 376 8.46 0.24 -51.86
C TRP A 376 7.15 -0.40 -51.55
N ALA A 377 6.25 0.35 -50.96
CA ALA A 377 4.91 -0.15 -50.69
C ALA A 377 3.90 0.97 -50.89
N GLU A 378 2.71 0.60 -51.34
CA GLU A 378 1.64 1.55 -51.54
C GLU A 378 0.34 1.01 -51.00
N VAL A 379 -0.24 1.71 -50.03
CA VAL A 379 -1.55 1.36 -49.54
C VAL A 379 -2.54 2.30 -50.19
N SER A 380 -3.60 1.72 -50.75
CA SER A 380 -4.64 2.50 -51.41
C SER A 380 -6.03 1.93 -51.18
N GLN A 381 -7.01 2.82 -51.08
CA GLN A 381 -8.43 2.46 -51.04
C GLN A 381 -9.18 3.20 -52.12
N ALA A 382 -10.18 2.53 -52.69
CA ALA A 382 -10.80 3.00 -53.92
C ALA A 382 -9.65 3.17 -54.91
N GLY A 383 -9.53 4.34 -55.52
CA GLY A 383 -8.36 4.63 -56.34
C GLY A 383 -7.29 5.39 -55.58
N THR A 384 -7.61 5.84 -54.36
CA THR A 384 -6.77 6.82 -53.69
C THR A 384 -5.66 6.21 -52.85
N VAL A 385 -4.47 6.79 -52.94
CA VAL A 385 -3.31 6.33 -52.18
C VAL A 385 -3.40 6.89 -50.77
N LEU A 386 -3.21 6.02 -49.79
CA LEU A 386 -3.22 6.40 -48.38
C LEU A 386 -1.80 6.31 -47.87
N ASP A 387 -1.37 7.34 -47.15
CA ASP A 387 -0.11 7.27 -46.40
C ASP A 387 -0.34 6.65 -45.01
N SER A 388 0.69 6.61 -44.17
CA SER A 388 0.57 5.98 -42.87
C SER A 388 -0.36 6.76 -41.93
N ASN A 389 -0.62 8.02 -42.27
CA ASN A 389 -1.60 8.86 -41.56
C ASN A 389 -3.04 8.43 -41.84
N HIS A 390 -3.29 7.12 -41.68
CA HIS A 390 -4.61 6.51 -41.89
C HIS A 390 -4.68 5.24 -41.05
N THR A 391 -5.87 4.64 -40.92
CA THR A 391 -6.05 3.54 -39.99
C THR A 391 -5.36 2.24 -40.41
N VAL A 392 -4.98 2.15 -41.68
CA VAL A 392 -4.30 0.98 -42.17
C VAL A 392 -3.06 1.43 -42.92
N GLY A 393 -1.93 0.79 -42.61
CA GLY A 393 -0.68 1.11 -43.27
C GLY A 393 0.27 -0.06 -43.21
N VAL A 394 1.50 0.15 -43.65
CA VAL A 394 2.42 -0.96 -43.79
C VAL A 394 3.91 -0.57 -43.81
N LEU A 395 4.73 -1.50 -43.32
CA LEU A 395 6.19 -1.43 -43.41
C LEU A 395 6.66 -2.75 -43.97
N ALA A 396 7.58 -2.68 -44.92
CA ALA A 396 8.08 -3.88 -45.58
C ALA A 396 9.58 -3.79 -45.74
N SER A 397 10.27 -4.88 -45.47
CA SER A 397 11.72 -4.87 -45.57
C SER A 397 12.21 -6.05 -46.38
N ALA A 398 13.44 -5.92 -46.84
CA ALA A 398 14.15 -7.02 -47.46
C ALA A 398 15.48 -7.25 -46.73
N HIS A 399 16.00 -8.46 -46.85
CA HIS A 399 17.31 -8.77 -46.30
C HIS A 399 18.23 -9.21 -47.42
N ARG A 400 19.31 -8.46 -47.61
CA ARG A 400 20.41 -8.86 -48.50
C ARG A 400 21.28 -9.84 -47.71
N PRO A 401 21.37 -11.09 -48.17
CA PRO A 401 22.06 -12.11 -47.39
C PRO A 401 23.56 -12.09 -47.63
N GLN A 402 24.29 -12.91 -46.88
CA GLN A 402 25.74 -12.96 -47.02
C GLN A 402 26.24 -14.39 -46.91
N GLY A 403 26.21 -14.92 -45.68
CA GLY A 403 26.73 -16.26 -45.41
C GLY A 403 25.83 -17.40 -45.88
N PRO A 404 26.33 -18.62 -45.77
CA PRO A 404 25.58 -19.83 -46.10
C PRO A 404 24.58 -20.27 -45.02
N ALA A 405 24.63 -19.64 -43.85
CA ALA A 405 23.60 -19.82 -42.83
C ALA A 405 22.47 -18.76 -42.98
N ASP A 406 22.49 -18.06 -44.12
CA ASP A 406 21.61 -16.93 -44.34
C ASP A 406 21.12 -16.95 -45.79
N ALA A 407 19.97 -16.31 -46.03
CA ALA A 407 19.37 -16.24 -47.36
C ALA A 407 18.44 -15.02 -47.46
N TRP A 408 17.87 -14.79 -48.64
CA TRP A 408 17.01 -13.63 -48.86
C TRP A 408 15.77 -13.75 -48.01
N ARG A 409 15.25 -12.61 -47.56
CA ARG A 409 14.06 -12.57 -46.71
C ARG A 409 13.32 -11.29 -46.90
N ALA A 410 11.99 -11.36 -46.87
CA ALA A 410 11.14 -10.18 -46.84
C ALA A 410 10.15 -10.31 -45.68
N ALA A 411 9.82 -9.18 -45.05
CA ALA A 411 8.83 -9.16 -43.99
C ALA A 411 7.92 -7.98 -44.25
N VAL A 412 6.63 -8.25 -44.41
CA VAL A 412 5.63 -7.21 -44.61
C VAL A 412 4.77 -7.14 -43.35
N LEU A 413 4.86 -6.01 -42.66
CA LEU A 413 4.08 -5.81 -41.43
C LEU A 413 2.95 -4.82 -41.71
N ILE A 414 1.72 -5.33 -41.69
CA ILE A 414 0.54 -4.51 -41.94
C ILE A 414 -0.23 -4.21 -40.65
N TYR A 415 -0.52 -2.94 -40.41
CA TYR A 415 -1.30 -2.57 -39.25
C TYR A 415 -2.72 -2.14 -39.62
N ALA A 416 -3.63 -2.35 -38.69
CA ALA A 416 -4.98 -1.78 -38.75
C ALA A 416 -5.27 -1.21 -37.38
N SER A 417 -5.32 0.12 -37.27
CA SER A 417 -5.42 0.77 -35.97
C SER A 417 -6.02 2.16 -36.03
N ASP A 418 -7.08 2.39 -35.26
CA ASP A 418 -7.65 3.73 -35.09
C ASP A 418 -7.19 4.33 -33.77
N ASP A 419 -5.88 4.28 -33.56
CA ASP A 419 -5.26 4.75 -32.33
C ASP A 419 -5.84 4.03 -31.10
N THR A 420 -6.34 4.81 -30.14
CA THR A 420 -6.84 4.27 -28.87
C THR A 420 -8.21 3.63 -28.97
N ARG A 421 -8.97 3.99 -30.01
CA ARG A 421 -10.32 3.45 -30.22
C ARG A 421 -10.29 2.10 -30.95
N ALA A 422 -11.10 1.16 -30.49
CA ALA A 422 -11.28 -0.13 -31.15
C ALA A 422 -12.64 -0.16 -31.87
N HIS A 423 -12.89 -1.22 -32.64
CA HIS A 423 -14.14 -1.36 -33.37
C HIS A 423 -14.42 -2.85 -33.54
N PRO A 424 -14.92 -3.50 -32.47
CA PRO A 424 -15.03 -4.96 -32.42
C PRO A 424 -15.92 -5.55 -33.50
N ASN A 425 -16.90 -4.79 -33.96
CA ASN A 425 -17.86 -5.27 -34.95
C ASN A 425 -17.50 -4.86 -36.39
N ARG A 426 -16.21 -4.67 -36.69
CA ARG A 426 -15.81 -4.26 -38.03
C ARG A 426 -14.73 -5.16 -38.62
N SER A 427 -14.86 -5.42 -39.91
CA SER A 427 -13.90 -6.22 -40.67
C SER A 427 -13.29 -5.35 -41.77
N VAL A 428 -11.97 -5.33 -41.87
CA VAL A 428 -11.28 -4.54 -42.88
C VAL A 428 -10.68 -5.48 -43.90
N ALA A 429 -11.26 -5.53 -45.10
CA ALA A 429 -10.79 -6.45 -46.12
C ALA A 429 -9.56 -5.86 -46.79
N VAL A 430 -8.52 -6.69 -46.93
CA VAL A 430 -7.24 -6.27 -47.46
C VAL A 430 -6.77 -7.23 -48.54
N THR A 431 -6.14 -6.68 -49.57
CA THR A 431 -5.56 -7.47 -50.64
C THR A 431 -4.09 -7.11 -50.75
N LEU A 432 -3.26 -8.02 -50.27
CA LEU A 432 -1.82 -7.88 -50.36
C LEU A 432 -1.40 -8.42 -51.71
N ARG A 433 -0.77 -7.56 -52.52
CA ARG A 433 -0.16 -7.98 -53.78
C ARG A 433 1.34 -7.75 -53.68
N LEU A 434 2.05 -8.82 -53.33
CA LEU A 434 3.50 -8.85 -53.33
C LEU A 434 3.98 -9.17 -54.73
N ARG A 435 5.01 -8.47 -55.20
CA ARG A 435 5.60 -8.76 -56.51
C ARG A 435 7.12 -8.59 -56.48
N GLY A 436 7.78 -8.95 -57.58
CA GLY A 436 9.22 -8.75 -57.72
C GLY A 436 10.09 -9.64 -56.84
N VAL A 437 9.51 -10.68 -56.26
CA VAL A 437 10.27 -11.53 -55.35
C VAL A 437 11.37 -12.24 -56.13
N PRO A 438 12.62 -12.05 -55.71
CA PRO A 438 13.71 -12.67 -56.43
C PRO A 438 13.78 -14.17 -56.17
N PRO A 439 14.27 -14.92 -57.17
CA PRO A 439 14.29 -16.37 -57.12
C PRO A 439 15.28 -16.88 -56.09
N GLY A 440 14.93 -17.96 -55.41
CA GLY A 440 15.80 -18.52 -54.39
C GLY A 440 15.38 -19.92 -54.05
N PRO A 441 16.27 -20.67 -53.38
CA PRO A 441 15.94 -22.04 -52.98
C PRO A 441 14.83 -22.09 -51.94
N GLY A 442 13.84 -22.94 -52.18
CA GLY A 442 12.75 -23.19 -51.22
C GLY A 442 12.09 -21.97 -50.64
N LEU A 443 11.49 -21.15 -51.49
CA LEU A 443 10.80 -19.93 -51.04
C LEU A 443 9.48 -20.24 -50.33
N VAL A 444 9.46 -20.09 -49.02
CA VAL A 444 8.23 -20.28 -48.24
C VAL A 444 7.73 -18.95 -47.68
N TYR A 445 6.50 -18.94 -47.22
CA TYR A 445 5.93 -17.76 -46.57
C TYR A 445 5.12 -18.16 -45.35
N VAL A 446 5.15 -17.27 -44.36
CA VAL A 446 4.52 -17.52 -43.06
C VAL A 446 3.81 -16.26 -42.62
N THR A 447 2.56 -16.42 -42.15
CA THR A 447 1.78 -15.31 -41.61
C THR A 447 1.68 -15.42 -40.07
N ARG A 448 1.67 -14.26 -39.42
CA ARG A 448 1.46 -14.18 -37.97
C ARG A 448 0.50 -13.03 -37.71
N TYR A 449 -0.55 -13.33 -36.97
CA TYR A 449 -1.70 -12.43 -36.85
C TYR A 449 -2.05 -12.16 -35.38
N LEU A 450 -2.37 -10.90 -35.08
CA LEU A 450 -2.83 -10.50 -33.77
C LEU A 450 -4.14 -9.72 -33.86
N ASP A 451 -5.09 -10.06 -33.00
CA ASP A 451 -6.28 -9.23 -32.73
C ASP A 451 -6.86 -9.53 -31.34
N ASN A 452 -7.80 -8.70 -30.90
CA ASN A 452 -8.34 -8.83 -29.56
C ASN A 452 -9.11 -10.12 -29.37
N GLY A 453 -9.57 -10.71 -30.47
CA GLY A 453 -10.41 -11.89 -30.37
C GLY A 453 -9.58 -13.09 -30.01
N LEU A 454 -8.47 -13.24 -30.74
CA LEU A 454 -7.64 -14.43 -30.70
C LEU A 454 -6.42 -14.34 -29.83
N CYS A 455 -5.94 -13.13 -29.59
CA CYS A 455 -4.62 -12.94 -28.99
C CYS A 455 -4.58 -11.92 -27.85
N SER A 456 -5.49 -12.01 -26.89
CA SER A 456 -5.54 -11.00 -25.82
C SER A 456 -5.70 -11.66 -24.49
N PRO A 457 -4.60 -11.86 -23.75
CA PRO A 457 -4.70 -12.43 -22.41
C PRO A 457 -5.65 -11.65 -21.48
N ASP A 458 -5.79 -10.34 -21.71
CA ASP A 458 -6.76 -9.50 -20.98
C ASP A 458 -8.17 -9.95 -21.27
N GLY A 459 -8.49 -10.09 -22.55
CA GLY A 459 -9.75 -10.65 -22.95
C GLY A 459 -10.02 -12.00 -22.34
N GLU A 460 -8.99 -12.85 -22.23
CA GLU A 460 -9.16 -14.15 -21.61
C GLU A 460 -9.39 -13.96 -20.13
N TRP A 461 -8.57 -13.13 -19.52
CA TRP A 461 -8.68 -12.87 -18.09
C TRP A 461 -10.09 -12.36 -17.75
N ARG A 462 -10.59 -11.40 -18.53
CA ARG A 462 -11.93 -10.86 -18.35
C ARG A 462 -12.98 -11.98 -18.50
N ARG A 463 -12.77 -12.88 -19.45
CA ARG A 463 -13.68 -14.00 -19.66
C ARG A 463 -13.77 -14.93 -18.44
N LEU A 464 -12.65 -15.10 -17.74
CA LEU A 464 -12.60 -15.98 -16.57
C LEU A 464 -13.09 -15.25 -15.32
N GLY A 465 -13.61 -14.04 -15.51
CA GLY A 465 -14.21 -13.28 -14.41
C GLY A 465 -13.24 -12.37 -13.66
N ARG A 466 -12.06 -12.13 -14.20
CA ARG A 466 -11.10 -11.20 -13.60
C ARG A 466 -10.56 -11.65 -12.24
N PRO A 467 -10.24 -12.95 -12.10
CA PRO A 467 -9.65 -13.44 -10.84
C PRO A 467 -8.44 -12.63 -10.41
N VAL A 468 -8.42 -12.25 -9.15
CA VAL A 468 -7.33 -11.46 -8.59
C VAL A 468 -6.08 -12.33 -8.38
N PHE A 469 -6.29 -13.57 -7.93
CA PHE A 469 -5.23 -14.56 -7.81
C PHE A 469 -5.59 -15.75 -8.67
N PRO A 470 -5.36 -15.64 -9.99
CA PRO A 470 -5.68 -16.78 -10.82
C PRO A 470 -5.01 -18.09 -10.35
N THR A 471 -5.63 -19.23 -10.62
CA THR A 471 -5.01 -20.52 -10.38
C THR A 471 -4.01 -20.84 -11.48
N ALA A 472 -3.19 -21.87 -11.24
CA ALA A 472 -2.22 -22.31 -12.23
C ALA A 472 -2.95 -22.62 -13.53
N GLU A 473 -4.09 -23.31 -13.42
CA GLU A 473 -4.88 -23.64 -14.58
C GLU A 473 -5.19 -22.37 -15.37
N GLN A 474 -5.58 -21.32 -14.66
CA GLN A 474 -6.06 -20.11 -15.30
C GLN A 474 -4.94 -19.35 -15.95
N PHE A 475 -3.74 -19.44 -15.39
CA PHE A 475 -2.58 -18.79 -16.01
C PHE A 475 -2.27 -19.46 -17.34
N ARG A 476 -2.36 -20.79 -17.38
CA ARG A 476 -2.07 -21.51 -18.61
C ARG A 476 -3.01 -21.06 -19.71
N ARG A 477 -4.26 -20.78 -19.34
CA ARG A 477 -5.27 -20.38 -20.31
C ARG A 477 -5.01 -18.97 -20.81
N MET A 478 -4.68 -18.06 -19.90
CA MET A 478 -4.40 -16.70 -20.31
C MET A 478 -3.15 -16.65 -21.18
N ARG A 479 -2.18 -17.52 -20.90
CA ARG A 479 -0.91 -17.52 -21.62
C ARG A 479 -1.05 -18.07 -23.04
N ALA A 480 -2.09 -18.85 -23.26
CA ALA A 480 -2.35 -19.45 -24.57
C ALA A 480 -2.64 -18.38 -25.61
N ALA A 481 -2.93 -17.17 -25.16
CA ALA A 481 -3.26 -16.07 -26.05
C ALA A 481 -2.11 -15.06 -26.18
N GLU A 482 -0.94 -15.42 -25.67
CA GLU A 482 0.23 -14.54 -25.77
C GLU A 482 0.76 -14.43 -27.22
N ASP A 483 0.97 -15.57 -27.88
CA ASP A 483 1.61 -15.59 -29.18
C ASP A 483 0.61 -15.33 -30.31
N PRO A 484 1.09 -14.82 -31.45
CA PRO A 484 0.18 -14.62 -32.58
C PRO A 484 -0.25 -15.95 -33.18
N VAL A 485 -1.36 -15.92 -33.92
CA VAL A 485 -1.84 -17.08 -34.66
C VAL A 485 -0.97 -17.23 -35.90
N ALA A 486 -0.30 -18.38 -35.99
CA ALA A 486 0.71 -18.59 -37.01
C ALA A 486 0.30 -19.66 -38.00
N ALA A 487 0.26 -19.30 -39.28
CA ALA A 487 0.05 -20.29 -40.34
C ALA A 487 1.38 -20.98 -40.65
N ALA A 488 1.36 -22.30 -40.85
CA ALA A 488 2.59 -23.06 -41.16
C ALA A 488 3.14 -22.66 -42.52
N PRO A 489 4.45 -22.85 -42.73
CA PRO A 489 5.11 -22.48 -43.99
C PRO A 489 4.44 -23.07 -45.24
N ARG A 490 4.10 -22.20 -46.18
CA ARG A 490 3.51 -22.62 -47.46
C ARG A 490 4.45 -22.18 -48.58
N PRO A 491 4.93 -23.13 -49.40
CA PRO A 491 5.79 -22.68 -50.50
C PRO A 491 5.11 -21.58 -51.31
N LEU A 492 5.91 -20.68 -51.87
CA LEU A 492 5.39 -19.59 -52.68
C LEU A 492 4.92 -20.13 -54.03
N PRO A 493 4.03 -19.41 -54.70
CA PRO A 493 3.75 -19.83 -56.07
C PRO A 493 4.89 -19.47 -57.01
N ALA A 494 4.92 -20.07 -58.20
CA ALA A 494 5.97 -19.77 -59.17
C ALA A 494 5.76 -18.39 -59.73
N GLY A 495 6.81 -17.79 -60.27
CA GLY A 495 6.71 -16.48 -60.87
C GLY A 495 7.06 -15.35 -59.94
N GLY A 496 7.10 -15.63 -58.64
CA GLY A 496 7.57 -14.66 -57.64
C GLY A 496 6.54 -13.65 -57.16
N ARG A 497 5.29 -14.10 -57.10
CA ARG A 497 4.18 -13.23 -56.72
C ARG A 497 3.36 -13.92 -55.68
N LEU A 498 2.90 -13.15 -54.70
CA LEU A 498 2.05 -13.66 -53.64
C LEU A 498 0.88 -12.70 -53.50
N THR A 499 -0.32 -13.25 -53.51
CA THR A 499 -1.52 -12.47 -53.27
C THR A 499 -2.30 -13.13 -52.15
N LEU A 500 -2.44 -12.41 -51.04
CA LEU A 500 -3.28 -12.83 -49.94
C LEU A 500 -4.41 -11.82 -49.81
N ARG A 501 -5.53 -12.26 -49.25
CA ARG A 501 -6.71 -11.42 -49.14
C ARG A 501 -7.34 -11.52 -47.75
N PRO A 502 -6.59 -11.12 -46.70
CA PRO A 502 -7.04 -11.31 -45.33
C PRO A 502 -8.13 -10.33 -44.91
N ALA A 503 -8.96 -10.75 -43.97
CA ALA A 503 -9.97 -9.89 -43.38
C ALA A 503 -9.43 -9.47 -42.03
N LEU A 504 -8.75 -8.34 -41.97
CA LEU A 504 -8.15 -7.93 -40.73
C LEU A 504 -9.21 -7.31 -39.84
N ARG A 505 -9.12 -7.55 -38.54
CA ARG A 505 -10.00 -6.90 -37.59
C ARG A 505 -9.39 -5.58 -37.21
N LEU A 506 -10.06 -4.85 -36.33
CA LEU A 506 -9.63 -3.50 -35.99
C LEU A 506 -9.75 -3.26 -34.48
N PRO A 507 -8.63 -3.34 -33.76
CA PRO A 507 -7.24 -3.38 -34.20
C PRO A 507 -6.72 -4.75 -34.59
N SER A 508 -5.66 -4.78 -35.39
CA SER A 508 -5.02 -6.03 -35.74
C SER A 508 -3.66 -5.83 -36.42
N LEU A 509 -2.84 -6.88 -36.35
CA LEU A 509 -1.51 -6.86 -36.96
C LEU A 509 -1.28 -8.12 -37.75
N LEU A 510 -0.67 -7.97 -38.92
CA LEU A 510 -0.33 -9.09 -39.77
C LEU A 510 1.10 -8.96 -40.24
N LEU A 511 1.91 -9.97 -39.94
CA LEU A 511 3.25 -10.06 -40.47
C LEU A 511 3.28 -11.18 -41.47
N VAL A 512 3.58 -10.84 -42.73
CA VAL A 512 3.84 -11.82 -43.77
C VAL A 512 5.36 -11.96 -43.95
N HIS A 513 5.88 -13.13 -43.60
CA HIS A 513 7.32 -13.40 -43.63
C HIS A 513 7.63 -14.37 -44.78
N VAL A 514 8.39 -13.89 -45.75
CA VAL A 514 8.80 -14.70 -46.91
C VAL A 514 10.28 -14.98 -46.84
N CYS A 515 10.67 -16.23 -46.96
CA CYS A 515 12.05 -16.62 -46.71
C CYS A 515 12.59 -17.54 -47.78
N ALA A 516 13.84 -17.32 -48.17
CA ALA A 516 14.60 -18.32 -48.90
C ALA A 516 15.27 -19.29 -47.94
N ARG A 517 15.59 -20.49 -48.41
CA ARG A 517 16.26 -21.50 -47.61
C ARG A 517 17.76 -21.20 -47.51
N PRO A 518 18.30 -21.09 -46.30
CA PRO A 518 19.75 -21.06 -46.16
C PRO A 518 20.36 -22.43 -46.44
N GLU A 519 21.62 -22.46 -46.87
CA GLU A 519 22.30 -23.73 -47.12
C GLU A 519 22.38 -24.60 -45.87
N LYS A 520 22.72 -23.96 -44.74
CA LYS A 520 22.94 -24.66 -43.49
C LYS A 520 21.78 -24.42 -42.52
N PRO A 521 21.60 -25.34 -41.56
CA PRO A 521 20.55 -25.21 -40.56
C PRO A 521 20.86 -24.10 -39.55
N PRO A 522 19.93 -23.84 -38.61
CA PRO A 522 20.14 -22.80 -37.60
C PRO A 522 21.36 -23.05 -36.73
N GLY A 523 21.88 -21.97 -36.16
CA GLY A 523 22.91 -22.05 -35.15
C GLY A 523 22.31 -22.45 -33.81
N GLN A 524 23.15 -22.39 -32.77
CA GLN A 524 22.81 -22.98 -31.49
C GLN A 524 22.23 -21.96 -30.53
N VAL A 525 21.30 -22.43 -29.70
CA VAL A 525 20.76 -21.66 -28.59
C VAL A 525 21.78 -21.55 -27.45
N THR A 526 21.84 -20.37 -26.84
CA THR A 526 22.77 -20.12 -25.75
C THR A 526 22.15 -19.36 -24.57
N ARG A 527 22.83 -19.48 -23.43
CA ARG A 527 22.48 -18.82 -22.18
C ARG A 527 21.15 -19.28 -21.61
N LEU A 528 20.85 -20.56 -21.78
CA LEU A 528 19.63 -21.11 -21.22
C LEU A 528 19.67 -20.96 -19.72
N ARG A 529 18.58 -20.47 -19.14
CA ARG A 529 18.45 -20.34 -17.70
C ARG A 529 17.11 -20.87 -17.24
N ALA A 530 17.05 -21.39 -16.02
CA ALA A 530 15.79 -21.77 -15.39
C ALA A 530 15.55 -20.98 -14.11
N LEU A 531 14.65 -20.00 -14.19
CA LEU A 531 14.29 -19.17 -13.04
C LEU A 531 13.01 -19.71 -12.38
N PRO A 532 13.07 -20.00 -11.08
CA PRO A 532 11.88 -20.50 -10.37
C PRO A 532 10.81 -19.43 -10.28
N LEU A 533 9.55 -19.85 -10.37
CA LEU A 533 8.41 -18.97 -10.14
C LEU A 533 7.68 -19.36 -8.85
N THR A 534 7.42 -20.65 -8.71
CA THR A 534 6.75 -21.18 -7.54
C THR A 534 6.76 -22.70 -7.65
N GLN A 535 6.43 -23.39 -6.58
CA GLN A 535 6.38 -24.84 -6.61
C GLN A 535 5.60 -25.29 -7.86
N GLY A 536 6.24 -26.06 -8.72
CA GLY A 536 5.56 -26.61 -9.90
C GLY A 536 5.61 -25.73 -11.15
N GLN A 537 6.38 -24.64 -11.09
CA GLN A 537 6.52 -23.73 -12.23
C GLN A 537 7.93 -23.14 -12.30
N LEU A 538 8.37 -22.80 -13.52
CA LEU A 538 9.61 -22.04 -13.72
C LEU A 538 9.64 -21.35 -15.08
N VAL A 539 10.55 -20.39 -15.23
CA VAL A 539 10.70 -19.69 -16.51
C VAL A 539 11.99 -20.15 -17.19
N LEU A 540 11.88 -20.45 -18.48
CA LEU A 540 13.05 -20.76 -19.27
C LEU A 540 13.33 -19.58 -20.17
N VAL A 541 14.54 -19.05 -20.06
CA VAL A 541 14.94 -17.93 -20.89
C VAL A 541 16.28 -18.29 -21.51
N TRP A 542 16.61 -17.66 -22.64
CA TRP A 542 17.79 -18.06 -23.41
C TRP A 542 18.08 -17.02 -24.49
N SER A 543 19.28 -17.08 -25.06
CA SER A 543 19.70 -16.13 -26.08
C SER A 543 19.66 -16.72 -27.49
N ASP A 544 19.38 -15.88 -28.47
CA ASP A 544 19.45 -16.26 -29.88
C ASP A 544 20.61 -15.58 -30.62
N GLU A 545 21.66 -15.22 -29.87
CA GLU A 545 22.84 -14.55 -30.41
C GLU A 545 23.54 -15.33 -31.55
N HIS A 546 23.69 -16.65 -31.40
CA HIS A 546 24.34 -17.48 -32.42
C HIS A 546 23.36 -18.40 -33.17
N VAL A 547 22.07 -18.07 -33.14
CA VAL A 547 21.07 -18.85 -33.89
C VAL A 547 21.12 -18.58 -35.40
N GLY A 548 21.45 -17.35 -35.79
CA GLY A 548 21.67 -17.04 -37.18
C GLY A 548 20.45 -16.47 -37.86
N SER A 549 19.84 -17.26 -38.73
CA SER A 549 18.69 -16.81 -39.52
C SER A 549 17.48 -16.46 -38.64
N LYS A 550 16.60 -15.61 -39.16
CA LYS A 550 15.34 -15.23 -38.51
C LYS A 550 14.15 -16.06 -39.00
N CYS A 551 14.38 -16.92 -39.97
CA CYS A 551 13.29 -17.73 -40.50
C CYS A 551 13.00 -18.86 -39.52
N LEU A 552 12.47 -18.49 -38.36
CA LEU A 552 12.24 -19.46 -37.30
C LEU A 552 10.75 -19.72 -37.03
N TRP A 553 10.42 -21.01 -36.99
CA TRP A 553 9.07 -21.46 -36.72
C TRP A 553 8.82 -21.38 -35.24
N THR A 554 9.73 -21.96 -34.47
CA THR A 554 9.61 -21.98 -33.02
C THR A 554 10.87 -22.55 -32.39
N TYR A 555 10.93 -22.47 -31.07
CA TYR A 555 11.97 -23.15 -30.30
C TYR A 555 11.41 -24.42 -29.67
N GLU A 556 11.98 -25.56 -30.04
CA GLU A 556 11.64 -26.82 -29.39
C GLU A 556 12.33 -26.89 -28.06
N ILE A 557 11.58 -27.20 -27.02
CA ILE A 557 12.14 -27.34 -25.68
C ILE A 557 11.96 -28.77 -25.22
N GLN A 558 13.01 -29.36 -24.68
CA GLN A 558 12.90 -30.73 -24.19
C GLN A 558 13.27 -30.83 -22.73
N PHE A 559 12.58 -31.73 -22.03
CA PHE A 559 12.71 -31.86 -20.58
C PHE A 559 12.96 -33.33 -20.19
N SER A 560 13.98 -33.56 -19.38
CA SER A 560 14.23 -34.89 -18.88
C SER A 560 14.18 -34.95 -17.36
N GLN A 561 13.05 -35.37 -16.79
CA GLN A 561 12.97 -35.53 -15.34
C GLN A 561 13.72 -36.78 -14.89
N ASP A 562 14.16 -36.77 -13.63
CA ASP A 562 15.02 -37.85 -13.10
C ASP A 562 16.23 -38.03 -14.01
N GLY A 563 16.51 -39.27 -14.41
CA GLY A 563 17.58 -39.56 -15.35
C GLY A 563 17.04 -40.25 -16.58
N LYS A 564 15.76 -40.02 -16.88
CA LYS A 564 15.12 -40.67 -18.04
C LYS A 564 15.32 -39.85 -19.31
N ALA A 565 14.74 -40.31 -20.41
CA ALA A 565 14.97 -39.69 -21.71
C ALA A 565 14.39 -38.28 -21.78
N TYR A 566 14.94 -37.50 -22.70
CA TYR A 566 14.44 -36.17 -22.98
C TYR A 566 13.13 -36.27 -23.74
N THR A 567 12.17 -35.42 -23.39
CA THR A 567 10.84 -35.45 -23.97
C THR A 567 10.41 -34.06 -24.43
N PRO A 568 9.88 -33.94 -25.64
CA PRO A 568 9.49 -32.61 -26.09
C PRO A 568 8.37 -32.05 -25.24
N VAL A 569 8.43 -30.75 -24.99
CA VAL A 569 7.37 -30.05 -24.28
C VAL A 569 6.35 -29.48 -25.27
N SER A 570 5.12 -30.00 -25.22
CA SER A 570 4.09 -29.56 -26.14
C SER A 570 3.66 -28.15 -25.84
N ARG A 571 3.75 -27.27 -26.83
CA ARG A 571 3.41 -25.86 -26.63
C ARG A 571 3.09 -25.10 -27.91
N LYS A 572 2.52 -23.92 -27.74
CA LYS A 572 2.24 -23.01 -28.85
C LYS A 572 3.53 -22.57 -29.55
N PRO A 573 3.54 -22.59 -30.88
CA PRO A 573 4.71 -22.17 -31.64
C PRO A 573 5.05 -20.68 -31.45
N SER A 574 6.25 -20.41 -30.97
CA SER A 574 6.63 -19.09 -30.50
C SER A 574 8.08 -18.82 -30.85
N THR A 575 8.34 -17.61 -31.35
CA THR A 575 9.69 -17.16 -31.62
C THR A 575 10.24 -16.40 -30.41
N PHE A 576 9.39 -16.22 -29.40
CA PHE A 576 9.79 -15.55 -28.17
C PHE A 576 10.80 -16.38 -27.36
N ASN A 577 11.84 -15.72 -26.84
CA ASN A 577 12.98 -16.41 -26.22
C ASN A 577 12.79 -16.70 -24.75
N LEU A 578 11.55 -16.94 -24.36
CA LEU A 578 11.26 -17.18 -22.97
C LEU A 578 9.95 -17.92 -22.88
N PHE A 579 9.88 -18.90 -21.98
CA PHE A 579 8.68 -19.70 -21.84
C PHE A 579 8.43 -20.11 -20.40
N VAL A 580 7.19 -19.97 -19.95
CA VAL A 580 6.84 -20.39 -18.62
C VAL A 580 6.37 -21.83 -18.69
N PHE A 581 7.09 -22.70 -17.97
CA PHE A 581 6.80 -24.12 -17.98
C PHE A 581 6.01 -24.53 -16.74
N SER A 582 4.70 -24.70 -16.91
CA SER A 582 3.80 -25.02 -15.81
C SER A 582 3.08 -26.36 -16.01
N PRO A 583 3.81 -27.47 -15.84
CA PRO A 583 3.22 -28.79 -16.05
C PRO A 583 2.08 -29.10 -15.10
N ASP A 584 1.04 -29.70 -15.63
CA ASP A 584 -0.19 -29.92 -14.89
C ASP A 584 0.08 -30.88 -13.72
N THR A 585 1.11 -31.69 -13.87
CA THR A 585 1.52 -32.63 -12.84
C THR A 585 2.35 -31.93 -11.78
N GLY A 586 3.12 -30.93 -12.20
CA GLY A 586 3.99 -30.17 -11.31
C GLY A 586 5.43 -30.68 -11.27
N ALA A 587 5.73 -31.71 -12.05
CA ALA A 587 7.08 -32.24 -12.09
C ALA A 587 7.99 -31.36 -12.96
N VAL A 588 8.91 -30.64 -12.33
CA VAL A 588 9.81 -29.76 -13.07
C VAL A 588 11.31 -30.00 -12.81
N SER A 589 11.63 -30.75 -11.75
CA SER A 589 13.02 -31.04 -11.41
C SER A 589 13.61 -32.04 -12.41
N GLY A 590 14.65 -31.62 -13.11
CA GLY A 590 15.30 -32.46 -14.11
C GLY A 590 16.35 -31.69 -14.89
N SER A 591 16.41 -31.89 -16.20
CA SER A 591 17.26 -31.10 -17.08
C SER A 591 16.46 -30.60 -18.29
N TYR A 592 16.75 -29.39 -18.72
CA TYR A 592 16.11 -28.79 -19.90
C TYR A 592 17.13 -28.44 -20.97
N ARG A 593 16.67 -28.39 -22.21
CA ARG A 593 17.50 -27.94 -23.31
C ARG A 593 16.60 -27.44 -24.42
N VAL A 594 17.13 -26.56 -25.25
CA VAL A 594 16.33 -25.87 -26.25
C VAL A 594 17.08 -25.75 -27.57
N ARG A 595 16.34 -25.81 -28.67
CA ARG A 595 16.94 -25.62 -29.98
C ARG A 595 15.96 -24.98 -30.97
N ALA A 596 16.51 -24.31 -31.97
CA ALA A 596 15.69 -23.62 -32.95
C ALA A 596 15.16 -24.58 -34.01
N LEU A 597 13.96 -24.26 -34.52
CA LEU A 597 13.34 -25.00 -35.61
C LEU A 597 12.96 -24.00 -36.69
N ASP A 598 13.58 -24.12 -37.86
CA ASP A 598 13.38 -23.18 -38.94
C ASP A 598 12.17 -23.56 -39.78
N TYR A 599 11.89 -22.79 -40.82
CA TYR A 599 10.67 -23.01 -41.63
C TYR A 599 10.72 -24.29 -42.46
N TRP A 600 11.90 -24.91 -42.56
CA TRP A 600 12.03 -26.12 -43.36
C TRP A 600 12.24 -27.36 -42.49
N ALA A 601 11.83 -27.25 -41.23
CA ALA A 601 11.87 -28.34 -40.25
C ALA A 601 13.28 -28.81 -39.96
N ARG A 602 14.23 -27.88 -39.98
CA ARG A 602 15.62 -28.20 -39.71
C ARG A 602 15.99 -27.68 -38.33
N PRO A 603 16.46 -28.59 -37.47
CA PRO A 603 16.80 -28.22 -36.12
C PRO A 603 18.22 -27.69 -36.03
N GLY A 604 18.44 -26.73 -35.14
CA GLY A 604 19.78 -26.30 -34.81
C GLY A 604 20.26 -27.19 -33.70
N PRO A 605 21.53 -27.04 -33.31
CA PRO A 605 22.03 -27.89 -32.23
C PRO A 605 21.32 -27.54 -30.93
N PHE A 606 21.29 -28.49 -30.00
CA PHE A 606 20.70 -28.24 -28.69
C PHE A 606 21.63 -27.37 -27.88
N SER A 607 21.05 -26.65 -26.92
CA SER A 607 21.82 -25.82 -25.99
C SER A 607 22.42 -26.71 -24.91
N ASP A 608 23.42 -26.20 -24.21
CA ASP A 608 23.95 -26.96 -23.09
C ASP A 608 22.77 -27.20 -22.14
N PRO A 609 22.75 -28.37 -21.49
CA PRO A 609 21.72 -28.67 -20.50
C PRO A 609 21.69 -27.67 -19.34
N VAL A 610 20.51 -27.35 -18.84
CA VAL A 610 20.39 -26.62 -17.60
C VAL A 610 19.67 -27.49 -16.58
N PRO A 611 20.40 -27.94 -15.52
CA PRO A 611 19.76 -28.76 -14.54
C PRO A 611 18.89 -27.88 -13.65
N TYR A 612 17.74 -28.40 -13.24
CA TYR A 612 16.86 -27.72 -12.30
C TYR A 612 16.46 -28.66 -11.18
N LEU A 613 16.52 -28.16 -9.96
CA LEU A 613 16.10 -28.90 -8.80
C LEU A 613 15.23 -28.01 -7.92
N GLU A 614 14.00 -28.44 -7.71
CA GLU A 614 13.04 -27.72 -6.90
C GLU A 614 13.29 -28.01 -5.41
N VAL A 615 13.55 -26.96 -4.65
CA VAL A 615 13.79 -27.11 -3.22
C VAL A 615 12.56 -26.57 -2.47
N PRO A 616 11.74 -27.49 -1.92
CA PRO A 616 10.54 -27.04 -1.20
C PRO A 616 10.87 -26.53 0.21
N GLU B 1 20.92 13.81 26.85
CA GLU B 1 22.26 13.15 26.90
C GLU B 1 22.42 12.30 28.17
N ALA B 2 22.13 12.90 29.32
CA ALA B 2 22.16 12.15 30.59
C ALA B 2 20.89 11.31 30.75
N PRO B 3 20.98 10.19 31.48
CA PRO B 3 19.85 9.27 31.60
C PRO B 3 18.61 9.96 32.20
N HIS B 4 17.44 9.37 31.94
CA HIS B 4 16.23 9.74 32.67
C HIS B 4 16.13 8.81 33.87
N LEU B 5 16.18 9.39 35.07
CA LEU B 5 16.09 8.64 36.32
C LEU B 5 14.65 8.45 36.75
N VAL B 6 14.19 7.20 36.83
CA VAL B 6 12.84 6.90 37.32
C VAL B 6 12.95 6.22 38.68
N HIS B 7 12.60 6.95 39.75
CA HIS B 7 12.63 6.41 41.09
C HIS B 7 11.20 6.13 41.53
N VAL B 8 10.93 4.88 41.87
CA VAL B 8 9.60 4.46 42.32
C VAL B 8 9.73 3.72 43.64
N ASP B 9 8.98 4.20 44.62
CA ASP B 9 8.98 3.64 45.96
C ASP B 9 7.71 2.83 46.14
N ALA B 10 7.85 1.51 46.12
CA ALA B 10 6.71 0.60 46.15
C ALA B 10 6.08 0.46 47.53
N ALA B 11 6.70 1.06 48.54
CA ALA B 11 6.17 1.06 49.90
C ALA B 11 5.14 2.19 50.08
N ARG B 12 5.47 3.38 49.59
CA ARG B 12 4.59 4.55 49.72
C ARG B 12 3.41 4.48 48.77
N ALA B 13 2.26 4.04 49.25
CA ALA B 13 1.01 4.14 48.50
C ALA B 13 0.29 5.42 48.94
N LEU B 14 0.38 6.46 48.13
CA LEU B 14 -0.04 7.81 48.54
C LEU B 14 -1.54 8.02 48.56
N TRP B 15 -2.20 7.74 47.45
CA TRP B 15 -3.65 7.98 47.31
C TRP B 15 -4.27 7.03 46.28
N PRO B 16 -5.61 7.03 46.15
CA PRO B 16 -6.22 6.12 45.20
C PRO B 16 -5.95 6.54 43.77
N LEU B 17 -5.85 5.55 42.90
CA LEU B 17 -5.73 5.74 41.47
C LEU B 17 -6.99 5.16 40.86
N ARG B 18 -7.84 6.03 40.34
CA ARG B 18 -9.04 5.59 39.68
C ARG B 18 -8.77 5.41 38.20
N ARG B 19 -9.38 4.39 37.61
CA ARG B 19 -9.23 4.10 36.19
C ARG B 19 -10.29 4.84 35.39
N PHE B 20 -10.11 6.16 35.30
CA PHE B 20 -11.10 7.11 34.79
C PHE B 20 -11.11 7.21 33.27
N TRP B 21 -10.19 6.47 32.64
CA TRP B 21 -9.96 6.57 31.20
C TRP B 21 -10.61 5.43 30.42
N ARG B 22 -11.22 4.48 31.14
CA ARG B 22 -11.73 3.21 30.54
C ARG B 22 -12.97 3.37 29.67
N SER B 23 -12.83 4.13 28.60
CA SER B 23 -13.99 4.57 27.82
C SER B 23 -13.63 4.90 26.39
N THR B 24 -14.39 4.37 25.47
CA THR B 24 -14.23 4.72 24.09
C THR B 24 -15.59 5.24 23.62
N GLY B 25 -15.72 5.47 22.30
CA GLY B 25 -16.98 5.95 21.72
C GLY B 25 -16.88 6.17 20.22
N PHE B 26 -18.04 6.37 19.59
CA PHE B 26 -18.07 6.59 18.15
C PHE B 26 -19.43 7.10 17.67
N CYS B 27 -19.51 7.45 16.40
CA CYS B 27 -20.73 7.94 15.80
C CYS B 27 -21.00 7.29 14.46
N PRO B 28 -22.20 6.71 14.29
CA PRO B 28 -22.45 6.05 13.01
C PRO B 28 -22.54 7.06 11.88
N PRO B 29 -22.36 6.58 10.64
CA PRO B 29 -22.31 7.45 9.50
C PRO B 29 -23.70 7.74 8.97
N LEU B 30 -23.76 8.62 7.97
CA LEU B 30 -25.01 8.97 7.32
C LEU B 30 -25.45 7.79 6.46
N PRO B 31 -26.77 7.59 6.31
CA PRO B 31 -27.82 8.36 6.96
C PRO B 31 -28.09 7.82 8.38
N HIS B 32 -28.28 8.71 9.34
CA HIS B 32 -28.41 8.30 10.72
C HIS B 32 -29.61 7.35 10.96
N SER B 33 -30.59 7.34 10.05
CA SER B 33 -31.72 6.41 10.15
C SER B 33 -31.25 4.96 10.08
N GLN B 34 -30.23 4.72 9.27
CA GLN B 34 -29.75 3.39 9.04
C GLN B 34 -28.61 3.06 9.99
N ALA B 35 -28.65 3.69 11.16
CA ALA B 35 -27.65 3.45 12.17
C ALA B 35 -27.62 1.96 12.50
N ASP B 36 -28.79 1.32 12.46
CA ASP B 36 -28.86 -0.09 12.81
C ASP B 36 -27.92 -0.98 11.99
N GLN B 37 -27.74 -0.65 10.72
CA GLN B 37 -26.88 -1.43 9.81
C GLN B 37 -25.39 -1.32 10.14
N TYR B 38 -24.98 -0.18 10.68
CA TYR B 38 -23.59 0.04 11.07
C TYR B 38 -23.27 -0.62 12.41
N VAL B 39 -24.20 -0.53 13.37
CA VAL B 39 -23.92 -0.91 14.74
C VAL B 39 -24.17 -2.39 15.00
N LEU B 40 -25.00 -2.99 14.15
CA LEU B 40 -25.30 -4.43 14.22
C LEU B 40 -24.57 -5.23 13.14
N SER B 41 -23.73 -4.58 12.33
CA SER B 41 -22.98 -5.32 11.32
C SER B 41 -22.05 -6.36 11.98
N TRP B 42 -21.66 -7.36 11.22
CA TRP B 42 -20.63 -8.28 11.69
C TRP B 42 -19.35 -7.53 11.99
N ASP B 43 -19.11 -6.45 11.26
CA ASP B 43 -17.89 -5.67 11.41
C ASP B 43 -17.87 -5.09 12.79
N GLN B 44 -19.02 -4.64 13.24
CA GLN B 44 -19.12 -3.99 14.54
C GLN B 44 -19.04 -5.03 15.66
N GLN B 45 -19.67 -6.18 15.42
CA GLN B 45 -19.66 -7.25 16.39
C GLN B 45 -18.26 -7.74 16.65
N LEU B 46 -17.41 -7.71 15.62
CA LEU B 46 -16.00 -8.04 15.80
C LEU B 46 -15.27 -6.91 16.54
N ASN B 47 -15.51 -5.69 16.09
CA ASN B 47 -14.94 -4.50 16.72
C ASN B 47 -15.15 -4.50 18.23
N LEU B 48 -16.40 -4.72 18.64
CA LEU B 48 -16.70 -4.71 20.06
C LEU B 48 -16.09 -5.91 20.76
N ALA B 49 -15.93 -7.02 20.04
CA ALA B 49 -15.23 -8.19 20.57
C ALA B 49 -13.79 -7.83 20.93
N TYR B 50 -13.14 -7.09 20.04
CA TYR B 50 -11.83 -6.56 20.32
C TYR B 50 -11.89 -5.63 21.54
N VAL B 51 -12.92 -4.80 21.62
CA VAL B 51 -12.94 -3.77 22.66
C VAL B 51 -13.16 -4.39 24.03
N GLY B 52 -13.99 -5.41 24.08
CA GLY B 52 -14.25 -6.13 25.31
C GLY B 52 -13.10 -7.07 25.66
N ALA B 53 -12.35 -7.51 24.66
CA ALA B 53 -11.23 -8.40 24.90
C ALA B 53 -10.08 -7.73 25.64
N VAL B 54 -10.18 -6.42 25.83
CA VAL B 54 -9.20 -5.70 26.64
C VAL B 54 -9.30 -6.23 28.07
N PRO B 55 -8.16 -6.73 28.60
CA PRO B 55 -8.18 -7.43 29.90
C PRO B 55 -8.62 -6.58 31.09
N HIS B 56 -9.25 -7.25 32.05
CA HIS B 56 -9.60 -6.65 33.34
C HIS B 56 -10.46 -5.41 33.20
N ARG B 57 -11.46 -5.51 32.31
CA ARG B 57 -12.41 -4.43 32.09
C ARG B 57 -11.75 -3.13 31.61
N GLY B 58 -10.59 -3.26 30.94
CA GLY B 58 -9.76 -2.12 30.58
C GLY B 58 -10.45 -1.01 29.79
N ILE B 59 -11.46 -1.39 29.01
CA ILE B 59 -12.40 -0.44 28.44
C ILE B 59 -13.76 -0.88 28.92
N LYS B 60 -14.51 0.06 29.48
CA LYS B 60 -15.77 -0.26 30.13
C LYS B 60 -16.94 0.20 29.28
N GLN B 61 -16.96 1.47 28.87
CA GLN B 61 -18.11 2.00 28.14
C GLN B 61 -17.80 2.42 26.72
N VAL B 62 -18.85 2.45 25.90
CA VAL B 62 -18.77 2.84 24.51
C VAL B 62 -19.80 3.92 24.26
N ARG B 63 -19.36 5.17 24.23
CA ARG B 63 -20.26 6.31 24.04
C ARG B 63 -20.76 6.28 22.60
N THR B 64 -22.07 6.13 22.42
CA THR B 64 -22.62 5.85 21.09
C THR B 64 -23.68 6.86 20.64
N HIS B 65 -23.40 7.54 19.53
CA HIS B 65 -24.30 8.56 19.00
C HIS B 65 -25.52 7.94 18.31
N TRP B 66 -26.58 8.76 18.21
CA TRP B 66 -27.79 8.42 17.46
C TRP B 66 -28.54 7.16 17.90
N LEU B 67 -28.44 6.80 19.19
CA LEU B 67 -29.07 5.57 19.69
C LEU B 67 -30.58 5.59 19.48
N LEU B 68 -31.18 6.76 19.45
CA LEU B 68 -32.63 6.81 19.38
C LEU B 68 -33.15 6.85 17.95
N GLU B 69 -32.24 6.68 16.99
CA GLU B 69 -32.62 6.35 15.62
C GLU B 69 -32.79 4.82 15.48
N LEU B 70 -32.31 4.07 16.46
CA LEU B 70 -32.49 2.62 16.51
C LEU B 70 -33.86 2.27 17.06
N VAL B 71 -34.57 3.28 17.52
CA VAL B 71 -35.95 3.10 17.96
C VAL B 71 -36.88 3.63 16.89
N THR B 72 -37.90 2.84 16.58
CA THR B 72 -38.84 3.15 15.52
C THR B 72 -40.21 3.34 16.10
N THR B 73 -40.94 4.30 15.55
CA THR B 73 -42.29 4.60 16.00
C THR B 73 -43.31 3.87 15.15
N ARG B 74 -44.51 3.76 15.70
CA ARG B 74 -45.66 3.24 14.98
C ARG B 74 -46.90 4.01 15.41
N GLY B 75 -47.75 4.35 14.46
CA GLY B 75 -48.95 5.14 14.73
C GLY B 75 -48.58 6.59 14.94
N SER B 76 -49.56 7.44 15.20
CA SER B 76 -49.32 8.87 15.40
C SER B 76 -49.77 9.33 16.78
N THR B 77 -49.50 10.60 17.09
CA THR B 77 -49.94 11.18 18.35
C THR B 77 -51.47 11.08 18.50
N GLY B 78 -52.18 11.46 17.45
CA GLY B 78 -53.64 11.46 17.46
C GLY B 78 -54.30 10.09 17.32
N ARG B 79 -53.53 9.07 16.95
CA ARG B 79 -54.04 7.71 16.81
C ARG B 79 -53.52 6.78 17.92
N GLY B 80 -52.37 7.10 18.49
CA GLY B 80 -51.74 6.19 19.46
C GLY B 80 -50.30 5.89 19.08
N LEU B 81 -49.39 6.28 19.97
CA LEU B 81 -47.95 6.20 19.70
C LEU B 81 -47.35 5.04 20.47
N SER B 82 -46.50 4.26 19.79
CA SER B 82 -45.81 3.13 20.41
C SER B 82 -44.54 2.80 19.64
N TYR B 83 -43.49 2.41 20.36
CA TYR B 83 -42.15 2.26 19.77
C TYR B 83 -41.71 0.79 19.56
N ASN B 84 -40.89 0.57 18.54
CA ASN B 84 -40.25 -0.71 18.29
C ASN B 84 -38.77 -0.64 18.66
N PHE B 85 -38.40 -1.37 19.71
CA PHE B 85 -37.05 -1.28 20.27
C PHE B 85 -36.10 -2.35 19.76
N THR B 86 -36.51 -3.11 18.74
CA THR B 86 -35.74 -4.28 18.31
C THR B 86 -34.25 -3.99 18.04
N HIS B 87 -33.95 -2.90 17.34
CA HIS B 87 -32.57 -2.62 16.95
C HIS B 87 -31.75 -2.11 18.12
N LEU B 88 -32.34 -1.27 18.94
CA LEU B 88 -31.69 -0.81 20.16
C LEU B 88 -31.37 -2.01 21.07
N ASP B 89 -32.38 -2.81 21.37
CA ASP B 89 -32.18 -4.09 22.04
C ASP B 89 -30.98 -4.79 21.43
N GLY B 90 -31.01 -4.90 20.10
CA GLY B 90 -29.98 -5.58 19.36
C GLY B 90 -28.62 -5.07 19.70
N TYR B 91 -28.48 -3.74 19.72
CA TYR B 91 -27.17 -3.12 19.96
C TYR B 91 -26.75 -3.20 21.43
N LEU B 92 -27.70 -3.00 22.34
CA LEU B 92 -27.39 -3.09 23.76
C LEU B 92 -27.06 -4.51 24.19
N ASP B 93 -27.78 -5.48 23.62
CA ASP B 93 -27.48 -6.89 23.88
C ASP B 93 -26.06 -7.21 23.47
N LEU B 94 -25.62 -6.60 22.37
CA LEU B 94 -24.27 -6.80 21.85
C LEU B 94 -23.18 -6.20 22.75
N LEU B 95 -23.52 -5.09 23.42
CA LEU B 95 -22.58 -4.51 24.36
C LEU B 95 -22.48 -5.42 25.58
N ARG B 96 -23.64 -5.79 26.12
CA ARG B 96 -23.74 -6.73 27.23
C ARG B 96 -22.95 -8.03 26.97
N GLU B 97 -23.01 -8.51 25.74
CA GLU B 97 -22.32 -9.72 25.36
C GLU B 97 -20.81 -9.55 25.57
N ASN B 98 -20.31 -8.33 25.37
CA ASN B 98 -18.90 -8.03 25.48
C ASN B 98 -18.53 -7.33 26.79
N GLN B 99 -19.37 -7.49 27.80
CA GLN B 99 -19.18 -6.84 29.11
C GLN B 99 -18.99 -5.32 29.01
N LEU B 100 -19.64 -4.71 28.04
CA LEU B 100 -19.53 -3.26 27.83
C LEU B 100 -20.81 -2.54 28.27
N LEU B 101 -20.68 -1.29 28.71
CA LEU B 101 -21.85 -0.48 29.00
C LEU B 101 -21.93 0.58 27.93
N PRO B 102 -23.14 1.09 27.68
CA PRO B 102 -23.30 2.14 26.70
C PRO B 102 -23.17 3.50 27.34
N GLY B 103 -22.37 4.38 26.76
CA GLY B 103 -22.46 5.80 27.08
C GLY B 103 -23.76 6.30 26.48
N PHE B 104 -24.84 6.22 27.24
CA PHE B 104 -26.16 6.32 26.63
C PHE B 104 -26.62 7.74 26.36
N GLU B 105 -26.12 8.29 25.26
CA GLU B 105 -26.54 9.62 24.83
C GLU B 105 -27.99 9.62 24.35
N LEU B 106 -28.82 10.41 25.02
CA LEU B 106 -30.24 10.43 24.70
C LEU B 106 -30.46 11.23 23.42
N MET B 107 -30.07 10.62 22.31
CA MET B 107 -29.86 11.32 21.05
C MET B 107 -30.50 10.58 19.88
N GLY B 108 -31.29 11.31 19.08
CA GLY B 108 -31.99 10.74 17.91
C GLY B 108 -33.46 11.13 17.87
N SER B 109 -34.14 10.87 16.75
CA SER B 109 -35.51 11.37 16.55
C SER B 109 -36.59 10.28 16.52
N ALA B 110 -36.20 9.05 16.81
CA ALA B 110 -37.13 7.93 16.75
C ALA B 110 -37.78 7.85 15.37
N SER B 111 -36.94 7.59 14.36
CA SER B 111 -37.38 7.54 12.96
C SER B 111 -38.32 8.69 12.59
N GLY B 112 -37.86 9.91 12.84
CA GLY B 112 -38.45 11.12 12.25
C GLY B 112 -39.63 11.68 13.01
N HIS B 113 -39.97 11.06 14.13
CA HIS B 113 -41.12 11.50 14.90
C HIS B 113 -40.92 12.82 15.65
N PHE B 114 -39.76 13.01 16.27
CA PHE B 114 -39.51 14.21 17.05
C PHE B 114 -38.87 15.26 16.14
N THR B 115 -39.42 16.49 16.20
CA THR B 115 -39.09 17.57 15.27
C THR B 115 -38.97 18.97 15.91
N ASP B 116 -39.45 19.14 17.14
CA ASP B 116 -39.47 20.47 17.78
C ASP B 116 -39.61 20.29 19.29
N PHE B 117 -38.69 20.86 20.07
CA PHE B 117 -38.77 20.68 21.51
C PHE B 117 -39.35 21.89 22.23
N GLU B 118 -39.87 22.85 21.44
CA GLU B 118 -40.71 23.91 21.96
C GLU B 118 -42.19 23.58 21.69
N ASP B 119 -42.42 22.38 21.17
CA ASP B 119 -43.77 21.81 21.08
C ASP B 119 -44.07 21.07 22.38
N LYS B 120 -45.04 21.57 23.13
CA LYS B 120 -45.38 21.01 24.43
C LYS B 120 -45.58 19.49 24.35
N GLN B 121 -46.38 19.08 23.38
CA GLN B 121 -46.75 17.68 23.25
C GLN B 121 -45.53 16.77 23.13
N GLN B 122 -44.56 17.18 22.31
CA GLN B 122 -43.38 16.35 22.05
C GLN B 122 -42.56 16.17 23.32
N VAL B 123 -42.43 17.24 24.09
CA VAL B 123 -41.70 17.17 25.35
C VAL B 123 -42.24 16.03 26.23
N PHE B 124 -43.55 16.00 26.46
CA PHE B 124 -44.18 14.91 27.22
C PHE B 124 -43.87 13.57 26.59
N GLU B 125 -44.06 13.47 25.29
CA GLU B 125 -43.82 12.20 24.59
C GLU B 125 -42.38 11.73 24.82
N TRP B 126 -41.43 12.65 24.75
CA TRP B 126 -40.03 12.32 24.92
C TRP B 126 -39.79 11.79 26.32
N LYS B 127 -40.46 12.40 27.30
CA LYS B 127 -40.31 11.97 28.68
C LYS B 127 -40.74 10.52 28.78
N ASP B 128 -41.89 10.22 28.19
CA ASP B 128 -42.42 8.88 28.20
C ASP B 128 -41.52 7.90 27.47
N LEU B 129 -40.87 8.38 26.42
CA LEU B 129 -39.97 7.53 25.69
C LEU B 129 -38.79 7.15 26.57
N VAL B 130 -38.21 8.16 27.19
CA VAL B 130 -37.06 7.94 28.04
C VAL B 130 -37.45 7.02 29.20
N SER B 131 -38.62 7.25 29.81
CA SER B 131 -39.06 6.40 30.90
C SER B 131 -39.23 4.97 30.41
N SER B 132 -39.98 4.82 29.32
CA SER B 132 -40.24 3.53 28.75
C SER B 132 -38.92 2.81 28.44
N LEU B 133 -38.01 3.59 27.88
CA LEU B 133 -36.67 3.14 27.55
C LEU B 133 -35.93 2.53 28.76
N ALA B 134 -35.84 3.30 29.83
CA ALA B 134 -35.05 2.92 30.99
C ALA B 134 -35.66 1.73 31.72
N ARG B 135 -36.98 1.79 31.90
CA ARG B 135 -37.68 0.71 32.58
C ARG B 135 -37.56 -0.62 31.84
N ARG B 136 -37.50 -0.55 30.52
CA ARG B 136 -37.26 -1.75 29.73
C ARG B 136 -35.93 -2.37 30.09
N TYR B 137 -34.84 -1.61 30.03
CA TYR B 137 -33.53 -2.24 30.12
C TYR B 137 -33.19 -2.58 31.55
N ILE B 138 -33.78 -1.84 32.49
CA ILE B 138 -33.72 -2.25 33.89
C ILE B 138 -34.34 -3.63 34.01
N GLY B 139 -35.46 -3.84 33.34
CA GLY B 139 -36.09 -5.15 33.32
C GLY B 139 -35.27 -6.19 32.59
N ARG B 140 -34.55 -5.76 31.55
CA ARG B 140 -33.74 -6.67 30.75
C ARG B 140 -32.41 -7.03 31.44
N TYR B 141 -31.68 -6.01 31.90
CA TYR B 141 -30.35 -6.23 32.46
C TYR B 141 -30.27 -6.09 33.98
N GLY B 142 -31.30 -5.55 34.62
CA GLY B 142 -31.29 -5.33 36.08
C GLY B 142 -30.96 -3.89 36.47
N LEU B 143 -31.47 -3.44 37.61
CA LEU B 143 -31.27 -2.05 38.04
C LEU B 143 -29.82 -1.76 38.46
N ALA B 144 -29.22 -2.72 39.16
CA ALA B 144 -27.83 -2.61 39.58
C ALA B 144 -26.91 -2.32 38.41
N HIS B 145 -27.10 -3.02 37.31
CA HIS B 145 -26.21 -2.87 36.16
C HIS B 145 -26.52 -1.56 35.44
N VAL B 146 -27.81 -1.30 35.19
CA VAL B 146 -28.24 -0.11 34.44
C VAL B 146 -28.00 1.20 35.20
N SER B 147 -27.90 1.09 36.54
CA SER B 147 -27.55 2.23 37.37
C SER B 147 -26.13 2.70 37.14
N LYS B 148 -25.31 1.83 36.55
CA LYS B 148 -23.94 2.20 36.21
C LYS B 148 -23.83 3.01 34.93
N TRP B 149 -24.89 3.04 34.13
CA TRP B 149 -24.83 3.74 32.83
C TRP B 149 -24.78 5.26 32.97
N ASN B 150 -23.92 5.87 32.20
CA ASN B 150 -23.85 7.31 32.09
C ASN B 150 -24.80 7.82 31.00
N PHE B 151 -26.05 8.10 31.33
CA PHE B 151 -26.95 8.74 30.37
C PHE B 151 -26.46 10.16 30.13
N GLU B 152 -26.58 10.62 28.89
CA GLU B 152 -26.10 11.93 28.57
C GLU B 152 -27.10 12.69 27.71
N THR B 153 -26.90 13.99 27.55
CA THR B 153 -27.72 14.74 26.62
C THR B 153 -27.22 14.52 25.20
N TRP B 154 -28.05 14.97 24.25
CA TRP B 154 -27.70 15.01 22.84
C TRP B 154 -26.31 15.56 22.68
N ASN B 155 -25.48 14.85 21.94
CA ASN B 155 -24.11 15.28 21.70
C ASN B 155 -23.95 16.68 21.06
N GLU B 156 -23.00 17.45 21.59
CA GLU B 156 -22.58 18.73 21.02
C GLU B 156 -23.71 19.60 20.51
N PRO B 157 -24.58 20.05 21.42
CA PRO B 157 -25.74 20.85 21.06
C PRO B 157 -25.40 22.20 20.42
N ASP B 158 -24.19 22.70 20.68
CA ASP B 158 -23.74 23.95 20.07
C ASP B 158 -23.06 23.76 18.72
N HIS B 159 -23.08 22.54 18.21
CA HIS B 159 -22.49 22.26 16.91
C HIS B 159 -23.55 21.98 15.84
N HIS B 160 -24.81 22.03 16.23
CA HIS B 160 -25.93 21.89 15.29
C HIS B 160 -25.98 20.54 14.57
N ASP B 161 -25.75 19.44 15.29
CA ASP B 161 -25.91 18.09 14.73
C ASP B 161 -27.27 17.49 15.11
N PHE B 162 -28.35 18.22 14.81
CA PHE B 162 -29.70 17.79 15.18
C PHE B 162 -30.53 17.20 14.02
N ASP B 163 -29.92 17.11 12.83
CA ASP B 163 -30.62 16.65 11.64
C ASP B 163 -31.90 17.47 11.48
N ASN B 164 -33.05 16.81 11.39
CA ASN B 164 -34.30 17.52 11.13
C ASN B 164 -34.98 18.09 12.38
N VAL B 165 -34.29 17.96 13.52
CA VAL B 165 -34.82 18.37 14.81
C VAL B 165 -34.50 19.84 15.10
N SER B 166 -35.51 20.56 15.58
CA SER B 166 -35.38 21.95 15.95
C SER B 166 -35.14 22.02 17.45
N MET B 167 -33.88 22.22 17.82
CA MET B 167 -33.48 22.29 19.21
C MET B 167 -32.98 23.69 19.54
N THR B 168 -33.87 24.58 19.93
CA THR B 168 -33.44 25.94 20.30
C THR B 168 -32.82 25.94 21.70
N MET B 169 -32.46 27.12 22.20
CA MET B 169 -32.05 27.27 23.60
C MET B 169 -33.15 26.70 24.50
N GLN B 170 -34.35 27.25 24.37
CA GLN B 170 -35.47 26.86 25.20
C GLN B 170 -35.82 25.40 24.96
N GLY B 171 -35.81 25.00 23.69
CA GLY B 171 -36.03 23.61 23.36
C GLY B 171 -35.11 22.69 24.15
N PHE B 172 -33.82 23.00 24.17
CA PHE B 172 -32.83 22.10 24.76
C PHE B 172 -33.03 21.89 26.26
N LEU B 173 -33.60 22.90 26.92
CA LEU B 173 -33.84 22.82 28.35
C LEU B 173 -35.09 22.00 28.59
N ASN B 174 -36.09 22.20 27.75
CA ASN B 174 -37.30 21.39 27.83
C ASN B 174 -36.89 19.94 27.63
N TYR B 175 -36.07 19.72 26.61
CA TYR B 175 -35.57 18.40 26.27
C TYR B 175 -34.78 17.81 27.45
N TYR B 176 -34.00 18.66 28.12
CA TYR B 176 -33.24 18.18 29.25
C TYR B 176 -34.16 17.75 30.39
N ASP B 177 -35.14 18.59 30.69
CA ASP B 177 -36.08 18.28 31.78
C ASP B 177 -36.84 16.97 31.50
N ALA B 178 -37.13 16.71 30.23
CA ALA B 178 -37.75 15.46 29.86
C ALA B 178 -36.80 14.30 30.08
N CYS B 179 -35.52 14.49 29.75
CA CYS B 179 -34.52 13.45 29.99
C CYS B 179 -34.42 13.12 31.48
N SER B 180 -34.31 14.17 32.28
CA SER B 180 -34.17 14.03 33.73
C SER B 180 -35.40 13.40 34.40
N GLU B 181 -36.58 13.91 34.06
CA GLU B 181 -37.83 13.45 34.66
C GLU B 181 -38.27 12.10 34.12
N GLY B 182 -37.81 11.77 32.92
CA GLY B 182 -38.10 10.48 32.33
C GLY B 182 -37.25 9.40 32.99
N LEU B 183 -35.97 9.67 33.16
CA LEU B 183 -35.09 8.71 33.82
C LEU B 183 -35.49 8.59 35.26
N ARG B 184 -35.93 9.69 35.85
CA ARG B 184 -36.35 9.66 37.24
C ARG B 184 -37.52 8.69 37.37
N ALA B 185 -38.47 8.81 36.45
CA ALA B 185 -39.69 8.02 36.50
C ALA B 185 -39.40 6.53 36.43
N ALA B 186 -38.27 6.18 35.84
CA ALA B 186 -37.82 4.80 35.81
C ALA B 186 -37.21 4.45 37.16
N SER B 187 -36.22 5.23 37.55
CA SER B 187 -35.65 5.13 38.89
C SER B 187 -34.87 6.40 39.23
N PRO B 188 -34.87 6.80 40.49
CA PRO B 188 -34.02 7.89 40.99
C PRO B 188 -32.53 7.59 41.03
N ALA B 189 -32.15 6.31 40.92
CA ALA B 189 -30.73 5.96 40.96
C ALA B 189 -30.00 6.22 39.63
N LEU B 190 -30.75 6.32 38.54
CA LEU B 190 -30.13 6.49 37.22
C LEU B 190 -29.41 7.83 37.11
N ARG B 191 -28.20 7.79 36.58
CA ARG B 191 -27.32 8.96 36.51
C ARG B 191 -27.52 9.69 35.16
N LEU B 192 -27.52 11.03 35.19
CA LEU B 192 -27.65 11.82 33.96
C LEU B 192 -26.72 13.04 33.97
N GLY B 193 -26.01 13.25 32.85
CA GLY B 193 -25.08 14.37 32.68
C GLY B 193 -25.14 15.02 31.32
N GLY B 194 -24.36 16.09 31.14
CA GLY B 194 -24.36 16.89 29.89
C GLY B 194 -23.47 18.12 30.00
N PRO B 195 -23.40 18.95 28.95
CA PRO B 195 -24.08 18.83 27.67
C PRO B 195 -23.19 18.19 26.61
N GLY B 196 -21.94 17.92 26.94
CA GLY B 196 -21.03 17.32 25.97
C GLY B 196 -20.66 18.29 24.85
N ASP B 197 -19.95 19.35 25.22
CA ASP B 197 -19.50 20.35 24.26
C ASP B 197 -18.32 21.09 24.89
N SER B 198 -17.89 22.19 24.27
CA SER B 198 -16.58 22.79 24.58
C SER B 198 -16.57 23.99 25.55
N PHE B 199 -17.73 24.48 25.95
CA PHE B 199 -17.76 25.59 26.89
C PHE B 199 -16.76 26.68 26.55
N HIS B 200 -16.76 27.15 25.30
CA HIS B 200 -15.94 28.30 24.94
C HIS B 200 -16.50 29.58 25.54
N THR B 201 -15.63 30.54 25.78
CA THR B 201 -16.02 31.81 26.39
C THR B 201 -17.24 32.41 25.73
N PRO B 202 -18.22 32.85 26.54
CA PRO B 202 -19.38 33.53 25.97
C PRO B 202 -18.95 34.66 25.06
N PRO B 203 -19.75 34.93 24.01
CA PRO B 203 -21.04 34.29 23.73
C PRO B 203 -20.97 32.96 22.98
N ARG B 204 -19.86 32.25 23.07
CA ARG B 204 -19.79 30.94 22.42
C ARG B 204 -20.40 29.88 23.33
N SER B 205 -20.85 28.77 22.73
CA SER B 205 -21.39 27.63 23.47
C SER B 205 -22.65 27.96 24.29
N PRO B 206 -23.55 28.81 23.75
CA PRO B 206 -24.72 29.28 24.50
C PRO B 206 -25.56 28.18 25.14
N LEU B 207 -25.76 27.06 24.47
CA LEU B 207 -26.59 25.99 25.05
C LEU B 207 -25.85 25.31 26.21
N SER B 208 -24.57 25.01 26.02
CA SER B 208 -23.77 24.45 27.10
C SER B 208 -23.86 25.29 28.37
N TRP B 209 -23.71 26.61 28.23
CA TRP B 209 -23.81 27.53 29.37
C TRP B 209 -25.26 27.60 29.83
N GLY B 210 -26.16 27.75 28.88
CA GLY B 210 -27.58 27.90 29.17
C GLY B 210 -28.14 26.76 29.99
N LEU B 211 -27.60 25.57 29.76
CA LEU B 211 -28.00 24.38 30.53
C LEU B 211 -27.59 24.47 31.99
N LEU B 212 -26.34 24.83 32.24
CA LEU B 212 -25.86 24.96 33.60
C LEU B 212 -26.68 26.02 34.35
N ARG B 213 -27.03 27.10 33.67
CA ARG B 213 -27.85 28.14 34.30
C ARG B 213 -29.19 27.57 34.68
N HIS B 214 -29.75 26.78 33.77
CA HIS B 214 -31.05 26.18 33.96
C HIS B 214 -31.08 25.20 35.12
N CYS B 215 -30.12 24.28 35.15
CA CYS B 215 -30.01 23.31 36.23
C CYS B 215 -29.71 23.98 37.59
N HIS B 216 -28.85 25.00 37.56
CA HIS B 216 -28.50 25.71 38.76
C HIS B 216 -29.67 26.52 39.29
N ASP B 217 -30.27 27.37 38.44
CA ASP B 217 -31.27 28.37 38.90
C ASP B 217 -32.64 28.22 38.25
N GLY B 218 -32.69 27.85 36.98
CA GLY B 218 -33.95 27.76 36.24
C GLY B 218 -34.99 26.83 36.85
N THR B 219 -36.21 26.89 36.34
CA THR B 219 -37.29 26.05 36.83
C THR B 219 -37.59 24.87 35.89
N ASN B 220 -37.81 23.71 36.49
CA ASN B 220 -38.19 22.46 35.82
C ASN B 220 -39.46 22.56 34.95
N PHE B 221 -39.39 22.01 33.74
CA PHE B 221 -40.52 22.06 32.81
C PHE B 221 -41.76 21.38 33.37
N PHE B 222 -41.58 20.27 34.06
CA PHE B 222 -42.70 19.43 34.49
C PHE B 222 -43.15 19.70 35.92
N THR B 223 -42.20 19.86 36.84
CA THR B 223 -42.54 20.05 38.25
C THR B 223 -42.61 21.52 38.63
N GLY B 224 -42.01 22.38 37.82
CA GLY B 224 -42.08 23.80 38.08
C GLY B 224 -41.18 24.27 39.20
N GLU B 225 -40.43 23.35 39.80
CA GLU B 225 -39.58 23.69 40.93
C GLU B 225 -38.24 24.24 40.47
N ALA B 226 -37.59 25.04 41.30
CA ALA B 226 -36.31 25.66 40.94
C ALA B 226 -35.12 24.72 41.14
N GLY B 227 -34.23 24.68 40.16
CA GLY B 227 -33.11 23.78 40.18
C GLY B 227 -33.50 22.47 39.54
N VAL B 228 -32.59 21.90 38.75
CA VAL B 228 -32.78 20.59 38.13
C VAL B 228 -31.52 19.74 38.27
N ARG B 229 -31.73 18.45 38.53
CA ARG B 229 -30.64 17.48 38.73
C ARG B 229 -29.62 17.57 37.61
N LEU B 230 -28.36 17.38 37.96
CA LEU B 230 -27.26 17.34 36.99
C LEU B 230 -26.09 16.64 37.64
N ASP B 231 -25.96 15.34 37.39
CA ASP B 231 -25.06 14.47 38.14
C ASP B 231 -23.59 14.56 37.69
N TYR B 232 -23.37 15.09 36.48
CA TYR B 232 -22.02 15.31 35.99
C TYR B 232 -22.02 16.23 34.77
N ILE B 233 -21.00 17.08 34.69
CA ILE B 233 -20.87 18.03 33.60
C ILE B 233 -19.84 17.52 32.58
N SER B 234 -20.32 17.07 31.43
CA SER B 234 -19.47 16.48 30.43
C SER B 234 -19.09 17.56 29.44
N LEU B 235 -17.83 17.55 29.01
CA LEU B 235 -17.36 18.49 28.01
C LEU B 235 -16.43 17.82 26.97
N HIS B 236 -16.19 18.50 25.85
CA HIS B 236 -15.20 18.06 24.89
C HIS B 236 -14.16 19.13 24.67
N ARG B 237 -12.90 18.75 24.87
CA ARG B 237 -11.77 19.58 24.49
C ARG B 237 -10.70 18.68 23.92
N LYS B 238 -10.25 19.00 22.70
CA LYS B 238 -9.24 18.20 22.02
C LYS B 238 -7.90 18.93 22.01
N GLY B 239 -6.84 18.19 21.68
CA GLY B 239 -5.47 18.66 21.88
C GLY B 239 -4.87 19.51 20.77
N ALA B 240 -5.28 19.27 19.54
CA ALA B 240 -4.62 19.85 18.36
C ALA B 240 -3.12 19.46 18.35
N ARG B 241 -2.89 18.15 18.44
CA ARG B 241 -1.56 17.51 18.44
C ARG B 241 -0.77 17.76 19.71
N SER B 242 -1.47 18.26 20.74
CA SER B 242 -0.83 18.73 21.97
C SER B 242 -1.47 18.08 23.18
N SER B 243 -0.71 17.24 23.89
CA SER B 243 -1.26 16.47 25.01
C SER B 243 -1.56 17.31 26.25
N ILE B 244 -0.65 18.21 26.59
CA ILE B 244 -0.80 19.05 27.76
C ILE B 244 -1.91 20.09 27.56
N SER B 245 -2.17 20.45 26.31
CA SER B 245 -3.24 21.42 25.98
C SER B 245 -4.62 20.93 26.45
N ILE B 246 -4.82 19.62 26.41
CA ILE B 246 -6.07 19.07 26.88
C ILE B 246 -6.29 19.45 28.34
N LEU B 247 -5.35 19.06 29.20
CA LEU B 247 -5.43 19.40 30.61
C LEU B 247 -5.61 20.91 30.87
N GLU B 248 -4.86 21.74 30.16
CA GLU B 248 -4.90 23.20 30.36
C GLU B 248 -6.25 23.78 30.00
N GLN B 249 -6.88 23.28 28.95
CA GLN B 249 -8.22 23.74 28.58
C GLN B 249 -9.27 23.34 29.62
N GLU B 250 -9.16 22.12 30.12
CA GLU B 250 -10.08 21.63 31.13
C GLU B 250 -10.06 22.48 32.40
N LYS B 251 -8.87 22.88 32.82
CA LYS B 251 -8.74 23.69 34.02
C LYS B 251 -9.36 25.08 33.86
N VAL B 252 -9.16 25.70 32.70
CA VAL B 252 -9.79 26.99 32.41
C VAL B 252 -11.30 26.88 32.54
N VAL B 253 -11.85 25.82 31.96
CA VAL B 253 -13.28 25.58 31.98
C VAL B 253 -13.80 25.20 33.37
N ALA B 254 -13.05 24.39 34.10
CA ALA B 254 -13.50 23.90 35.40
C ALA B 254 -13.54 25.04 36.41
N GLN B 255 -12.55 25.92 36.34
CA GLN B 255 -12.49 27.09 37.21
C GLN B 255 -13.61 28.07 36.87
N GLN B 256 -13.89 28.27 35.59
CA GLN B 256 -14.98 29.14 35.16
C GLN B 256 -16.31 28.64 35.75
N ILE B 257 -16.49 27.33 35.77
CA ILE B 257 -17.72 26.71 36.33
C ILE B 257 -17.82 26.82 37.86
N ARG B 258 -16.69 26.71 38.55
CA ARG B 258 -16.64 26.74 40.01
C ARG B 258 -17.04 28.11 40.56
N GLN B 259 -16.75 29.16 39.79
CA GLN B 259 -17.06 30.54 40.18
C GLN B 259 -18.44 30.98 39.76
N LEU B 260 -18.85 30.58 38.56
CA LEU B 260 -20.12 30.99 38.04
C LEU B 260 -21.28 30.16 38.60
N PHE B 261 -20.98 28.95 39.10
CA PHE B 261 -22.01 28.01 39.57
C PHE B 261 -21.60 27.30 40.83
N PRO B 262 -21.72 27.98 41.98
CA PRO B 262 -21.27 27.45 43.26
C PRO B 262 -21.80 26.06 43.53
N LYS B 263 -23.06 25.81 43.17
CA LYS B 263 -23.69 24.51 43.44
C LYS B 263 -23.06 23.34 42.68
N PHE B 264 -22.22 23.63 41.68
CA PHE B 264 -21.53 22.58 40.93
C PHE B 264 -20.05 22.49 41.28
N ALA B 265 -19.69 22.98 42.46
CA ALA B 265 -18.30 22.93 42.91
C ALA B 265 -17.78 21.50 43.01
N ASP B 266 -18.65 20.57 43.36
CA ASP B 266 -18.27 19.17 43.57
C ASP B 266 -18.82 18.25 42.49
N THR B 267 -19.41 18.84 41.46
CA THR B 267 -20.02 18.06 40.40
C THR B 267 -18.91 17.46 39.56
N PRO B 268 -18.89 16.12 39.45
CA PRO B 268 -17.91 15.49 38.57
C PRO B 268 -17.88 16.07 37.15
N ILE B 269 -16.69 16.09 36.54
CA ILE B 269 -16.53 16.54 35.17
C ILE B 269 -15.97 15.41 34.31
N TYR B 270 -16.63 15.17 33.18
CA TYR B 270 -16.19 14.21 32.19
C TYR B 270 -15.61 14.99 31.00
N ASN B 271 -14.50 14.50 30.45
CA ASN B 271 -14.11 14.89 29.11
C ASN B 271 -14.17 13.64 28.28
N ASP B 272 -15.34 13.41 27.68
CA ASP B 272 -15.60 12.16 26.99
C ASP B 272 -15.32 12.24 25.48
N GLU B 273 -14.61 13.29 25.06
CA GLU B 273 -13.91 13.26 23.79
C GLU B 273 -12.55 13.95 23.91
N ALA B 274 -11.61 13.27 24.60
CA ALA B 274 -10.29 13.86 24.96
C ALA B 274 -9.15 13.47 24.02
N ASP B 275 -9.37 13.69 22.73
CA ASP B 275 -8.45 13.19 21.73
C ASP B 275 -7.38 14.20 21.38
N PRO B 276 -6.21 13.73 20.93
CA PRO B 276 -5.17 14.62 20.41
C PRO B 276 -5.63 15.50 19.25
N LEU B 277 -6.46 14.97 18.36
CA LEU B 277 -6.85 15.72 17.18
C LEU B 277 -8.32 15.54 16.87
N VAL B 278 -8.98 16.66 16.57
CA VAL B 278 -10.36 16.64 16.07
C VAL B 278 -10.34 16.16 14.61
N GLY B 279 -11.40 15.46 14.22
CA GLY B 279 -11.50 14.86 12.90
C GLY B 279 -10.94 13.46 12.89
N TRP B 280 -11.79 12.50 13.26
CA TRP B 280 -11.36 11.11 13.37
C TRP B 280 -11.02 10.49 12.03
N SER B 281 -11.69 10.96 10.97
CA SER B 281 -11.58 10.33 9.65
C SER B 281 -10.30 10.74 8.92
N LEU B 282 -9.79 11.92 9.24
CA LEU B 282 -8.57 12.44 8.63
C LEU B 282 -7.39 11.50 8.94
N PRO B 283 -6.73 10.95 7.90
CA PRO B 283 -5.63 10.02 8.12
C PRO B 283 -4.38 10.69 8.68
N GLN B 284 -3.77 10.07 9.69
CA GLN B 284 -2.56 10.61 10.32
C GLN B 284 -1.63 9.45 10.58
N PRO B 285 -0.39 9.54 10.07
CA PRO B 285 0.61 8.49 10.27
C PRO B 285 0.71 8.04 11.72
N TRP B 286 0.73 9.00 12.63
CA TRP B 286 0.93 8.72 14.05
C TRP B 286 -0.23 7.93 14.66
N ARG B 287 -1.43 8.15 14.11
CA ARG B 287 -2.62 7.41 14.53
C ARG B 287 -2.54 5.91 14.22
N ALA B 288 -1.49 5.50 13.53
CA ALA B 288 -1.41 4.12 13.08
C ALA B 288 -0.66 3.20 14.04
N ASP B 289 0.27 3.75 14.81
CA ASP B 289 1.23 2.89 15.51
C ASP B 289 1.33 3.19 17.01
N VAL B 290 2.54 3.10 17.57
CA VAL B 290 2.75 3.24 19.02
C VAL B 290 2.80 4.72 19.36
N THR B 291 2.91 5.57 18.35
CA THR B 291 2.89 7.02 18.57
C THR B 291 1.56 7.44 19.20
N TYR B 292 0.44 7.10 18.56
CA TYR B 292 -0.87 7.39 19.15
C TYR B 292 -0.96 6.72 20.51
N ALA B 293 -0.53 5.46 20.56
CA ALA B 293 -0.63 4.63 21.76
C ALA B 293 0.05 5.24 22.98
N ALA B 294 1.30 5.69 22.80
CA ALA B 294 2.06 6.27 23.90
C ALA B 294 1.51 7.62 24.31
N MET B 295 0.94 8.37 23.36
CA MET B 295 0.43 9.71 23.65
C MET B 295 -0.84 9.67 24.49
N VAL B 296 -1.64 8.63 24.27
CA VAL B 296 -2.81 8.38 25.09
C VAL B 296 -2.41 8.10 26.54
N VAL B 297 -1.36 7.31 26.73
CA VAL B 297 -0.86 7.03 28.08
C VAL B 297 -0.37 8.32 28.73
N LYS B 298 0.35 9.11 27.95
CA LYS B 298 0.90 10.38 28.43
C LYS B 298 -0.21 11.33 28.88
N VAL B 299 -1.19 11.57 28.00
CA VAL B 299 -2.36 12.39 28.35
C VAL B 299 -2.99 11.95 29.68
N ILE B 300 -3.18 10.64 29.83
CA ILE B 300 -3.73 10.06 31.06
C ILE B 300 -2.84 10.34 32.27
N ALA B 301 -1.58 9.92 32.19
CA ALA B 301 -0.62 10.19 33.27
C ALA B 301 -0.60 11.68 33.64
N GLN B 302 -0.66 12.55 32.64
CA GLN B 302 -0.70 13.98 32.89
C GLN B 302 -1.84 14.33 33.86
N HIS B 303 -3.01 13.78 33.60
CA HIS B 303 -4.21 14.08 34.41
C HIS B 303 -4.08 13.54 35.82
N GLN B 304 -3.68 12.27 35.93
CA GLN B 304 -3.53 11.65 37.23
C GLN B 304 -2.49 12.38 38.09
N ASN B 305 -1.32 12.66 37.51
CA ASN B 305 -0.23 13.29 38.25
C ASN B 305 -0.36 14.79 38.44
N LEU B 306 -0.93 15.49 37.45
CA LEU B 306 -1.06 16.94 37.50
C LEU B 306 -2.49 17.40 37.71
N LEU B 307 -3.34 16.55 38.26
CA LEU B 307 -4.74 16.94 38.45
C LEU B 307 -5.50 16.13 39.49
N LEU B 308 -5.13 14.87 39.66
CA LEU B 308 -5.81 14.01 40.64
C LEU B 308 -4.90 13.61 41.81
N ALA B 309 -3.60 13.48 41.57
CA ALA B 309 -2.65 13.35 42.67
C ALA B 309 -2.73 14.63 43.48
N ASN B 310 -2.54 14.53 44.80
CA ASN B 310 -2.66 15.71 45.64
C ASN B 310 -2.38 16.97 44.81
N THR B 311 -3.37 17.88 44.79
CA THR B 311 -3.25 19.12 44.05
C THR B 311 -4.10 20.16 44.76
N THR B 312 -3.71 21.42 44.70
CA THR B 312 -4.41 22.48 45.41
C THR B 312 -5.81 22.73 44.83
N SER B 313 -5.88 22.92 43.50
CA SER B 313 -7.14 23.16 42.79
C SER B 313 -8.16 22.08 43.12
N ALA B 314 -7.72 20.82 42.93
CA ALA B 314 -8.55 19.65 43.14
C ALA B 314 -9.88 19.85 42.43
N PHE B 315 -9.87 19.77 41.11
CA PHE B 315 -11.10 19.82 40.33
C PHE B 315 -11.69 18.43 40.31
N PRO B 316 -13.03 18.32 40.35
CA PRO B 316 -13.71 17.04 40.40
C PRO B 316 -13.79 16.37 39.02
N TYR B 317 -12.78 15.59 38.66
CA TYR B 317 -12.63 15.07 37.30
C TYR B 317 -12.74 13.57 37.32
N ALA B 318 -13.81 13.05 36.74
CA ALA B 318 -14.15 11.65 36.96
C ALA B 318 -13.86 10.73 35.79
N LEU B 319 -13.85 11.28 34.57
CA LEU B 319 -13.95 10.45 33.35
C LEU B 319 -13.26 11.10 32.16
N LEU B 320 -12.46 10.30 31.46
CA LEU B 320 -11.76 10.73 30.25
C LEU B 320 -11.95 9.66 29.18
N SER B 321 -12.54 10.04 28.06
CA SER B 321 -12.82 9.08 27.01
C SER B 321 -12.12 9.44 25.73
N ASN B 322 -11.35 8.50 25.18
CA ASN B 322 -10.78 8.64 23.86
C ASN B 322 -11.78 8.13 22.86
N ASP B 323 -12.30 9.04 22.02
CA ASP B 323 -13.41 8.74 21.11
C ASP B 323 -12.94 8.03 19.86
N ASN B 324 -12.52 6.78 20.02
CA ASN B 324 -11.77 6.06 19.00
C ASN B 324 -12.28 4.67 18.65
N ALA B 325 -13.60 4.45 18.73
CA ALA B 325 -14.21 3.13 18.44
C ALA B 325 -14.82 3.05 17.04
N PHE B 326 -14.51 4.06 16.22
CA PHE B 326 -14.90 4.06 14.82
C PHE B 326 -14.32 2.87 14.09
N LEU B 327 -14.91 2.56 12.95
CA LEU B 327 -14.38 1.53 12.07
C LEU B 327 -13.62 2.25 10.98
N SER B 328 -12.37 1.83 10.77
CA SER B 328 -11.58 2.44 9.73
C SER B 328 -12.13 1.96 8.41
N TYR B 329 -12.05 2.81 7.40
CA TYR B 329 -12.45 2.43 6.05
C TYR B 329 -11.30 2.63 5.06
N HIS B 330 -11.42 1.99 3.90
CA HIS B 330 -10.43 2.08 2.80
C HIS B 330 -10.42 3.49 2.17
N PRO B 331 -9.23 3.98 1.78
CA PRO B 331 -7.93 3.35 1.79
C PRO B 331 -7.08 3.78 2.99
N HIS B 332 -7.69 3.91 4.17
CA HIS B 332 -6.97 4.29 5.38
C HIS B 332 -7.27 3.32 6.48
N PRO B 333 -6.74 2.10 6.38
CA PRO B 333 -7.04 1.07 7.37
C PRO B 333 -6.38 1.30 8.74
N PHE B 334 -5.23 1.95 8.76
CA PHE B 334 -4.50 2.15 10.01
C PHE B 334 -4.40 3.61 10.46
N ALA B 335 -4.51 4.52 9.50
CA ALA B 335 -4.22 5.95 9.73
C ALA B 335 -5.33 6.73 10.41
N GLN B 336 -6.49 6.12 10.64
CA GLN B 336 -7.61 6.85 11.25
C GLN B 336 -7.68 6.62 12.74
N ARG B 337 -8.42 7.48 13.45
CA ARG B 337 -8.50 7.39 14.90
C ARG B 337 -9.44 6.29 15.32
N THR B 338 -8.91 5.08 15.30
CA THR B 338 -9.68 3.90 15.63
C THR B 338 -8.82 2.99 16.47
N LEU B 339 -9.47 2.11 17.24
CA LEU B 339 -8.78 1.10 18.03
C LEU B 339 -8.39 -0.07 17.17
N THR B 340 -9.23 -0.42 16.20
CA THR B 340 -8.95 -1.53 15.28
C THR B 340 -8.74 -1.09 13.83
N ALA B 341 -7.98 -1.89 13.10
CA ALA B 341 -7.75 -1.68 11.69
C ALA B 341 -8.57 -2.68 10.92
N ARG B 342 -9.58 -2.17 10.21
CA ARG B 342 -10.48 -3.01 9.45
C ARG B 342 -9.95 -3.32 8.06
N PHE B 343 -10.11 -4.57 7.63
CA PHE B 343 -9.75 -5.00 6.31
C PHE B 343 -10.92 -5.74 5.69
N GLN B 344 -11.56 -5.10 4.71
CA GLN B 344 -12.60 -5.73 3.92
C GLN B 344 -11.96 -6.56 2.80
N VAL B 345 -11.95 -7.88 2.98
CA VAL B 345 -11.39 -8.81 2.01
C VAL B 345 -12.45 -9.22 1.00
N ASN B 346 -12.40 -8.61 -0.18
CA ASN B 346 -13.45 -8.76 -1.21
C ASN B 346 -13.17 -9.82 -2.27
N ASN B 347 -11.95 -10.32 -2.30
CA ASN B 347 -11.55 -11.41 -3.22
C ASN B 347 -11.94 -12.82 -2.75
N THR B 348 -12.45 -12.96 -1.52
CA THR B 348 -12.94 -14.27 -1.08
C THR B 348 -14.41 -14.39 -1.44
N ARG B 349 -14.88 -15.63 -1.44
CA ARG B 349 -16.26 -15.91 -1.73
C ARG B 349 -16.81 -16.76 -0.60
N PRO B 350 -17.66 -16.17 0.27
CA PRO B 350 -18.08 -14.77 0.18
C PRO B 350 -17.03 -13.80 0.70
N PRO B 351 -17.10 -12.54 0.28
CA PRO B 351 -16.24 -11.54 0.90
C PRO B 351 -16.36 -11.58 2.43
N HIS B 352 -15.32 -11.15 3.15
CA HIS B 352 -15.33 -11.15 4.61
C HIS B 352 -14.50 -10.00 5.18
N VAL B 353 -14.62 -9.80 6.50
CA VAL B 353 -13.89 -8.74 7.19
C VAL B 353 -13.03 -9.29 8.30
N GLN B 354 -11.93 -8.58 8.57
CA GLN B 354 -11.05 -8.90 9.67
C GLN B 354 -10.54 -7.61 10.28
N LEU B 355 -10.20 -7.66 11.56
CA LEU B 355 -9.63 -6.51 12.24
C LEU B 355 -8.25 -6.84 12.77
N LEU B 356 -7.42 -5.82 12.90
CA LEU B 356 -6.17 -5.97 13.62
C LEU B 356 -6.22 -5.07 14.83
N ARG B 357 -5.65 -5.57 15.93
CA ARG B 357 -5.56 -4.81 17.16
C ARG B 357 -4.43 -3.79 17.03
N LYS B 358 -4.79 -2.51 17.02
CA LYS B 358 -3.77 -1.47 16.90
C LYS B 358 -2.98 -1.26 18.21
N PRO B 359 -1.76 -0.72 18.10
CA PRO B 359 -0.98 -0.47 19.30
C PRO B 359 -1.73 0.33 20.39
N VAL B 360 -2.60 1.26 20.00
CA VAL B 360 -3.36 2.03 21.00
C VAL B 360 -4.26 1.10 21.80
N LEU B 361 -4.84 0.12 21.12
CA LEU B 361 -5.75 -0.83 21.75
C LEU B 361 -4.95 -1.75 22.67
N THR B 362 -3.81 -2.24 22.18
CA THR B 362 -2.90 -3.00 23.01
C THR B 362 -2.47 -2.17 24.23
N ALA B 363 -2.30 -0.86 24.05
CA ALA B 363 -1.87 0.03 25.14
C ALA B 363 -2.90 0.09 26.28
N MET B 364 -4.18 0.21 25.90
CA MET B 364 -5.26 0.13 26.87
C MET B 364 -5.13 -1.11 27.73
N GLY B 365 -4.55 -2.17 27.17
CA GLY B 365 -4.31 -3.42 27.89
C GLY B 365 -3.20 -3.36 28.94
N LEU B 366 -2.20 -2.52 28.71
CA LEU B 366 -1.14 -2.32 29.71
C LEU B 366 -1.68 -1.38 30.79
N LEU B 367 -2.37 -0.33 30.37
CA LEU B 367 -3.06 0.59 31.28
C LEU B 367 -3.97 -0.17 32.25
N ALA B 368 -4.53 -1.27 31.77
CA ALA B 368 -5.47 -2.07 32.55
C ALA B 368 -4.79 -2.81 33.69
N LEU B 369 -3.47 -2.96 33.62
CA LEU B 369 -2.75 -3.67 34.68
C LEU B 369 -2.48 -2.77 35.90
N LEU B 370 -2.72 -1.46 35.75
CA LEU B 370 -2.63 -0.52 36.86
C LEU B 370 -3.74 -0.77 37.87
N ASP B 371 -3.42 -0.65 39.16
CA ASP B 371 -4.32 -1.05 40.24
C ASP B 371 -4.95 0.16 40.92
N GLU B 372 -5.45 -0.06 42.13
CA GLU B 372 -6.31 0.89 42.83
C GLU B 372 -5.56 1.99 43.60
N GLU B 373 -4.28 1.76 43.91
CA GLU B 373 -3.52 2.71 44.71
C GLU B 373 -2.27 3.18 43.96
N GLN B 374 -2.07 4.50 43.86
CA GLN B 374 -0.91 5.07 43.19
C GLN B 374 0.37 5.13 44.05
N LEU B 375 1.48 4.68 43.48
CA LEU B 375 2.76 4.73 44.17
C LEU B 375 3.46 6.04 43.94
N TRP B 376 4.31 6.42 44.89
CA TRP B 376 5.15 7.60 44.79
C TRP B 376 6.18 7.37 43.69
N ALA B 377 6.41 8.38 42.86
CA ALA B 377 7.32 8.26 41.75
C ALA B 377 7.94 9.59 41.48
N GLU B 378 9.20 9.58 41.08
CA GLU B 378 9.87 10.80 40.67
C GLU B 378 10.71 10.54 39.42
N VAL B 379 10.37 11.25 38.36
CA VAL B 379 11.16 11.22 37.14
C VAL B 379 12.05 12.45 37.08
N SER B 380 13.31 12.26 36.70
CA SER B 380 14.26 13.36 36.65
C SER B 380 15.34 13.15 35.58
N GLN B 381 16.03 14.22 35.24
CA GLN B 381 17.14 14.14 34.29
C GLN B 381 18.23 15.14 34.66
N ALA B 382 19.38 14.60 35.10
CA ALA B 382 20.56 15.40 35.48
C ALA B 382 20.26 16.34 36.64
N GLY B 383 19.55 15.83 37.63
CA GLY B 383 19.24 16.61 38.83
C GLY B 383 17.82 17.14 38.80
N THR B 384 17.44 17.79 37.69
CA THR B 384 16.10 18.39 37.52
C THR B 384 14.99 17.32 37.48
N VAL B 385 14.00 17.49 38.35
CA VAL B 385 12.81 16.66 38.36
C VAL B 385 11.94 17.05 37.19
N LEU B 386 11.28 16.08 36.57
CA LEU B 386 10.43 16.36 35.44
C LEU B 386 9.03 15.82 35.71
N ASP B 387 8.02 16.64 35.43
CA ASP B 387 6.64 16.20 35.62
C ASP B 387 6.18 15.41 34.37
N SER B 388 4.88 15.19 34.22
CA SER B 388 4.38 14.44 33.09
C SER B 388 4.23 15.32 31.85
N ASN B 389 4.53 16.61 32.00
CA ASN B 389 4.49 17.55 30.89
C ASN B 389 5.83 17.49 30.15
N HIS B 390 6.35 16.27 30.02
CA HIS B 390 7.67 16.02 29.42
C HIS B 390 7.65 14.72 28.60
N THR B 391 8.64 14.57 27.73
CA THR B 391 8.67 13.44 26.79
C THR B 391 8.69 12.07 27.49
N VAL B 392 9.21 12.05 28.71
CA VAL B 392 9.26 10.82 29.50
C VAL B 392 8.53 11.03 30.82
N GLY B 393 7.78 10.00 31.23
CA GLY B 393 6.98 10.08 32.46
C GLY B 393 6.50 8.71 32.93
N VAL B 394 6.01 8.67 34.16
CA VAL B 394 5.71 7.39 34.77
C VAL B 394 4.43 7.43 35.57
N LEU B 395 3.76 6.30 35.59
CA LEU B 395 2.52 6.14 36.31
C LEU B 395 2.55 4.74 36.91
N ALA B 396 2.63 4.66 38.23
CA ALA B 396 2.88 3.38 38.93
C ALA B 396 1.89 3.15 40.05
N SER B 397 1.49 1.90 40.25
CA SER B 397 0.48 1.58 41.25
C SER B 397 0.81 0.31 42.04
N ALA B 398 0.10 0.12 43.15
CA ALA B 398 0.20 -1.10 43.96
C ALA B 398 -1.17 -1.62 44.31
N HIS B 399 -1.23 -2.88 44.75
CA HIS B 399 -2.49 -3.56 44.98
C HIS B 399 -2.55 -4.17 46.37
N ARG B 400 -3.63 -3.89 47.09
CA ARG B 400 -3.98 -4.65 48.29
C ARG B 400 -4.79 -5.88 47.89
N PRO B 401 -4.34 -7.08 48.31
CA PRO B 401 -5.04 -8.33 47.98
C PRO B 401 -6.41 -8.49 48.65
N GLN B 402 -7.30 -9.25 48.03
CA GLN B 402 -8.62 -9.52 48.59
C GLN B 402 -8.66 -10.93 49.18
N GLY B 403 -8.57 -11.93 48.32
CA GLY B 403 -8.57 -13.32 48.76
C GLY B 403 -7.19 -13.97 48.76
N PRO B 404 -7.13 -15.27 49.07
CA PRO B 404 -5.92 -16.03 48.81
C PRO B 404 -5.73 -16.32 47.30
N ALA B 405 -6.69 -15.89 46.47
CA ALA B 405 -6.58 -16.08 45.02
C ALA B 405 -5.79 -14.97 44.33
N ASP B 406 -5.57 -13.86 45.05
CA ASP B 406 -4.69 -12.80 44.59
C ASP B 406 -3.77 -12.32 45.72
N ALA B 407 -2.78 -11.51 45.35
CA ALA B 407 -1.72 -11.10 46.26
C ALA B 407 -1.25 -9.69 45.95
N TRP B 408 -0.19 -9.23 46.61
CA TRP B 408 0.36 -7.91 46.34
C TRP B 408 0.90 -7.81 44.92
N ARG B 409 0.64 -6.67 44.29
CA ARG B 409 1.07 -6.40 42.93
C ARG B 409 1.61 -4.98 42.83
N ALA B 410 2.40 -4.72 41.80
CA ALA B 410 2.90 -3.38 41.51
C ALA B 410 3.13 -3.24 40.01
N ALA B 411 2.36 -2.35 39.38
CA ALA B 411 2.51 -2.04 37.97
C ALA B 411 3.29 -0.75 37.81
N VAL B 412 4.31 -0.75 36.96
CA VAL B 412 5.07 0.45 36.64
C VAL B 412 5.03 0.70 35.14
N LEU B 413 4.25 1.70 34.73
CA LEU B 413 4.07 2.01 33.33
C LEU B 413 4.87 3.24 32.98
N ILE B 414 5.92 3.05 32.18
CA ILE B 414 6.76 4.14 31.73
C ILE B 414 6.43 4.44 30.27
N TYR B 415 6.20 5.71 29.96
CA TYR B 415 6.00 6.13 28.58
C TYR B 415 7.15 7.01 28.07
N ALA B 416 7.44 6.90 26.77
CA ALA B 416 8.32 7.84 26.05
C ALA B 416 7.55 8.37 24.83
N SER B 417 7.17 9.64 24.85
CA SER B 417 6.31 10.22 23.80
C SER B 417 6.46 11.71 23.57
N ASP B 418 6.69 12.09 22.32
CA ASP B 418 6.71 13.50 21.93
C ASP B 418 5.39 13.83 21.20
N ASP B 419 4.29 13.64 21.90
CA ASP B 419 2.94 13.78 21.34
C ASP B 419 2.83 13.08 19.98
N THR B 420 2.41 13.82 18.95
CA THR B 420 2.13 13.24 17.63
C THR B 420 3.37 13.06 16.77
N ARG B 421 4.44 13.76 17.12
CA ARG B 421 5.73 13.61 16.47
C ARG B 421 6.49 12.36 17.00
N ALA B 422 6.84 11.47 16.07
CA ALA B 422 7.69 10.34 16.39
C ALA B 422 9.14 10.65 15.98
N HIS B 423 10.08 9.88 16.52
CA HIS B 423 11.49 10.09 16.22
C HIS B 423 12.18 8.74 16.09
N PRO B 424 12.14 8.16 14.88
CA PRO B 424 12.67 6.82 14.59
C PRO B 424 14.16 6.69 14.88
N ASN B 425 14.94 7.71 14.54
CA ASN B 425 16.37 7.74 14.84
C ASN B 425 16.59 8.48 16.15
N ARG B 426 16.35 7.79 17.26
CA ARG B 426 16.49 8.37 18.59
C ARG B 426 16.49 7.25 19.62
N SER B 427 17.00 7.55 20.81
CA SER B 427 17.02 6.57 21.89
C SER B 427 17.18 7.24 23.25
N VAL B 428 16.24 6.99 24.16
CA VAL B 428 16.28 7.58 25.49
C VAL B 428 16.78 6.57 26.53
N ALA B 429 17.87 6.92 27.18
CA ALA B 429 18.41 6.09 28.23
C ALA B 429 17.57 6.30 29.49
N VAL B 430 17.08 5.20 30.05
CA VAL B 430 16.26 5.23 31.24
C VAL B 430 16.82 4.27 32.28
N THR B 431 17.04 4.80 33.48
CA THR B 431 17.50 3.99 34.59
C THR B 431 16.40 3.92 35.65
N LEU B 432 15.80 2.73 35.79
CA LEU B 432 14.70 2.51 36.72
C LEU B 432 15.15 1.94 38.07
N ARG B 433 14.95 2.72 39.13
CA ARG B 433 15.25 2.28 40.47
C ARG B 433 13.96 2.07 41.25
N LEU B 434 13.60 0.81 41.39
CA LEU B 434 12.44 0.42 42.17
C LEU B 434 12.89 0.02 43.57
N ARG B 435 12.35 0.69 44.58
CA ARG B 435 12.69 0.40 45.98
C ARG B 435 11.43 0.19 46.79
N GLY B 436 11.61 -0.27 48.03
CA GLY B 436 10.51 -0.34 48.98
C GLY B 436 9.49 -1.43 48.69
N VAL B 437 9.93 -2.48 48.00
CA VAL B 437 9.05 -3.60 47.68
C VAL B 437 8.81 -4.44 48.92
N PRO B 438 7.55 -4.55 49.34
CA PRO B 438 7.25 -5.30 50.55
C PRO B 438 7.53 -6.80 50.41
N PRO B 439 7.44 -7.54 51.53
CA PRO B 439 7.63 -8.98 51.54
C PRO B 439 6.43 -9.73 50.98
N GLY B 440 6.71 -10.91 50.43
CA GLY B 440 5.65 -11.74 49.86
C GLY B 440 6.23 -13.03 49.31
N PRO B 441 5.35 -14.01 49.04
CA PRO B 441 5.77 -15.28 48.48
C PRO B 441 6.25 -15.17 47.02
N GLY B 442 7.34 -15.88 46.71
CA GLY B 442 7.82 -16.01 45.32
C GLY B 442 7.67 -14.74 44.50
N LEU B 443 8.29 -13.67 44.94
CA LEU B 443 8.23 -12.41 44.22
C LEU B 443 8.94 -12.54 42.89
N VAL B 444 8.30 -12.02 41.85
CA VAL B 444 8.81 -12.14 40.49
C VAL B 444 8.40 -10.90 39.67
N TYR B 445 9.08 -10.66 38.56
CA TYR B 445 8.80 -9.48 37.75
C TYR B 445 8.89 -9.74 36.24
N VAL B 446 8.02 -9.07 35.50
CA VAL B 446 7.87 -9.29 34.06
C VAL B 446 7.80 -7.98 33.30
N THR B 447 8.57 -7.85 32.24
CA THR B 447 8.57 -6.63 31.47
C THR B 447 7.80 -6.83 30.19
N ARG B 448 7.00 -5.82 29.82
CA ARG B 448 6.34 -5.74 28.52
C ARG B 448 6.73 -4.44 27.85
N TYR B 449 7.00 -4.47 26.55
CA TYR B 449 7.56 -3.33 25.85
C TYR B 449 6.99 -3.19 24.45
N LEU B 450 6.62 -1.95 24.10
CA LEU B 450 6.08 -1.63 22.78
C LEU B 450 6.87 -0.51 22.10
N ASP B 451 7.19 -0.69 20.82
CA ASP B 451 7.73 0.37 19.99
C ASP B 451 7.43 0.07 18.51
N ASN B 452 7.67 1.03 17.62
CA ASN B 452 7.22 0.90 16.24
C ASN B 452 8.04 -0.09 15.44
N GLY B 453 9.19 -0.48 15.97
CA GLY B 453 10.05 -1.43 15.27
C GLY B 453 9.58 -2.85 15.46
N LEU B 454 9.14 -3.16 16.66
CA LEU B 454 8.84 -4.55 17.05
C LEU B 454 7.33 -4.84 17.14
N CYS B 455 6.54 -3.80 17.43
CA CYS B 455 5.13 -3.99 17.75
C CYS B 455 4.20 -3.03 17.01
N SER B 456 4.34 -2.98 15.69
CA SER B 456 3.47 -2.17 14.85
C SER B 456 2.94 -3.00 13.68
N PRO B 457 1.66 -3.38 13.74
CA PRO B 457 1.00 -4.06 12.65
C PRO B 457 1.02 -3.25 11.36
N ASP B 458 0.84 -1.93 11.46
CA ASP B 458 0.99 -1.07 10.28
C ASP B 458 2.37 -1.25 9.66
N GLY B 459 3.39 -1.22 10.49
CA GLY B 459 4.76 -1.40 10.00
C GLY B 459 4.96 -2.73 9.28
N GLU B 460 4.38 -3.78 9.83
CA GLU B 460 4.45 -5.08 9.23
C GLU B 460 3.65 -5.15 7.93
N TRP B 461 2.52 -4.45 7.92
CA TRP B 461 1.66 -4.35 6.74
C TRP B 461 2.46 -3.76 5.59
N ARG B 462 3.26 -2.74 5.91
CA ARG B 462 4.00 -2.01 4.89
C ARG B 462 5.25 -2.78 4.43
N ARG B 463 5.89 -3.50 5.36
CA ARG B 463 6.97 -4.40 4.98
C ARG B 463 6.44 -5.45 4.00
N LEU B 464 5.14 -5.73 4.09
CA LEU B 464 4.49 -6.73 3.25
C LEU B 464 3.98 -6.15 1.93
N GLY B 465 4.20 -4.85 1.74
CA GLY B 465 3.83 -4.19 0.49
C GLY B 465 2.42 -3.63 0.45
N ARG B 466 1.80 -3.52 1.62
CA ARG B 466 0.47 -2.93 1.75
C ARG B 466 -0.61 -3.72 1.02
N PRO B 467 -0.67 -5.03 1.25
CA PRO B 467 -1.72 -5.81 0.61
C PRO B 467 -3.11 -5.29 0.93
N VAL B 468 -3.93 -5.05 -0.10
CA VAL B 468 -5.27 -4.54 0.12
C VAL B 468 -6.21 -5.62 0.65
N PHE B 469 -6.14 -6.81 0.07
CA PHE B 469 -6.91 -7.96 0.54
C PHE B 469 -5.95 -9.01 1.06
N PRO B 470 -5.57 -8.89 2.34
CA PRO B 470 -4.55 -9.78 2.91
C PRO B 470 -4.94 -11.24 2.94
N THR B 471 -3.94 -12.11 2.82
CA THR B 471 -4.11 -13.55 2.92
C THR B 471 -3.98 -14.07 4.36
N ALA B 472 -4.26 -15.34 4.57
CA ALA B 472 -4.06 -15.96 5.88
C ALA B 472 -2.67 -15.63 6.44
N GLU B 473 -1.62 -15.96 5.69
CA GLU B 473 -0.25 -15.80 6.19
C GLU B 473 0.09 -14.34 6.41
N GLN B 474 -0.41 -13.46 5.52
CA GLN B 474 -0.21 -12.02 5.69
C GLN B 474 -0.84 -11.53 7.00
N PHE B 475 -2.06 -12.00 7.26
CA PHE B 475 -2.74 -11.67 8.50
C PHE B 475 -1.97 -12.20 9.70
N ARG B 476 -1.59 -13.47 9.69
CA ARG B 476 -0.75 -14.04 10.76
C ARG B 476 0.45 -13.15 11.07
N ARG B 477 1.20 -12.79 10.04
CA ARG B 477 2.37 -11.95 10.19
C ARG B 477 2.00 -10.62 10.83
N MET B 478 0.96 -9.98 10.32
CA MET B 478 0.55 -8.70 10.85
C MET B 478 0.19 -8.79 12.34
N ARG B 479 -0.42 -9.89 12.73
CA ARG B 479 -0.89 -10.08 14.11
C ARG B 479 0.25 -10.40 15.06
N ALA B 480 1.35 -10.89 14.52
CA ALA B 480 2.51 -11.16 15.32
C ALA B 480 3.10 -9.87 15.89
N ALA B 481 2.73 -8.72 15.34
CA ALA B 481 3.20 -7.43 15.87
C ALA B 481 2.24 -6.78 16.90
N GLU B 482 1.12 -7.44 17.20
CA GLU B 482 0.10 -6.87 18.10
C GLU B 482 0.59 -6.77 19.55
N ASP B 483 0.99 -7.92 20.10
CA ASP B 483 1.44 -8.02 21.48
C ASP B 483 2.81 -7.37 21.70
N PRO B 484 3.06 -6.90 22.95
CA PRO B 484 4.35 -6.34 23.32
C PRO B 484 5.38 -7.43 23.57
N VAL B 485 6.66 -7.05 23.52
CA VAL B 485 7.72 -7.98 23.79
C VAL B 485 7.73 -8.29 25.29
N ALA B 486 7.56 -9.56 25.62
CA ALA B 486 7.46 -10.00 27.00
C ALA B 486 8.73 -10.70 27.43
N ALA B 487 9.21 -10.40 28.62
CA ALA B 487 10.35 -11.13 29.19
C ALA B 487 9.84 -12.10 30.25
N ALA B 488 10.33 -13.34 30.18
CA ALA B 488 9.89 -14.37 31.09
C ALA B 488 10.14 -13.94 32.53
N PRO B 489 9.20 -14.28 33.43
CA PRO B 489 9.30 -13.96 34.85
C PRO B 489 10.66 -14.30 35.46
N ARG B 490 11.23 -13.33 36.17
CA ARG B 490 12.53 -13.48 36.84
C ARG B 490 12.44 -13.06 38.31
N PRO B 491 13.09 -13.81 39.22
CA PRO B 491 13.01 -13.49 40.64
C PRO B 491 13.48 -12.08 40.93
N LEU B 492 12.81 -11.40 41.83
CA LEU B 492 13.21 -10.08 42.25
C LEU B 492 14.47 -10.25 43.11
N PRO B 493 15.44 -9.33 43.00
CA PRO B 493 16.65 -9.45 43.83
C PRO B 493 16.40 -9.05 45.29
N ALA B 494 17.34 -9.40 46.17
CA ALA B 494 17.21 -9.11 47.60
C ALA B 494 17.06 -7.62 47.91
N GLY B 495 16.40 -7.31 49.01
CA GLY B 495 16.28 -5.96 49.51
C GLY B 495 15.01 -5.27 49.03
N GLY B 496 14.20 -5.98 48.27
CA GLY B 496 13.03 -5.38 47.63
C GLY B 496 13.41 -4.22 46.72
N ARG B 497 14.52 -4.38 45.99
CA ARG B 497 14.98 -3.35 45.08
C ARG B 497 15.23 -3.95 43.71
N LEU B 498 15.02 -3.15 42.66
CA LEU B 498 15.21 -3.61 41.30
C LEU B 498 15.73 -2.48 40.44
N THR B 499 16.85 -2.71 39.75
CA THR B 499 17.41 -1.71 38.87
C THR B 499 17.53 -2.23 37.44
N LEU B 500 16.75 -1.61 36.56
CA LEU B 500 16.79 -1.90 35.14
C LEU B 500 17.28 -0.65 34.41
N ARG B 501 18.04 -0.86 33.34
CA ARG B 501 18.61 0.22 32.56
C ARG B 501 18.22 0.05 31.10
N PRO B 502 16.92 0.20 30.78
CA PRO B 502 16.47 0.00 29.40
C PRO B 502 16.73 1.21 28.52
N ALA B 503 16.71 1.00 27.20
CA ALA B 503 16.81 2.07 26.24
C ALA B 503 15.47 2.10 25.54
N LEU B 504 14.73 3.19 25.75
CA LEU B 504 13.40 3.32 25.20
C LEU B 504 13.48 4.01 23.86
N ARG B 505 12.74 3.52 22.89
CA ARG B 505 12.59 4.20 21.62
C ARG B 505 11.62 5.38 21.80
N LEU B 506 11.51 6.21 20.79
CA LEU B 506 10.64 7.37 20.87
C LEU B 506 9.75 7.39 19.61
N PRO B 507 8.51 6.87 19.74
CA PRO B 507 7.81 6.53 20.98
C PRO B 507 7.95 5.08 21.43
N SER B 508 7.58 4.84 22.68
CA SER B 508 7.52 3.49 23.25
C SER B 508 6.80 3.47 24.61
N LEU B 509 6.58 2.26 25.12
CA LEU B 509 5.97 2.06 26.45
C LEU B 509 6.60 0.83 27.10
N LEU B 510 6.78 0.90 28.42
CA LEU B 510 7.37 -0.20 29.19
C LEU B 510 6.59 -0.44 30.47
N LEU B 511 6.03 -1.63 30.61
CA LEU B 511 5.34 -2.01 31.84
C LEU B 511 6.17 -2.99 32.62
N VAL B 512 6.56 -2.59 33.83
CA VAL B 512 7.27 -3.46 34.75
C VAL B 512 6.27 -3.92 35.80
N HIS B 513 6.02 -5.23 35.80
CA HIS B 513 4.99 -5.83 36.65
C HIS B 513 5.69 -6.67 37.73
N VAL B 514 5.49 -6.31 38.98
CA VAL B 514 6.08 -7.04 40.07
C VAL B 514 4.97 -7.72 40.83
N CYS B 515 5.01 -9.04 40.83
CA CYS B 515 3.95 -9.84 41.45
C CYS B 515 4.45 -10.68 42.63
N ALA B 516 3.69 -10.68 43.71
CA ALA B 516 3.87 -11.67 44.77
C ALA B 516 3.06 -12.92 44.41
N ARG B 517 3.45 -14.08 44.93
CA ARG B 517 2.78 -15.34 44.59
C ARG B 517 1.51 -15.56 45.42
N PRO B 518 0.33 -15.56 44.77
CA PRO B 518 -0.90 -15.95 45.48
C PRO B 518 -0.86 -17.41 45.96
N GLU B 519 -1.62 -17.73 47.00
CA GLU B 519 -1.60 -19.08 47.55
C GLU B 519 -2.33 -20.02 46.63
N LYS B 520 -3.30 -19.50 45.88
CA LYS B 520 -4.09 -20.32 44.97
C LYS B 520 -3.92 -19.84 43.53
N PRO B 521 -3.99 -20.79 42.57
CA PRO B 521 -3.90 -20.49 41.14
C PRO B 521 -5.07 -19.67 40.57
N PRO B 522 -4.94 -19.26 39.29
CA PRO B 522 -5.93 -18.48 38.58
C PRO B 522 -7.31 -19.08 38.57
N GLY B 523 -8.31 -18.24 38.40
CA GLY B 523 -9.68 -18.71 38.25
C GLY B 523 -10.03 -19.22 36.85
N GLN B 524 -11.32 -19.48 36.66
CA GLN B 524 -11.81 -20.10 35.45
C GLN B 524 -12.15 -19.07 34.39
N VAL B 525 -11.68 -19.32 33.17
CA VAL B 525 -12.07 -18.50 32.03
C VAL B 525 -13.53 -18.82 31.71
N THR B 526 -14.32 -17.78 31.50
CA THR B 526 -15.74 -17.93 31.24
C THR B 526 -16.10 -17.24 29.94
N ARG B 527 -17.31 -17.46 29.48
CA ARG B 527 -17.81 -16.83 28.25
C ARG B 527 -16.89 -17.00 27.04
N LEU B 528 -16.44 -18.22 26.80
CA LEU B 528 -15.64 -18.49 25.60
C LEU B 528 -16.56 -18.48 24.40
N ARG B 529 -16.18 -17.77 23.36
CA ARG B 529 -16.96 -17.76 22.12
C ARG B 529 -16.06 -17.94 20.91
N ALA B 530 -16.68 -18.36 19.82
CA ALA B 530 -15.99 -18.51 18.55
C ALA B 530 -16.75 -17.69 17.51
N LEU B 531 -16.05 -16.75 16.89
CA LEU B 531 -16.65 -15.90 15.87
C LEU B 531 -16.03 -16.19 14.51
N PRO B 532 -16.83 -16.69 13.56
CA PRO B 532 -16.34 -16.96 12.21
C PRO B 532 -15.73 -15.72 11.54
N LEU B 533 -14.61 -15.94 10.84
CA LEU B 533 -13.97 -14.88 10.06
C LEU B 533 -14.12 -15.16 8.56
N THR B 534 -13.65 -16.32 8.14
CA THR B 534 -13.76 -16.82 6.78
C THR B 534 -13.39 -18.30 6.82
N GLN B 535 -13.39 -18.96 5.67
CA GLN B 535 -13.05 -20.38 5.62
C GLN B 535 -11.63 -20.58 6.16
N GLY B 536 -11.49 -21.38 7.21
CA GLY B 536 -10.18 -21.73 7.73
C GLY B 536 -9.67 -20.83 8.82
N GLN B 537 -10.43 -19.80 9.17
CA GLN B 537 -10.03 -18.85 10.21
C GLN B 537 -11.21 -18.49 11.11
N LEU B 538 -10.90 -18.05 12.33
CA LEU B 538 -11.93 -17.63 13.26
C LEU B 538 -11.35 -16.88 14.45
N VAL B 539 -12.21 -16.13 15.13
CA VAL B 539 -11.86 -15.39 16.32
C VAL B 539 -12.26 -16.19 17.54
N LEU B 540 -11.41 -16.16 18.56
CA LEU B 540 -11.76 -16.70 19.86
C LEU B 540 -11.65 -15.58 20.89
N VAL B 541 -12.74 -15.33 21.59
CA VAL B 541 -12.78 -14.31 22.62
C VAL B 541 -13.39 -14.89 23.89
N TRP B 542 -12.96 -14.39 25.03
CA TRP B 542 -13.45 -14.88 26.32
C TRP B 542 -13.51 -13.75 27.36
N SER B 543 -13.82 -14.11 28.60
CA SER B 543 -13.89 -13.16 29.69
C SER B 543 -13.02 -13.65 30.81
N ASP B 544 -12.43 -12.71 31.54
CA ASP B 544 -11.54 -13.04 32.63
C ASP B 544 -12.10 -12.62 33.98
N GLU B 545 -13.42 -12.59 34.10
CA GLU B 545 -14.03 -11.96 35.27
C GLU B 545 -13.94 -12.82 36.51
N HIS B 546 -13.81 -14.13 36.33
CA HIS B 546 -13.61 -15.06 37.45
C HIS B 546 -12.17 -15.53 37.58
N VAL B 547 -11.29 -15.04 36.72
CA VAL B 547 -9.87 -15.41 36.80
C VAL B 547 -9.19 -14.74 38.01
N GLY B 548 -9.71 -13.59 38.43
CA GLY B 548 -9.25 -12.94 39.65
C GLY B 548 -7.92 -12.22 39.55
N SER B 549 -6.83 -12.97 39.53
CA SER B 549 -5.49 -12.40 39.61
C SER B 549 -5.02 -11.81 38.27
N LYS B 550 -4.22 -10.74 38.34
CA LYS B 550 -3.72 -10.04 37.15
C LYS B 550 -2.33 -10.49 36.76
N CYS B 551 -1.79 -11.49 37.45
CA CYS B 551 -0.42 -11.92 37.21
C CYS B 551 -0.38 -13.08 36.24
N LEU B 552 -0.83 -12.84 35.02
CA LEU B 552 -0.98 -13.88 34.01
C LEU B 552 0.07 -13.78 32.92
N TRP B 553 0.62 -14.91 32.53
CA TRP B 553 1.62 -14.98 31.47
C TRP B 553 0.93 -15.10 30.10
N THR B 554 0.01 -16.05 29.99
CA THR B 554 -0.74 -16.27 28.77
C THR B 554 -2.04 -17.03 29.02
N TYR B 555 -2.77 -17.30 27.95
CA TYR B 555 -3.94 -18.16 28.00
C TYR B 555 -3.72 -19.35 27.08
N GLU B 556 -3.72 -20.56 27.66
CA GLU B 556 -3.61 -21.78 26.87
C GLU B 556 -4.92 -22.08 26.18
N ILE B 557 -4.84 -22.20 24.85
CA ILE B 557 -5.99 -22.59 24.05
C ILE B 557 -5.79 -24.03 23.61
N GLN B 558 -6.74 -24.90 23.91
CA GLN B 558 -6.67 -26.27 23.43
C GLN B 558 -7.82 -26.51 22.45
N PHE B 559 -7.58 -27.37 21.47
CA PHE B 559 -8.50 -27.60 20.36
C PHE B 559 -8.66 -29.11 20.22
N SER B 560 -9.85 -29.56 19.89
CA SER B 560 -10.11 -30.98 19.73
C SER B 560 -10.83 -31.28 18.41
N GLN B 561 -10.06 -31.59 17.37
CA GLN B 561 -10.64 -32.02 16.11
C GLN B 561 -11.43 -33.31 16.33
N ASP B 562 -12.58 -33.42 15.66
CA ASP B 562 -13.48 -34.58 15.81
C ASP B 562 -13.84 -34.75 17.30
N GLY B 563 -13.79 -35.98 17.79
CA GLY B 563 -13.92 -36.28 19.21
C GLY B 563 -12.58 -36.71 19.79
N LYS B 564 -11.50 -36.41 19.07
CA LYS B 564 -10.14 -36.71 19.52
C LYS B 564 -9.77 -35.90 20.78
N ALA B 565 -8.57 -36.12 21.30
CA ALA B 565 -8.15 -35.45 22.53
C ALA B 565 -7.66 -34.03 22.25
N TYR B 566 -7.90 -33.15 23.22
CA TYR B 566 -7.50 -31.76 23.09
C TYR B 566 -5.99 -31.69 22.93
N THR B 567 -5.53 -30.81 22.04
CA THR B 567 -4.11 -30.54 21.90
C THR B 567 -3.88 -29.04 22.09
N PRO B 568 -2.78 -28.66 22.76
CA PRO B 568 -2.49 -27.25 22.97
C PRO B 568 -2.09 -26.53 21.68
N VAL B 569 -2.65 -25.34 21.48
CA VAL B 569 -2.35 -24.51 20.32
C VAL B 569 -1.11 -23.64 20.59
N SER B 570 0.05 -24.06 20.09
CA SER B 570 1.28 -23.32 20.30
C SER B 570 1.22 -21.94 19.67
N ARG B 571 1.48 -20.93 20.49
CA ARG B 571 1.45 -19.55 20.05
C ARG B 571 2.27 -18.69 21.01
N LYS B 572 2.64 -17.50 20.55
CA LYS B 572 3.31 -16.50 21.39
C LYS B 572 2.41 -16.11 22.59
N PRO B 573 3.02 -15.88 23.77
CA PRO B 573 2.24 -15.54 24.97
C PRO B 573 1.49 -14.22 24.81
N SER B 574 0.24 -14.19 25.28
CA SER B 574 -0.61 -13.01 25.20
C SER B 574 -1.62 -12.95 26.34
N THR B 575 -1.71 -11.79 26.97
CA THR B 575 -2.66 -11.57 28.06
C THR B 575 -3.98 -10.99 27.55
N PHE B 576 -4.01 -10.67 26.26
CA PHE B 576 -5.20 -10.12 25.65
C PHE B 576 -6.21 -11.26 25.55
N ASN B 577 -7.48 -10.94 25.76
CA ASN B 577 -8.52 -11.95 25.83
C ASN B 577 -9.14 -12.24 24.48
N LEU B 578 -8.31 -12.30 23.45
CA LEU B 578 -8.77 -12.59 22.11
C LEU B 578 -7.62 -13.12 21.26
N PHE B 579 -7.90 -14.22 20.56
CA PHE B 579 -6.94 -14.82 19.65
C PHE B 579 -7.61 -15.26 18.34
N VAL B 580 -6.98 -14.92 17.22
CA VAL B 580 -7.45 -15.41 15.92
C VAL B 580 -6.77 -16.74 15.66
N PHE B 581 -7.56 -17.78 15.40
CA PHE B 581 -7.00 -19.11 15.16
C PHE B 581 -6.96 -19.41 13.67
N SER B 582 -5.76 -19.31 13.09
CA SER B 582 -5.54 -19.57 11.66
C SER B 582 -4.44 -20.62 11.49
N PRO B 583 -4.81 -21.91 11.54
CA PRO B 583 -3.83 -22.99 11.42
C PRO B 583 -3.50 -23.28 9.96
N ASP B 584 -2.31 -23.83 9.71
CA ASP B 584 -1.85 -24.14 8.35
C ASP B 584 -2.80 -25.09 7.62
N THR B 585 -3.28 -26.12 8.30
CA THR B 585 -4.14 -27.12 7.69
C THR B 585 -5.55 -26.59 7.39
N GLY B 586 -5.97 -25.53 8.08
CA GLY B 586 -7.29 -24.95 7.83
C GLY B 586 -8.42 -25.69 8.53
N ALA B 587 -8.07 -26.74 9.29
CA ALA B 587 -9.04 -27.47 10.09
C ALA B 587 -9.35 -26.72 11.41
N VAL B 588 -10.58 -26.24 11.53
CA VAL B 588 -11.03 -25.50 12.70
C VAL B 588 -12.34 -26.06 13.27
N SER B 589 -12.82 -27.16 12.70
CA SER B 589 -14.03 -27.80 13.21
C SER B 589 -13.69 -28.75 14.36
N GLY B 590 -14.45 -28.64 15.44
CA GLY B 590 -14.15 -29.36 16.68
C GLY B 590 -14.62 -28.56 17.88
N SER B 591 -13.89 -28.64 18.98
CA SER B 591 -14.23 -27.86 20.17
C SER B 591 -12.98 -27.23 20.81
N TYR B 592 -13.20 -26.09 21.48
CA TYR B 592 -12.13 -25.27 22.03
C TYR B 592 -12.36 -25.04 23.52
N ARG B 593 -11.29 -25.05 24.29
CA ARG B 593 -11.36 -24.65 25.70
C ARG B 593 -10.13 -23.84 26.07
N VAL B 594 -10.30 -22.94 27.03
CA VAL B 594 -9.26 -21.98 27.39
C VAL B 594 -9.06 -21.91 28.91
N ARG B 595 -7.81 -21.73 29.32
CA ARG B 595 -7.50 -21.55 30.73
C ARG B 595 -6.37 -20.54 30.91
N ALA B 596 -6.33 -19.91 32.08
CA ALA B 596 -5.29 -18.94 32.37
C ALA B 596 -3.99 -19.64 32.76
N LEU B 597 -2.88 -18.92 32.63
CA LEU B 597 -1.57 -19.41 33.06
C LEU B 597 -0.83 -18.26 33.75
N ASP B 598 -0.49 -18.44 35.02
CA ASP B 598 0.17 -17.36 35.78
C ASP B 598 1.70 -17.39 35.68
N TYR B 599 2.35 -16.44 36.34
CA TYR B 599 3.81 -16.32 36.30
C TYR B 599 4.58 -17.45 36.96
N TRP B 600 3.89 -18.38 37.60
CA TRP B 600 4.57 -19.48 38.28
C TRP B 600 4.27 -20.83 37.65
N ALA B 601 3.75 -20.79 36.43
CA ALA B 601 3.45 -21.98 35.63
C ALA B 601 2.21 -22.72 36.11
N ARG B 602 1.39 -22.04 36.91
CA ARG B 602 0.19 -22.67 37.45
C ARG B 602 -1.00 -22.43 36.53
N PRO B 603 -1.59 -23.51 36.02
CA PRO B 603 -2.81 -23.33 35.24
C PRO B 603 -4.04 -23.09 36.13
N GLY B 604 -4.99 -22.36 35.60
CA GLY B 604 -6.31 -22.32 36.21
C GLY B 604 -7.17 -23.43 35.64
N PRO B 605 -8.42 -23.53 36.10
CA PRO B 605 -9.31 -24.53 35.48
C PRO B 605 -9.69 -24.17 34.03
N PHE B 606 -9.99 -25.20 33.23
CA PHE B 606 -10.42 -25.01 31.85
C PHE B 606 -11.87 -24.49 31.73
N SER B 607 -12.06 -23.55 30.82
CA SER B 607 -13.40 -23.04 30.50
C SER B 607 -14.28 -24.18 29.98
N ASP B 608 -15.58 -23.96 30.00
CA ASP B 608 -16.47 -24.91 29.33
C ASP B 608 -16.08 -24.93 27.86
N PRO B 609 -16.11 -26.11 27.23
CA PRO B 609 -15.73 -26.21 25.82
C PRO B 609 -16.73 -25.47 24.93
N VAL B 610 -16.28 -25.04 23.76
CA VAL B 610 -17.17 -24.39 22.81
C VAL B 610 -17.06 -25.06 21.46
N PRO B 611 -18.19 -25.57 20.93
CA PRO B 611 -18.16 -26.24 19.63
C PRO B 611 -18.02 -25.24 18.49
N TYR B 612 -17.37 -25.66 17.42
CA TYR B 612 -17.32 -24.90 16.19
C TYR B 612 -17.37 -25.87 15.05
N LEU B 613 -18.35 -25.69 14.18
CA LEU B 613 -18.45 -26.47 12.95
C LEU B 613 -18.55 -25.51 11.78
N GLU B 614 -17.53 -25.49 10.93
CA GLU B 614 -17.51 -24.58 9.78
C GLU B 614 -18.58 -24.97 8.76
N VAL B 615 -19.06 -23.98 8.01
CA VAL B 615 -20.22 -24.17 7.12
C VAL B 615 -19.89 -24.13 5.61
N PRO B 616 -19.42 -25.25 5.05
CA PRO B 616 -19.21 -25.30 3.61
C PRO B 616 -20.47 -24.99 2.81
C1 NAG C . -0.57 -8.79 -2.95
C2 NAG C . -1.63 -7.71 -2.79
C3 NAG C . -1.13 -6.42 -3.40
C4 NAG C . 0.26 -6.05 -2.90
C5 NAG C . 1.23 -7.23 -2.88
C6 NAG C . 2.42 -6.83 -2.00
C7 NAG C . -4.05 -8.00 -3.07
C8 NAG C . -5.16 -8.40 -4.00
N2 NAG C . -2.81 -8.06 -3.54
O3 NAG C . -2.10 -5.47 -3.04
O4 NAG C . 0.84 -5.07 -3.73
O5 NAG C . 0.65 -8.39 -2.35
O6 NAG C . 3.58 -7.53 -2.36
O7 NAG C . -4.34 -7.64 -1.92
C1 NAG C . 0.41 -3.75 -3.37
C2 NAG C . 1.49 -2.76 -3.77
C3 NAG C . 1.04 -1.31 -3.48
C4 NAG C . -0.34 -1.09 -4.07
C5 NAG C . -1.29 -2.17 -3.62
C6 NAG C . -2.64 -1.87 -4.22
C7 NAG C . 3.82 -3.49 -3.84
C8 NAG C . 5.06 -3.82 -3.08
N2 NAG C . 2.75 -3.10 -3.14
O3 NAG C . 1.89 -0.39 -4.12
O4 NAG C . -0.86 0.13 -3.62
O5 NAG C . -0.80 -3.42 -4.03
O6 NAG C . -3.44 -3.02 -4.17
O7 NAG C . 3.83 -3.59 -5.07
C1 BMA C . -0.74 1.13 -4.62
C2 BMA C . -1.56 2.33 -4.17
C3 BMA C . -1.46 3.47 -5.17
C4 BMA C . -0.04 3.72 -5.67
C5 BMA C . 0.72 2.42 -5.92
C6 BMA C . 2.20 2.72 -6.17
O2 BMA C . -1.12 2.79 -2.88
O3 BMA C . -1.89 4.63 -4.46
O4 BMA C . -0.09 4.44 -6.89
O5 BMA C . 0.60 1.53 -4.80
O6 BMA C . 2.75 3.30 -4.99
C1 MAN C . 4.11 3.71 -5.18
C2 MAN C . 4.60 4.28 -3.87
C3 MAN C . 3.86 5.57 -3.58
C4 MAN C . 3.86 6.53 -4.76
C5 MAN C . 3.44 5.80 -6.02
C6 MAN C . 3.58 6.66 -7.28
O2 MAN C . 5.97 4.53 -3.94
O3 MAN C . 4.49 6.21 -2.51
O4 MAN C . 2.95 7.55 -4.44
O5 MAN C . 4.29 4.71 -6.15
O6 MAN C . 4.94 7.06 -7.49
C1 MAN C . 3.73 6.02 -1.31
C2 MAN C . 3.83 7.30 -0.50
C3 MAN C . 5.29 7.52 -0.16
C4 MAN C . 5.82 6.30 0.61
C5 MAN C . 5.56 5.04 -0.21
C6 MAN C . 5.92 3.75 0.50
O2 MAN C . 3.12 7.11 0.70
O3 MAN C . 5.38 8.70 0.60
O4 MAN C . 7.20 6.47 0.83
O5 MAN C . 4.18 4.94 -0.54
O6 MAN C . 5.69 2.72 -0.44
C1 MAN C . 1.89 7.85 0.78
C2 MAN C . 1.50 7.87 2.26
C3 MAN C . 1.24 6.44 2.73
C4 MAN C . 0.20 5.76 1.84
C5 MAN C . 0.57 5.92 0.35
C6 MAN C . -0.52 5.44 -0.60
O2 MAN C . 0.36 8.68 2.46
O3 MAN C . 0.85 6.47 4.07
O4 MAN C . 0.05 4.40 2.20
O5 MAN C . 0.83 7.28 0.04
O6 MAN C . 0.02 4.88 -1.79
C1 MAN C . 5.02 7.88 -8.66
C2 MAN C . 6.40 7.66 -9.29
C3 MAN C . 7.49 8.15 -8.37
C4 MAN C . 7.22 9.61 -8.03
C5 MAN C . 5.79 9.83 -7.52
C6 MAN C . 5.56 11.34 -7.36
O2 MAN C . 6.58 8.40 -10.49
O3 MAN C . 8.72 8.08 -9.07
O4 MAN C . 8.12 10.02 -7.04
O5 MAN C . 4.81 9.26 -8.37
O6 MAN C . 4.43 11.74 -8.08
C1 MAN C . 6.20 7.68 -11.67
C2 MAN C . 6.71 8.50 -12.85
C3 MAN C . 5.90 9.79 -12.94
C4 MAN C . 4.44 9.43 -13.09
C5 MAN C . 4.01 8.64 -11.87
C6 MAN C . 2.54 8.21 -11.96
O2 MAN C . 6.60 7.72 -14.03
O3 MAN C . 6.31 10.59 -14.03
O4 MAN C . 3.69 10.61 -13.23
O5 MAN C . 4.81 7.48 -11.75
O6 MAN C . 1.81 8.67 -10.84
C1 MAN C . -3.10 5.17 -5.02
C2 MAN C . -3.28 6.53 -4.33
C3 MAN C . -3.56 6.31 -2.85
C4 MAN C . -4.60 5.23 -2.58
C5 MAN C . -4.47 4.01 -3.48
C6 MAN C . -5.74 3.15 -3.41
O2 MAN C . -4.25 7.39 -4.93
O3 MAN C . -4.01 7.52 -2.29
O4 MAN C . -4.40 4.82 -1.24
O5 MAN C . -4.22 4.35 -4.84
O6 MAN C . -5.44 1.80 -3.10
C1 MAN C . -5.32 6.74 -5.63
C2 MAN C . -4.99 6.61 -7.11
C3 MAN C . -4.98 7.97 -7.82
C4 MAN C . -6.19 8.82 -7.45
C5 MAN C . -6.46 8.80 -5.95
C6 MAN C . -7.79 9.49 -5.64
O2 MAN C . -5.88 5.68 -7.72
O3 MAN C . -4.93 7.79 -9.21
O4 MAN C . -5.97 10.16 -7.86
O5 MAN C . -6.53 7.46 -5.48
O6 MAN C . -8.84 8.59 -5.90
C1 NAG D . -2.87 13.63 -40.87
C2 NAG D . -2.24 15.01 -41.05
C3 NAG D . -3.04 16.07 -40.32
C4 NAG D . -4.53 15.96 -40.66
C5 NAG D . -5.00 14.52 -40.47
C6 NAG D . -6.44 14.30 -40.90
C7 NAG D . 0.19 14.90 -41.34
C8 NAG D . 1.54 14.88 -40.69
N2 NAG D . -0.87 14.98 -40.54
O3 NAG D . -2.58 17.35 -40.68
O4 NAG D . -5.26 16.91 -39.90
O5 NAG D . -4.21 13.68 -41.28
O6 NAG D . -6.97 13.19 -40.21
O7 NAG D . 0.11 14.86 -42.56
C1 NAG D . -6.02 17.74 -40.84
C2 NAG D . -7.17 18.48 -40.13
C3 NAG D . -6.88 19.90 -39.67
C4 NAG D . -6.09 20.71 -40.70
C5 NAG D . -4.92 19.92 -41.33
C6 NAG D . -3.67 19.93 -40.45
C7 NAG D . -9.27 17.63 -41.08
C8 NAG D . -10.32 17.82 -42.13
N2 NAG D . -8.27 18.52 -41.08
O3 NAG D . -6.23 19.89 -38.42
O4 NAG D . -6.94 21.18 -41.72
O5 NAG D . -5.23 18.58 -41.69
O6 NAG D . -2.96 21.12 -40.64
O7 NAG D . -9.35 16.70 -40.26
C1 NAG E . -14.46 -3.94 -0.68
C2 NAG E . -14.02 -2.57 -1.18
C3 NAG E . -14.59 -1.43 -0.31
C4 NAG E . -16.06 -1.64 0.02
C5 NAG E . -16.26 -3.08 0.45
C6 NAG E . -17.71 -3.38 0.81
C7 NAG E . -11.89 -2.04 -2.23
C8 NAG E . -10.40 -2.06 -2.13
N2 NAG E . -12.57 -2.54 -1.20
O3 NAG E . -14.38 -0.19 -0.93
O4 NAG E . -16.46 -0.87 1.11
O5 NAG E . -15.86 -3.92 -0.59
O6 NAG E . -18.44 -3.13 -0.36
O7 NAG E . -12.42 -1.57 -3.24
C1 NAG E . -16.64 0.52 0.78
C2 NAG E . -17.64 1.15 1.74
C3 NAG E . -17.84 2.62 1.41
C4 NAG E . -16.50 3.35 1.26
C5 NAG E . -15.56 2.54 0.38
C6 NAG E . -14.19 3.21 0.34
C7 NAG E . -19.30 -0.43 2.63
C8 NAG E . -20.65 -1.05 2.44
N2 NAG E . -18.91 0.46 1.72
O3 NAG E . -18.62 3.23 2.43
O4 NAG E . -16.72 4.58 0.62
O5 NAG E . -15.43 1.23 0.88
O6 NAG E . -13.80 3.41 1.67
O7 NAG E . -18.62 -0.74 3.61
C1 BMA E . -16.28 5.70 1.42
C2 BMA E . -16.20 6.91 0.51
C3 BMA E . -15.67 8.11 1.27
C4 BMA E . -16.43 8.31 2.58
C5 BMA E . -16.60 7.01 3.36
C6 BMA E . -17.53 7.20 4.56
O2 BMA E . -17.49 7.18 -0.05
O3 BMA E . -15.83 9.28 0.45
O4 BMA E . -15.75 9.27 3.39
O5 BMA E . -17.14 6.00 2.52
O6 BMA E . -18.63 7.98 4.12
C1 MAN E . -19.64 8.13 5.13
C2 MAN E . -20.98 8.36 4.43
C3 MAN E . -21.02 9.72 3.73
C4 MAN E . -20.37 10.84 4.54
C5 MAN E . -19.11 10.40 5.26
C6 MAN E . -18.72 11.46 6.29
O2 MAN E . -22.01 8.25 5.37
O3 MAN E . -22.36 10.10 3.44
O4 MAN E . -20.02 11.90 3.66
O5 MAN E . -19.39 9.22 5.96
O6 MAN E . -19.65 11.37 7.34
C1 MAN E . -19.27 12.12 8.51
C2 MAN E . -20.02 11.54 9.71
C3 MAN E . -21.52 11.76 9.52
C4 MAN E . -21.78 13.27 9.31
C5 MAN E . -20.89 13.83 8.18
C6 MAN E . -21.03 15.33 8.00
O2 MAN E . -19.68 12.23 10.88
O3 MAN E . -22.21 11.24 10.65
O4 MAN E . -23.14 13.52 9.06
O5 MAN E . -19.53 13.51 8.39
O6 MAN E . -20.49 15.71 6.75
C1 MAN E . -18.69 11.56 11.67
C2 MAN E . -18.83 12.14 13.06
C3 MAN E . -18.47 13.63 13.05
C4 MAN E . -17.13 13.89 12.37
C5 MAN E . -17.06 13.17 11.03
C6 MAN E . -15.68 13.30 10.38
O2 MAN E . -18.03 11.39 13.97
O3 MAN E . -18.49 14.15 14.37
O4 MAN E . -16.93 15.28 12.19
O5 MAN E . -17.38 11.80 11.19
O6 MAN E . -15.84 13.39 8.98
C1 MAN E . -22.53 10.42 2.04
C2 MAN E . -23.94 10.96 1.81
C3 MAN E . -24.96 9.85 2.05
C4 MAN E . -24.59 8.55 1.33
C5 MAN E . -23.13 8.19 1.53
C6 MAN E . -22.72 7.01 0.65
O2 MAN E . -24.07 11.52 0.51
O3 MAN E . -26.25 10.26 1.66
O4 MAN E . -25.39 7.51 1.84
O5 MAN E . -22.33 9.30 1.19
O6 MAN E . -23.45 5.87 1.04
C1 MAN E . -14.68 9.48 -0.42
C2 MAN E . -14.25 10.94 -0.29
C3 MAN E . -15.26 11.91 -0.92
C4 MAN E . -15.60 11.47 -2.35
C5 MAN E . -15.96 9.99 -2.35
C6 MAN E . -16.22 9.49 -3.76
O2 MAN E . -13.04 11.06 -0.98
O3 MAN E . -14.76 13.24 -0.89
O4 MAN E . -16.71 12.19 -2.85
O5 MAN E . -14.92 9.21 -1.79
O6 MAN E . -17.39 8.69 -3.71
C1 MAN E . -12.11 11.82 -0.19
C2 MAN E . -11.48 12.84 -1.13
C3 MAN E . -10.60 12.14 -2.17
C4 MAN E . -9.79 10.96 -1.63
C5 MAN E . -10.56 10.11 -0.60
C6 MAN E . -9.66 9.09 0.09
O2 MAN E . -10.80 13.82 -0.39
O3 MAN E . -9.75 13.09 -2.77
O4 MAN E . -9.35 10.13 -2.69
O5 MAN E . -11.14 10.95 0.36
O6 MAN E . -10.39 8.36 1.04
C1 NAG F . -34.82 15.16 6.92
C2 NAG F . -34.19 13.79 6.61
C3 NAG F . -34.13 13.54 5.11
C4 NAG F . -35.53 13.70 4.52
C5 NAG F . -36.07 15.10 4.83
C6 NAG F . -37.50 15.28 4.26
C7 NAG F . -32.53 12.92 8.25
C8 NAG F . -31.09 12.93 8.69
N2 NAG F . -32.84 13.69 7.19
O3 NAG F . -33.67 12.23 4.85
O4 NAG F . -35.47 13.48 3.13
O5 NAG F . -36.04 15.36 6.23
O6 NAG F . -38.60 15.01 5.12
O7 NAG F . -33.34 12.23 8.86
C1 FUC F . -38.43 13.83 5.93
C2 FUC F . -39.61 13.72 6.91
C3 FUC F . -40.77 12.87 6.40
C4 FUC F . -40.28 11.56 5.85
C5 FUC F . -39.23 11.80 4.76
C6 FUC F . -38.65 10.48 4.25
O2 FUC F . -40.06 15.02 7.23
O3 FUC F . -41.63 12.61 7.48
O4 FUC F . -39.74 10.76 6.89
O5 FUC F . -38.17 12.61 5.22
C1 NAG G . 3.89 22.34 29.75
C2 NAG G . 3.37 23.44 30.68
C3 NAG G . 3.40 24.81 29.98
C4 NAG G . 4.71 25.11 29.27
C5 NAG G . 5.35 23.87 28.61
C6 NAG G . 6.86 23.95 28.48
C7 NAG G . 1.77 22.86 32.44
C8 NAG G . 0.35 22.54 32.83
N2 NAG G . 2.04 23.12 31.16
O3 NAG G . 3.17 25.82 30.93
O4 NAG G . 4.40 26.14 28.33
O5 NAG G . 5.19 22.70 29.38
O6 NAG G . 7.22 23.35 27.25
O7 NAG G . 2.63 22.87 33.31
C1 NAG G . 5.56 26.78 27.73
C2 NAG G . 5.11 27.44 26.43
C3 NAG G . 5.54 28.91 26.37
C4 NAG G . 5.10 29.62 27.64
C5 NAG G . 5.64 28.92 28.90
C6 NAG G . 4.56 28.74 29.98
C7 NAG G . 4.88 25.80 24.64
C8 NAG G . 5.51 25.06 23.50
N2 NAG G . 5.62 26.69 25.30
O3 NAG G . 4.95 29.54 25.26
O4 NAG G . 5.56 30.96 27.59
O5 NAG G . 6.26 27.67 28.58
O6 NAG G . 3.32 28.36 29.44
O7 NAG G . 3.71 25.57 24.93
C1 NAG H . 27.51 -1.43 0.12
C2 NAG H . 28.52 -2.12 1.04
C3 NAG H . 28.14 -3.57 1.24
C4 NAG H . 26.70 -3.67 1.75
C5 NAG H . 25.75 -2.90 0.81
C6 NAG H . 24.28 -2.89 1.27
C7 NAG H . 30.96 -1.99 1.17
C8 NAG H . 32.24 -1.94 0.42
N2 NAG H . 29.84 -2.06 0.45
O3 NAG H . 28.99 -4.19 2.18
O4 NAG H . 26.38 -5.03 1.85
O5 NAG H . 26.19 -1.56 0.65
O6 NAG H . 24.11 -2.09 2.42
O7 NAG H . 30.97 -1.99 2.40
C1 IDR I . 7.12 11.36 -17.91
C2 IDR I . 7.98 10.53 -16.91
C3 IDR I . 7.89 9.01 -17.12
C4 IDR I . 6.44 8.53 -17.35
C5 IDR I . 5.49 9.70 -17.41
C6 IDR I . 4.12 9.23 -17.82
O1 IDR I . 6.70 12.58 -17.27
O2 IDR I . 9.37 10.93 -17.03
O3 IDR I . 8.45 8.33 -15.98
O4 IDR I . 6.37 7.80 -18.58
O5 IDR I . 5.96 10.64 -18.36
O6A IDR I . 3.72 9.48 -18.97
O6B IDR I . 3.45 8.58 -16.99
P PO4 J . 3.62 19.14 -20.61
O1 PO4 J . 3.80 18.96 -19.13
O2 PO4 J . 4.87 19.74 -21.21
O3 PO4 J . 3.31 17.82 -21.26
O4 PO4 J . 2.45 20.09 -20.86
CL CL K . 0.50 5.47 -23.51
C1 NAG L . -40.13 -4.49 15.05
C2 NAG L . -41.35 -5.40 14.81
C3 NAG L . -40.93 -6.78 14.31
C4 NAG L . -40.05 -6.63 13.07
C5 NAG L . -38.86 -5.69 13.35
C6 NAG L . -38.06 -5.45 12.07
C7 NAG L . -43.59 -5.24 15.87
C8 NAG L . -44.40 -5.35 17.13
N2 NAG L . -42.26 -5.47 15.96
O3 NAG L . -42.08 -7.54 13.99
O4 NAG L . -39.60 -7.89 12.62
O5 NAG L . -39.33 -4.45 13.87
O6 NAG L . -37.28 -4.29 12.17
O7 NAG L . -44.17 -4.94 14.82
C1 IDR M . -17.11 15.26 17.56
C2 IDR M . -17.99 13.99 17.44
C3 IDR M . -17.21 12.70 17.68
C4 IDR M . -15.98 12.61 16.79
C5 IDR M . -15.67 13.97 16.17
C6 IDR M . -14.30 13.98 15.57
O1 IDR M . -17.64 16.30 16.73
O2 IDR M . -19.06 14.09 18.39
O3 IDR M . -18.06 11.56 17.43
O4 IDR M . -14.86 12.18 17.58
O5 IDR M . -15.75 14.97 17.17
O6A IDR M . -14.19 13.73 14.34
O6B IDR M . -13.33 14.28 16.28
O1 TLA N . -37.96 29.38 34.89
O11 TLA N . -36.10 28.77 33.86
C1 TLA N . -36.98 29.62 34.14
C2 TLA N . -36.87 30.98 33.55
O2 TLA N . -35.74 30.94 32.67
C3 TLA N . -36.71 32.07 34.63
O3 TLA N . -35.74 31.65 35.60
C4 TLA N . -36.35 33.40 34.00
O4 TLA N . -37.26 34.08 33.48
O41 TLA N . -35.16 33.81 34.00
P PO3 O . 3.94 11.31 42.01
O1 PO3 O . 2.36 11.10 42.55
O2 PO3 O . 5.14 11.75 43.11
O3 PO3 O . 4.33 11.08 40.39
P PO4 P . -16.03 -1.96 37.01
O1 PO4 P . -16.00 -2.26 35.53
O2 PO4 P . -17.34 -2.42 37.63
O3 PO4 P . -14.86 -2.66 37.68
O4 PO4 P . -15.90 -0.47 37.25
CL CL Q . -6.59 11.77 17.53
#